data_5KNW
#
_entry.id   5KNW
#
_entity_poly.entity_id   1
_entity_poly.type   'polypeptide(L)'
_entity_poly.pdbx_seq_one_letter_code
;MHHHHHHSNATGPQFVSGVIVKIISTEPLPGRKQVRDTLAAISEVLYVDLLEGDTECHARFKTPEDAQAVINAYTEINKK
HCWKLEILSGDHEQRYWQKILVDRQAKLNQPREKKRGTEKLITKA
;
_entity_poly.pdbx_strand_id   A
#
# COMPACT_ATOMS: atom_id res chain seq x y z
N MET A 1 1.06 -6.14 33.56
CA MET A 1 1.54 -6.27 32.16
C MET A 1 2.53 -7.42 32.02
N HIS A 2 2.01 -8.64 31.93
CA HIS A 2 2.84 -9.82 31.79
C HIS A 2 3.91 -9.63 30.72
N HIS A 3 5.11 -10.13 30.99
CA HIS A 3 6.21 -10.01 30.04
C HIS A 3 6.01 -10.94 28.86
N HIS A 4 5.97 -10.37 27.66
CA HIS A 4 5.78 -11.16 26.44
C HIS A 4 6.73 -12.35 26.42
N HIS A 5 8.03 -12.06 26.41
CA HIS A 5 9.04 -13.11 26.39
C HIS A 5 10.42 -12.55 26.71
N HIS A 6 11.25 -13.37 27.35
CA HIS A 6 12.60 -12.95 27.72
C HIS A 6 13.37 -12.43 26.52
N HIS A 7 14.70 -12.40 26.64
CA HIS A 7 15.55 -11.92 25.55
C HIS A 7 15.65 -12.96 24.44
N SER A 8 14.98 -12.70 23.33
CA SER A 8 14.99 -13.62 22.19
C SER A 8 14.67 -12.88 20.90
N ASN A 9 15.42 -11.81 20.63
CA ASN A 9 15.21 -11.02 19.43
C ASN A 9 13.72 -10.88 19.12
N ALA A 10 13.06 -9.95 19.80
CA ALA A 10 11.64 -9.72 19.61
C ALA A 10 11.40 -8.42 18.85
N THR A 11 10.14 -8.03 18.74
CA THR A 11 9.77 -6.80 18.03
C THR A 11 9.14 -5.80 18.98
N GLY A 12 8.38 -4.86 18.43
CA GLY A 12 7.71 -3.86 19.24
C GLY A 12 6.21 -3.96 19.16
N PRO A 13 5.54 -2.92 18.64
CA PRO A 13 4.09 -2.90 18.51
C PRO A 13 3.58 -3.81 17.40
N GLN A 14 2.54 -4.58 17.69
CA GLN A 14 1.97 -5.49 16.71
C GLN A 14 0.90 -4.79 15.88
N PHE A 15 1.31 -3.76 15.14
CA PHE A 15 0.39 -3.00 14.31
C PHE A 15 0.17 -3.70 12.97
N VAL A 16 -0.99 -4.34 12.82
CA VAL A 16 -1.31 -5.04 11.58
C VAL A 16 -0.80 -4.27 10.37
N SER A 17 0.36 -4.69 9.86
CA SER A 17 0.98 -4.03 8.71
C SER A 17 0.24 -4.29 7.39
N GLY A 18 -1.02 -4.73 7.47
CA GLY A 18 -1.79 -4.99 6.27
C GLY A 18 -0.94 -5.44 5.08
N VAL A 19 0.14 -6.15 5.38
CA VAL A 19 1.04 -6.63 4.33
C VAL A 19 1.22 -5.62 3.21
N ILE A 20 2.34 -4.90 3.23
CA ILE A 20 2.62 -3.90 2.20
C ILE A 20 3.20 -4.57 0.96
N VAL A 21 2.59 -4.32 -0.19
CA VAL A 21 3.06 -4.88 -1.45
C VAL A 21 3.60 -3.79 -2.37
N LYS A 22 4.91 -3.73 -2.54
CA LYS A 22 5.52 -2.71 -3.40
C LYS A 22 5.51 -3.14 -4.86
N ILE A 23 4.82 -2.36 -5.68
CA ILE A 23 4.74 -2.62 -7.11
C ILE A 23 5.45 -1.54 -7.91
N ILE A 24 6.40 -1.95 -8.75
CA ILE A 24 7.14 -1.01 -9.58
C ILE A 24 7.19 -1.49 -11.02
N SER A 25 6.94 -0.57 -11.95
CA SER A 25 6.96 -0.91 -13.36
C SER A 25 7.93 0.00 -14.11
N THR A 26 7.80 0.02 -15.43
CA THR A 26 8.68 0.84 -16.25
C THR A 26 7.87 1.75 -17.19
N GLU A 27 6.55 1.58 -17.19
CA GLU A 27 5.68 2.39 -18.03
C GLU A 27 4.28 1.79 -18.11
N PRO A 28 4.19 0.51 -18.46
CA PRO A 28 2.91 -0.19 -18.57
C PRO A 28 1.91 0.22 -17.49
N LEU A 29 2.43 0.53 -16.30
CA LEU A 29 1.58 0.94 -15.20
C LEU A 29 0.42 1.80 -15.69
N PRO A 30 -0.75 1.17 -15.90
CA PRO A 30 -1.95 1.86 -16.39
C PRO A 30 -2.51 2.87 -15.39
N GLY A 31 -2.50 2.51 -14.11
CA GLY A 31 -3.02 3.40 -13.08
C GLY A 31 -3.52 2.64 -11.87
N ARG A 32 -4.01 3.36 -10.87
CA ARG A 32 -4.52 2.74 -9.66
C ARG A 32 -5.72 1.84 -9.99
N LYS A 33 -6.59 2.33 -10.87
CA LYS A 33 -7.77 1.58 -11.26
C LYS A 33 -7.40 0.27 -11.93
N GLN A 34 -6.40 0.33 -12.82
CA GLN A 34 -5.95 -0.86 -13.53
C GLN A 34 -5.05 -1.72 -12.65
N VAL A 35 -4.12 -1.09 -11.93
CA VAL A 35 -3.23 -1.83 -11.06
C VAL A 35 -4.02 -2.53 -9.97
N ARG A 36 -4.98 -1.82 -9.40
CA ARG A 36 -5.84 -2.37 -8.35
C ARG A 36 -6.66 -3.52 -8.91
N ASP A 37 -7.22 -3.33 -10.10
CA ASP A 37 -8.01 -4.36 -10.75
C ASP A 37 -7.15 -5.59 -11.01
N THR A 38 -5.90 -5.35 -11.38
CA THR A 38 -4.95 -6.43 -11.64
C THR A 38 -4.73 -7.25 -10.38
N LEU A 39 -3.85 -6.76 -9.52
CA LEU A 39 -3.54 -7.46 -8.28
C LEU A 39 -4.80 -8.02 -7.63
N ALA A 40 -5.88 -7.25 -7.66
CA ALA A 40 -7.14 -7.68 -7.07
C ALA A 40 -7.75 -8.82 -7.87
N ALA A 41 -7.43 -8.88 -9.16
CA ALA A 41 -7.95 -9.92 -10.04
C ALA A 41 -7.27 -11.25 -9.75
N ILE A 42 -6.02 -11.19 -9.30
CA ILE A 42 -5.27 -12.40 -8.97
C ILE A 42 -5.62 -12.88 -7.57
N SER A 43 -5.94 -11.94 -6.70
CA SER A 43 -6.30 -12.26 -5.32
C SER A 43 -6.90 -11.03 -4.63
N GLU A 44 -8.14 -11.17 -4.17
CA GLU A 44 -8.83 -10.08 -3.50
C GLU A 44 -7.90 -9.36 -2.53
N VAL A 45 -7.81 -8.03 -2.67
CA VAL A 45 -6.96 -7.23 -1.80
C VAL A 45 -7.79 -6.28 -0.94
N LEU A 46 -7.16 -5.74 0.09
CA LEU A 46 -7.84 -4.81 0.99
C LEU A 46 -7.86 -3.40 0.39
N TYR A 47 -6.69 -2.78 0.31
CA TYR A 47 -6.59 -1.43 -0.24
C TYR A 47 -5.29 -1.25 -1.00
N VAL A 48 -5.35 -0.52 -2.11
CA VAL A 48 -4.17 -0.27 -2.93
C VAL A 48 -3.76 1.19 -2.89
N ASP A 49 -2.57 1.47 -2.37
CA ASP A 49 -2.07 2.84 -2.28
C ASP A 49 -1.07 3.14 -3.39
N LEU A 50 -1.57 3.61 -4.53
CA LEU A 50 -0.71 3.93 -5.67
C LEU A 50 -0.33 5.41 -5.64
N LEU A 51 0.96 5.68 -5.79
CA LEU A 51 1.44 7.06 -5.79
C LEU A 51 0.92 7.82 -7.00
N GLU A 52 -0.30 8.36 -6.88
CA GLU A 52 -0.92 9.10 -7.96
C GLU A 52 0.12 9.90 -8.75
N GLY A 53 0.10 9.72 -10.07
CA GLY A 53 1.04 10.43 -10.92
C GLY A 53 2.43 9.84 -10.85
N ASP A 54 2.55 8.66 -10.25
CA ASP A 54 3.85 8.00 -10.12
C ASP A 54 3.80 6.56 -10.64
N THR A 55 4.97 5.96 -10.79
CA THR A 55 5.08 4.60 -11.29
C THR A 55 5.31 3.60 -10.15
N GLU A 56 5.12 4.06 -8.92
CA GLU A 56 5.31 3.21 -7.75
C GLU A 56 4.06 3.16 -6.88
N CYS A 57 3.46 1.98 -6.79
CA CYS A 57 2.26 1.78 -5.99
C CYS A 57 2.48 0.71 -4.93
N HIS A 58 1.91 0.89 -3.75
CA HIS A 58 2.06 -0.07 -2.67
C HIS A 58 0.69 -0.53 -2.16
N ALA A 59 0.29 -1.72 -2.56
CA ALA A 59 -1.01 -2.27 -2.16
C ALA A 59 -0.91 -3.02 -0.83
N ARG A 60 -1.85 -2.73 0.06
CA ARG A 60 -1.91 -3.37 1.36
C ARG A 60 -2.89 -4.55 1.34
N PHE A 61 -2.47 -5.66 1.93
CA PHE A 61 -3.31 -6.86 2.00
C PHE A 61 -3.72 -7.14 3.44
N LYS A 62 -4.81 -7.88 3.62
CA LYS A 62 -5.29 -8.20 4.95
C LYS A 62 -4.57 -9.44 5.50
N THR A 63 -3.98 -10.22 4.61
CA THR A 63 -3.26 -11.42 5.02
C THR A 63 -1.91 -11.51 4.32
N PRO A 64 -0.92 -12.14 4.97
CA PRO A 64 0.42 -12.30 4.42
C PRO A 64 0.48 -13.33 3.29
N GLU A 65 -0.27 -14.42 3.45
CA GLU A 65 -0.31 -15.47 2.45
C GLU A 65 -0.81 -14.94 1.12
N ASP A 66 -1.75 -14.00 1.17
CA ASP A 66 -2.31 -13.40 -0.04
C ASP A 66 -1.23 -12.67 -0.83
N ALA A 67 -0.36 -11.95 -0.12
CA ALA A 67 0.71 -11.20 -0.77
C ALA A 67 1.72 -12.13 -1.41
N GLN A 68 2.07 -13.20 -0.69
CA GLN A 68 3.02 -14.18 -1.21
C GLN A 68 2.50 -14.85 -2.47
N ALA A 69 1.22 -15.21 -2.45
CA ALA A 69 0.58 -15.85 -3.59
C ALA A 69 0.52 -14.92 -4.80
N VAL A 70 0.22 -13.65 -4.57
CA VAL A 70 0.13 -12.68 -5.65
C VAL A 70 1.49 -12.39 -6.26
N ILE A 71 2.51 -12.24 -5.43
CA ILE A 71 3.86 -11.95 -5.91
C ILE A 71 4.42 -13.14 -6.69
N ASN A 72 4.07 -14.34 -6.26
CA ASN A 72 4.53 -15.55 -6.93
C ASN A 72 3.87 -15.68 -8.29
N ALA A 73 2.58 -15.35 -8.32
CA ALA A 73 1.80 -15.42 -9.55
C ALA A 73 2.10 -14.25 -10.49
N TYR A 74 2.65 -13.18 -9.94
CA TYR A 74 2.95 -11.99 -10.74
C TYR A 74 3.99 -12.27 -11.81
N THR A 75 4.77 -13.32 -11.64
CA THR A 75 5.78 -13.66 -12.64
C THR A 75 5.14 -13.66 -14.02
N GLU A 76 3.90 -14.13 -14.07
CA GLU A 76 3.16 -14.20 -15.32
C GLU A 76 2.88 -12.81 -15.88
N ILE A 77 2.74 -11.84 -14.99
CA ILE A 77 2.47 -10.46 -15.39
C ILE A 77 3.34 -10.07 -16.59
N ASN A 78 4.61 -10.45 -16.54
CA ASN A 78 5.54 -10.14 -17.62
C ASN A 78 5.01 -10.61 -18.97
N LYS A 79 4.17 -11.64 -18.95
CA LYS A 79 3.61 -12.19 -20.17
C LYS A 79 2.93 -11.10 -21.00
N LYS A 80 2.47 -10.05 -20.34
CA LYS A 80 1.81 -8.95 -21.02
C LYS A 80 2.60 -7.65 -20.86
N HIS A 81 3.10 -7.41 -19.65
CA HIS A 81 3.88 -6.21 -19.37
C HIS A 81 4.82 -6.44 -18.18
N CYS A 82 6.10 -6.11 -18.37
CA CYS A 82 7.10 -6.28 -17.32
C CYS A 82 6.65 -5.56 -16.05
N TRP A 83 6.48 -6.33 -14.97
CA TRP A 83 6.08 -5.74 -13.70
C TRP A 83 6.84 -6.36 -12.53
N LYS A 84 7.16 -5.51 -11.56
CA LYS A 84 7.91 -5.93 -10.40
C LYS A 84 7.04 -5.95 -9.14
N LEU A 85 7.20 -7.00 -8.34
CA LEU A 85 6.44 -7.14 -7.10
C LEU A 85 7.37 -7.52 -5.95
N GLU A 86 7.33 -6.72 -4.88
CA GLU A 86 8.18 -6.98 -3.71
C GLU A 86 7.40 -6.73 -2.42
N ILE A 87 7.52 -7.66 -1.49
CA ILE A 87 6.84 -7.55 -0.21
C ILE A 87 7.73 -6.89 0.84
N LEU A 88 7.26 -5.75 1.36
CA LEU A 88 8.01 -5.02 2.37
C LEU A 88 8.13 -5.83 3.65
N SER A 89 9.31 -5.80 4.26
CA SER A 89 9.57 -6.55 5.48
C SER A 89 10.52 -5.80 6.41
N GLY A 90 10.53 -6.20 7.68
CA GLY A 90 11.41 -5.58 8.66
C GLY A 90 11.23 -4.08 8.72
N ASP A 91 12.31 -3.39 9.05
CA ASP A 91 12.29 -1.93 9.16
C ASP A 91 11.69 -1.30 7.90
N HIS A 92 11.88 -1.96 6.76
CA HIS A 92 11.35 -1.44 5.50
C HIS A 92 9.83 -1.39 5.52
N GLU A 93 9.22 -2.48 5.97
CA GLU A 93 7.76 -2.55 6.05
C GLU A 93 7.22 -1.60 7.12
N GLN A 94 7.87 -1.62 8.27
CA GLN A 94 7.47 -0.74 9.37
C GLN A 94 7.64 0.72 9.00
N ARG A 95 8.74 1.02 8.30
CA ARG A 95 9.03 2.38 7.88
C ARG A 95 7.91 2.93 7.01
N TYR A 96 7.55 2.21 5.96
CA TYR A 96 6.49 2.62 5.07
C TYR A 96 5.20 2.85 5.83
N TRP A 97 4.90 1.92 6.74
CA TRP A 97 3.70 2.03 7.56
C TRP A 97 3.75 3.29 8.41
N GLN A 98 4.92 3.57 8.98
CA GLN A 98 5.08 4.75 9.79
C GLN A 98 4.56 5.96 9.04
N LYS A 99 4.88 6.01 7.74
CA LYS A 99 4.43 7.09 6.88
C LYS A 99 2.90 7.07 6.79
N ILE A 100 2.32 5.87 6.71
CA ILE A 100 0.87 5.72 6.63
C ILE A 100 0.21 6.27 7.87
N LEU A 101 0.60 5.75 9.04
CA LEU A 101 0.03 6.20 10.31
C LEU A 101 0.07 7.72 10.41
N VAL A 102 1.22 8.31 10.11
CA VAL A 102 1.36 9.76 10.17
C VAL A 102 0.33 10.44 9.29
N ASP A 103 0.06 9.85 8.12
CA ASP A 103 -0.92 10.39 7.20
C ASP A 103 -2.31 10.34 7.82
N ARG A 104 -2.58 9.29 8.58
CA ARG A 104 -3.87 9.13 9.24
C ARG A 104 -4.12 10.28 10.22
N GLN A 105 -3.08 10.65 10.97
CA GLN A 105 -3.19 11.73 11.93
C GLN A 105 -3.48 13.05 11.22
N ALA A 106 -2.77 13.28 10.12
CA ALA A 106 -2.96 14.49 9.33
C ALA A 106 -4.36 14.54 8.72
N LYS A 107 -4.93 13.36 8.47
CA LYS A 107 -6.26 13.27 7.89
C LYS A 107 -7.30 13.98 8.76
N LEU A 108 -6.92 14.26 10.01
CA LEU A 108 -7.82 14.93 10.94
C LEU A 108 -8.67 15.97 10.21
N ASN A 109 -8.09 16.58 9.18
CA ASN A 109 -8.81 17.58 8.39
C ASN A 109 -9.68 16.92 7.34
N GLN A 110 -10.98 16.91 7.57
CA GLN A 110 -11.93 16.30 6.64
C GLN A 110 -12.78 17.36 5.95
N PRO A 111 -13.06 17.16 4.66
CA PRO A 111 -13.87 18.08 3.86
C PRO A 111 -15.30 18.18 4.38
N ARG A 112 -16.20 18.67 3.54
CA ARG A 112 -17.61 18.81 3.93
C ARG A 112 -17.78 19.94 4.93
N GLU A 113 -19.02 20.18 5.34
CA GLU A 113 -19.32 21.24 6.30
C GLU A 113 -19.39 20.69 7.72
N LYS A 114 -18.54 21.21 8.60
CA LYS A 114 -18.50 20.77 9.98
C LYS A 114 -18.21 21.94 10.92
N LYS A 115 -18.88 21.94 12.08
CA LYS A 115 -18.70 23.00 13.05
C LYS A 115 -19.23 24.33 12.53
N ARG A 116 -19.20 25.36 13.39
CA ARG A 116 -19.67 26.67 13.01
C ARG A 116 -18.77 27.77 13.59
N GLY A 117 -18.36 28.71 12.75
CA GLY A 117 -17.51 29.78 13.21
C GLY A 117 -16.40 30.10 12.22
N THR A 118 -15.26 30.54 12.73
CA THR A 118 -14.13 30.88 11.87
C THR A 118 -13.28 29.66 11.56
N GLU A 119 -12.31 29.83 10.67
CA GLU A 119 -11.42 28.73 10.29
C GLU A 119 -10.34 28.51 11.34
N LYS A 120 -10.68 27.76 12.37
CA LYS A 120 -9.74 27.48 13.45
C LYS A 120 -10.20 26.29 14.28
N LEU A 121 -9.34 25.29 14.40
CA LEU A 121 -9.66 24.09 15.17
C LEU A 121 -8.47 23.66 16.03
N ILE A 122 -8.76 23.10 17.20
CA ILE A 122 -7.71 22.65 18.10
C ILE A 122 -8.07 21.31 18.75
N THR A 123 -7.92 20.24 18.00
CA THR A 123 -8.23 18.90 18.51
C THR A 123 -9.65 18.84 19.05
N LYS A 124 -10.50 19.76 18.61
CA LYS A 124 -11.88 19.81 19.06
C LYS A 124 -11.95 20.06 20.56
N ALA A 125 -11.86 21.33 20.95
CA ALA A 125 -11.91 21.71 22.36
C ALA A 125 -11.92 23.22 22.52
N MET A 1 9.58 18.22 36.43
CA MET A 1 10.66 17.70 35.53
C MET A 1 11.03 18.72 34.47
N HIS A 2 12.00 18.37 33.64
CA HIS A 2 12.45 19.25 32.56
C HIS A 2 12.13 18.67 31.20
N HIS A 3 12.83 17.59 30.83
CA HIS A 3 12.60 16.94 29.55
C HIS A 3 11.24 16.26 29.51
N HIS A 4 10.59 16.28 28.36
CA HIS A 4 9.27 15.66 28.19
C HIS A 4 9.35 14.46 27.26
N HIS A 5 10.57 14.00 26.99
CA HIS A 5 10.76 12.86 26.10
C HIS A 5 10.37 11.56 26.80
N HIS A 6 10.06 10.54 25.99
CA HIS A 6 9.66 9.25 26.53
C HIS A 6 10.28 8.11 25.70
N HIS A 7 11.53 8.28 25.31
CA HIS A 7 12.23 7.27 24.52
C HIS A 7 11.81 7.36 23.06
N SER A 8 10.50 7.31 22.82
CA SER A 8 9.98 7.38 21.46
C SER A 8 10.37 6.15 20.65
N ASN A 9 10.67 5.05 21.36
CA ASN A 9 11.06 3.81 20.71
C ASN A 9 10.35 2.62 21.35
N ALA A 10 9.08 2.44 20.99
CA ALA A 10 8.30 1.34 21.53
C ALA A 10 8.62 0.03 20.82
N THR A 11 8.44 -1.08 21.52
CA THR A 11 8.71 -2.40 20.95
C THR A 11 7.86 -3.47 21.60
N GLY A 12 7.46 -4.47 20.81
CA GLY A 12 6.64 -5.54 21.33
C GLY A 12 5.33 -5.68 20.58
N PRO A 13 4.62 -4.57 20.35
CA PRO A 13 3.34 -4.57 19.64
C PRO A 13 3.44 -5.25 18.27
N GLN A 14 2.31 -5.33 17.57
CA GLN A 14 2.26 -5.94 16.26
C GLN A 14 1.21 -5.27 15.38
N PHE A 15 1.43 -4.00 15.06
CA PHE A 15 0.51 -3.24 14.24
C PHE A 15 0.29 -3.92 12.89
N VAL A 16 -0.94 -4.31 12.62
CA VAL A 16 -1.29 -4.98 11.37
C VAL A 16 -0.72 -4.21 10.18
N SER A 17 0.42 -4.67 9.66
CA SER A 17 1.08 -4.02 8.53
C SER A 17 0.35 -4.28 7.21
N GLY A 18 -0.92 -4.69 7.27
CA GLY A 18 -1.69 -4.94 6.06
C GLY A 18 -0.84 -5.44 4.89
N VAL A 19 0.24 -6.16 5.20
CA VAL A 19 1.12 -6.68 4.16
C VAL A 19 1.25 -5.69 3.00
N ILE A 20 2.30 -4.87 3.04
CA ILE A 20 2.54 -3.88 2.00
C ILE A 20 3.11 -4.53 0.74
N VAL A 21 2.46 -4.28 -0.40
CA VAL A 21 2.91 -4.82 -1.67
C VAL A 21 3.39 -3.69 -2.59
N LYS A 22 4.71 -3.46 -2.62
CA LYS A 22 5.27 -2.41 -3.45
C LYS A 22 5.31 -2.81 -4.92
N ILE A 23 4.63 -2.04 -5.75
CA ILE A 23 4.61 -2.29 -7.19
C ILE A 23 5.30 -1.16 -7.93
N ILE A 24 6.27 -1.50 -8.77
CA ILE A 24 6.98 -0.50 -9.55
C ILE A 24 7.07 -0.93 -11.02
N SER A 25 6.84 0.02 -11.92
CA SER A 25 6.89 -0.27 -13.34
C SER A 25 7.85 0.67 -14.06
N THR A 26 7.85 0.61 -15.38
CA THR A 26 8.71 1.47 -16.19
C THR A 26 7.94 2.07 -17.35
N GLU A 27 6.61 2.00 -17.27
CA GLU A 27 5.73 2.54 -18.29
C GLU A 27 4.39 1.84 -18.26
N PRO A 28 4.40 0.50 -18.23
CA PRO A 28 3.19 -0.31 -18.19
C PRO A 28 2.14 0.24 -17.23
N LEU A 29 2.58 0.60 -16.02
CA LEU A 29 1.67 1.13 -15.01
C LEU A 29 0.62 2.04 -15.67
N PRO A 30 -0.55 1.47 -15.95
CA PRO A 30 -1.67 2.18 -16.60
C PRO A 30 -2.37 3.15 -15.66
N GLY A 31 -2.44 2.81 -14.38
CA GLY A 31 -3.09 3.67 -13.41
C GLY A 31 -3.53 2.90 -12.17
N ARG A 32 -4.06 3.61 -11.19
CA ARG A 32 -4.52 2.98 -9.96
C ARG A 32 -5.63 1.98 -10.25
N LYS A 33 -6.56 2.38 -11.12
CA LYS A 33 -7.68 1.52 -11.48
C LYS A 33 -7.19 0.25 -12.18
N GLN A 34 -6.24 0.40 -13.09
CA GLN A 34 -5.70 -0.73 -13.83
C GLN A 34 -4.81 -1.59 -12.94
N VAL A 35 -3.96 -0.95 -12.14
CA VAL A 35 -3.06 -1.68 -11.25
C VAL A 35 -3.87 -2.43 -10.20
N ARG A 36 -4.86 -1.77 -9.63
CA ARG A 36 -5.71 -2.39 -8.62
C ARG A 36 -6.47 -3.59 -9.20
N ASP A 37 -6.91 -3.44 -10.45
CA ASP A 37 -7.64 -4.49 -11.13
C ASP A 37 -6.75 -5.71 -11.36
N THR A 38 -5.50 -5.45 -11.72
CA THR A 38 -4.54 -6.52 -11.96
C THR A 38 -4.26 -7.31 -10.68
N LEU A 39 -3.91 -6.59 -9.62
CA LEU A 39 -3.64 -7.21 -8.34
C LEU A 39 -4.91 -7.86 -7.81
N ALA A 40 -6.04 -7.19 -7.98
CA ALA A 40 -7.32 -7.72 -7.53
C ALA A 40 -7.71 -8.92 -8.37
N ALA A 41 -7.20 -8.98 -9.60
CA ALA A 41 -7.50 -10.09 -10.49
C ALA A 41 -6.76 -11.35 -10.05
N ILE A 42 -5.61 -11.15 -9.43
CA ILE A 42 -4.80 -12.28 -8.94
C ILE A 42 -5.34 -12.78 -7.61
N SER A 43 -5.89 -11.88 -6.81
CA SER A 43 -6.44 -12.24 -5.50
C SER A 43 -7.21 -11.08 -4.88
N GLU A 44 -7.97 -11.38 -3.84
CA GLU A 44 -8.77 -10.36 -3.15
C GLU A 44 -7.86 -9.46 -2.31
N VAL A 45 -7.75 -8.20 -2.72
CA VAL A 45 -6.91 -7.24 -2.02
C VAL A 45 -7.74 -6.31 -1.14
N LEU A 46 -7.12 -5.77 -0.11
CA LEU A 46 -7.80 -4.86 0.81
C LEU A 46 -7.91 -3.47 0.20
N TYR A 47 -6.78 -2.76 0.15
CA TYR A 47 -6.76 -1.40 -0.42
C TYR A 47 -5.42 -1.12 -1.08
N VAL A 48 -5.47 -0.41 -2.21
CA VAL A 48 -4.26 -0.07 -2.94
C VAL A 48 -3.80 1.35 -2.66
N ASP A 49 -2.56 1.49 -2.19
CA ASP A 49 -2.01 2.80 -1.89
C ASP A 49 -1.10 3.27 -3.02
N LEU A 50 -1.70 3.69 -4.12
CA LEU A 50 -0.96 4.15 -5.28
C LEU A 50 -0.68 5.65 -5.20
N LEU A 51 0.59 6.01 -5.32
CA LEU A 51 1.01 7.41 -5.27
C LEU A 51 0.33 8.21 -6.38
N GLU A 52 -0.76 8.89 -6.03
CA GLU A 52 -1.51 9.69 -6.99
C GLU A 52 -0.57 10.39 -7.98
N GLY A 53 -0.66 10.00 -9.25
CA GLY A 53 0.16 10.60 -10.28
C GLY A 53 1.58 10.07 -10.30
N ASP A 54 1.82 8.96 -9.60
CA ASP A 54 3.14 8.37 -9.55
C ASP A 54 3.15 6.96 -10.14
N THR A 55 4.34 6.48 -10.50
CA THR A 55 4.48 5.15 -11.09
C THR A 55 4.77 4.11 -10.01
N GLU A 56 4.60 4.50 -8.75
CA GLU A 56 4.84 3.59 -7.64
C GLU A 56 3.61 3.48 -6.74
N CYS A 57 3.10 2.27 -6.60
CA CYS A 57 1.92 2.02 -5.77
C CYS A 57 2.18 0.88 -4.81
N HIS A 58 1.63 0.97 -3.61
CA HIS A 58 1.80 -0.07 -2.60
C HIS A 58 0.45 -0.60 -2.13
N ALA A 59 0.09 -1.79 -2.60
CA ALA A 59 -1.18 -2.39 -2.24
C ALA A 59 -1.11 -3.09 -0.88
N ARG A 60 -2.08 -2.79 -0.04
CA ARG A 60 -2.16 -3.39 1.29
C ARG A 60 -3.08 -4.61 1.28
N PHE A 61 -2.61 -5.70 1.89
CA PHE A 61 -3.37 -6.94 1.96
C PHE A 61 -3.84 -7.21 3.39
N LYS A 62 -4.90 -8.00 3.51
CA LYS A 62 -5.45 -8.33 4.82
C LYS A 62 -4.69 -9.47 5.49
N THR A 63 -3.95 -10.23 4.70
CA THR A 63 -3.17 -11.34 5.23
C THR A 63 -1.87 -11.53 4.46
N PRO A 64 -0.84 -12.05 5.13
CA PRO A 64 0.47 -12.28 4.51
C PRO A 64 0.47 -13.46 3.54
N GLU A 65 -0.24 -14.52 3.92
CA GLU A 65 -0.33 -15.71 3.07
C GLU A 65 -0.91 -15.35 1.71
N ASP A 66 -1.90 -14.47 1.70
CA ASP A 66 -2.55 -14.04 0.47
C ASP A 66 -1.56 -13.31 -0.44
N ALA A 67 -0.73 -12.46 0.15
CA ALA A 67 0.25 -11.72 -0.62
C ALA A 67 1.30 -12.66 -1.21
N GLN A 68 1.68 -13.67 -0.44
CA GLN A 68 2.67 -14.65 -0.89
C GLN A 68 2.17 -15.38 -2.13
N ALA A 69 0.90 -15.77 -2.11
CA ALA A 69 0.31 -16.48 -3.23
C ALA A 69 0.23 -15.57 -4.46
N VAL A 70 -0.12 -14.31 -4.24
CA VAL A 70 -0.24 -13.34 -5.33
C VAL A 70 1.13 -13.00 -5.92
N ILE A 71 2.11 -12.80 -5.04
CA ILE A 71 3.45 -12.46 -5.49
C ILE A 71 4.08 -13.61 -6.26
N ASN A 72 3.75 -14.83 -5.87
CA ASN A 72 4.27 -16.01 -6.53
C ASN A 72 3.67 -16.12 -7.93
N ALA A 73 2.38 -15.82 -8.02
CA ALA A 73 1.66 -15.86 -9.29
C ALA A 73 1.99 -14.67 -10.18
N TYR A 74 2.50 -13.61 -9.57
CA TYR A 74 2.82 -12.38 -10.30
C TYR A 74 3.88 -12.61 -11.37
N THR A 75 4.64 -13.69 -11.25
CA THR A 75 5.67 -13.99 -12.25
C THR A 75 5.08 -13.85 -13.65
N GLU A 76 3.82 -14.25 -13.78
CA GLU A 76 3.13 -14.21 -15.06
C GLU A 76 2.93 -12.77 -15.56
N ILE A 77 3.13 -11.80 -14.67
CA ILE A 77 2.96 -10.40 -15.03
C ILE A 77 3.90 -10.00 -16.17
N ASN A 78 5.17 -10.40 -16.06
CA ASN A 78 6.15 -10.07 -17.09
C ASN A 78 5.80 -10.70 -18.42
N LYS A 79 5.07 -11.82 -18.37
CA LYS A 79 4.66 -12.51 -19.60
C LYS A 79 3.83 -11.60 -20.49
N LYS A 80 3.24 -10.57 -19.90
CA LYS A 80 2.42 -9.62 -20.65
C LYS A 80 3.04 -8.22 -20.61
N HIS A 81 3.27 -7.71 -19.40
CA HIS A 81 3.86 -6.39 -19.23
C HIS A 81 4.88 -6.40 -18.10
N CYS A 82 6.11 -5.96 -18.41
CA CYS A 82 7.17 -5.91 -17.42
C CYS A 82 6.69 -5.17 -16.17
N TRP A 83 6.72 -5.86 -15.03
CA TRP A 83 6.27 -5.26 -13.78
C TRP A 83 7.05 -5.81 -12.59
N LYS A 84 7.25 -4.95 -11.60
CA LYS A 84 7.98 -5.31 -10.40
C LYS A 84 7.06 -5.42 -9.20
N LEU A 85 7.18 -6.51 -8.46
CA LEU A 85 6.36 -6.72 -7.27
C LEU A 85 7.19 -7.30 -6.12
N GLU A 86 7.18 -6.61 -4.99
CA GLU A 86 7.93 -7.05 -3.82
C GLU A 86 7.14 -6.80 -2.54
N ILE A 87 7.21 -7.76 -1.61
CA ILE A 87 6.51 -7.64 -0.34
C ILE A 87 7.42 -7.01 0.72
N LEU A 88 7.06 -5.82 1.16
CA LEU A 88 7.84 -5.11 2.17
C LEU A 88 8.03 -5.96 3.42
N SER A 89 9.24 -5.93 3.95
CA SER A 89 9.57 -6.71 5.14
C SER A 89 10.56 -5.98 6.04
N GLY A 90 10.64 -6.43 7.29
CA GLY A 90 11.54 -5.82 8.25
C GLY A 90 11.37 -4.31 8.36
N ASP A 91 12.49 -3.60 8.38
CA ASP A 91 12.47 -2.14 8.49
C ASP A 91 11.76 -1.51 7.30
N HIS A 92 11.85 -2.14 6.14
CA HIS A 92 11.22 -1.62 4.94
C HIS A 92 9.70 -1.57 5.10
N GLU A 93 9.11 -2.66 5.59
CA GLU A 93 7.67 -2.72 5.79
C GLU A 93 7.24 -1.76 6.90
N GLN A 94 7.97 -1.79 8.01
CA GLN A 94 7.68 -0.92 9.15
C GLN A 94 7.83 0.55 8.76
N ARG A 95 8.87 0.83 7.98
CA ARG A 95 9.14 2.19 7.55
C ARG A 95 7.99 2.76 6.72
N TYR A 96 7.64 2.07 5.64
CA TYR A 96 6.56 2.52 4.78
C TYR A 96 5.31 2.78 5.59
N TRP A 97 5.01 1.88 6.53
CA TRP A 97 3.84 2.04 7.38
C TRP A 97 3.95 3.31 8.21
N GLN A 98 5.15 3.58 8.73
CA GLN A 98 5.37 4.78 9.52
C GLN A 98 4.83 5.99 8.75
N LYS A 99 5.15 6.03 7.46
CA LYS A 99 4.69 7.10 6.60
C LYS A 99 3.18 7.08 6.51
N ILE A 100 2.61 5.88 6.48
CA ILE A 100 1.16 5.71 6.41
C ILE A 100 0.48 6.29 7.64
N LEU A 101 0.71 5.65 8.79
CA LEU A 101 0.12 6.10 10.04
C LEU A 101 0.45 7.56 10.32
N VAL A 102 1.73 7.90 10.23
CA VAL A 102 2.16 9.27 10.49
C VAL A 102 1.39 10.27 9.63
N ASP A 103 1.15 9.90 8.37
CA ASP A 103 0.40 10.76 7.47
C ASP A 103 -1.03 10.92 7.95
N ARG A 104 -1.59 9.84 8.47
CA ARG A 104 -2.95 9.85 9.00
C ARG A 104 -3.06 10.80 10.18
N GLN A 105 -2.04 10.77 11.04
CA GLN A 105 -2.02 11.63 12.22
C GLN A 105 -2.03 13.09 11.82
N ALA A 106 -1.24 13.44 10.80
CA ALA A 106 -1.17 14.80 10.31
C ALA A 106 -2.52 15.28 9.77
N LYS A 107 -3.24 14.36 9.12
CA LYS A 107 -4.54 14.68 8.54
C LYS A 107 -5.53 15.10 9.62
N LEU A 108 -5.29 14.68 10.85
CA LEU A 108 -6.17 15.01 11.96
C LEU A 108 -6.21 16.52 12.21
N ASN A 109 -5.20 17.22 11.71
CA ASN A 109 -5.12 18.67 11.89
C ASN A 109 -5.14 19.38 10.54
N GLN A 110 -4.00 19.36 9.86
CA GLN A 110 -3.88 20.01 8.56
C GLN A 110 -5.18 19.89 7.76
N PRO A 111 -5.92 21.01 7.63
CA PRO A 111 -7.17 21.03 6.88
C PRO A 111 -6.95 20.90 5.38
N ARG A 112 -7.27 19.72 4.85
CA ARG A 112 -7.10 19.46 3.42
C ARG A 112 -5.63 19.62 3.00
N GLU A 113 -5.27 18.99 1.90
CA GLU A 113 -3.90 19.05 1.39
C GLU A 113 -3.87 18.90 -0.12
N LYS A 114 -2.72 19.14 -0.72
CA LYS A 114 -2.55 19.02 -2.16
C LYS A 114 -3.57 19.89 -2.89
N LYS A 115 -3.09 20.98 -3.49
CA LYS A 115 -3.97 21.89 -4.22
C LYS A 115 -3.14 22.84 -5.10
N ARG A 116 -3.72 24.01 -5.39
CA ARG A 116 -3.04 25.00 -6.21
C ARG A 116 -2.82 26.29 -5.43
N GLY A 117 -3.88 26.78 -4.82
CA GLY A 117 -3.79 28.02 -4.04
C GLY A 117 -3.10 29.12 -4.81
N THR A 118 -3.29 29.14 -6.13
CA THR A 118 -2.67 30.16 -6.97
C THR A 118 -1.15 30.18 -6.79
N GLU A 119 -0.43 29.89 -7.87
CA GLU A 119 1.03 29.88 -7.83
C GLU A 119 1.59 31.27 -7.60
N LYS A 120 1.84 31.62 -6.35
CA LYS A 120 2.37 32.93 -6.00
C LYS A 120 1.68 34.02 -6.80
N LEU A 121 2.36 35.16 -6.94
CA LEU A 121 1.81 36.30 -7.68
C LEU A 121 2.14 36.20 -9.16
N ILE A 122 1.12 36.26 -9.99
CA ILE A 122 1.30 36.18 -11.44
C ILE A 122 0.56 37.30 -12.15
N THR A 123 1.06 37.70 -13.31
CA THR A 123 0.45 38.76 -14.09
C THR A 123 -0.86 38.30 -14.73
N LYS A 124 -1.97 38.87 -14.27
CA LYS A 124 -3.28 38.53 -14.80
C LYS A 124 -3.55 39.24 -16.12
N ALA A 125 -3.93 38.47 -17.13
CA ALA A 125 -4.21 39.03 -18.45
C ALA A 125 -3.08 39.96 -18.90
N MET A 1 13.91 6.93 39.19
CA MET A 1 12.85 7.87 39.61
C MET A 1 12.08 8.41 38.41
N HIS A 2 12.71 9.31 37.68
CA HIS A 2 12.09 9.92 36.50
C HIS A 2 13.02 9.85 35.30
N HIS A 3 13.22 8.64 34.78
CA HIS A 3 14.09 8.44 33.63
C HIS A 3 13.67 7.19 32.85
N HIS A 4 13.38 6.12 33.57
CA HIS A 4 12.97 4.86 32.96
C HIS A 4 11.49 4.91 32.60
N HIS A 5 10.93 3.75 32.29
CA HIS A 5 9.52 3.64 31.92
C HIS A 5 8.63 3.80 33.15
N HIS A 6 7.46 4.39 32.96
CA HIS A 6 6.52 4.60 34.07
C HIS A 6 5.37 3.59 34.01
N HIS A 7 4.35 3.90 33.21
CA HIS A 7 3.20 3.02 33.07
C HIS A 7 2.46 3.27 31.76
N SER A 8 3.20 3.25 30.66
CA SER A 8 2.59 3.47 29.34
C SER A 8 1.85 2.22 28.87
N ASN A 9 0.85 2.42 28.03
CA ASN A 9 0.06 1.30 27.51
C ASN A 9 0.52 0.92 26.11
N ALA A 10 0.04 -0.23 25.63
CA ALA A 10 0.39 -0.71 24.30
C ALA A 10 0.04 -2.19 24.15
N THR A 11 -1.23 -2.46 23.92
CA THR A 11 -1.71 -3.83 23.75
C THR A 11 -1.77 -4.21 22.28
N GLY A 12 -2.38 -5.36 21.99
CA GLY A 12 -2.51 -5.81 20.63
C GLY A 12 -1.18 -5.77 19.88
N PRO A 13 -0.34 -6.79 20.06
CA PRO A 13 0.96 -6.87 19.40
C PRO A 13 0.86 -6.69 17.89
N GLN A 14 1.96 -6.30 17.26
CA GLN A 14 1.99 -6.10 15.81
C GLN A 14 0.94 -5.07 15.40
N PHE A 15 1.41 -3.97 14.80
CA PHE A 15 0.51 -2.92 14.35
C PHE A 15 -0.08 -3.25 12.99
N VAL A 16 -0.62 -4.45 12.86
CA VAL A 16 -1.22 -4.92 11.60
C VAL A 16 -0.66 -4.17 10.40
N SER A 17 0.48 -4.63 9.91
CA SER A 17 1.14 -3.99 8.76
C SER A 17 0.40 -4.23 7.44
N GLY A 18 -0.88 -4.61 7.49
CA GLY A 18 -1.64 -4.84 6.28
C GLY A 18 -0.81 -5.36 5.13
N VAL A 19 0.25 -6.11 5.44
CA VAL A 19 1.13 -6.66 4.42
C VAL A 19 1.26 -5.71 3.23
N ILE A 20 2.27 -4.83 3.29
CA ILE A 20 2.51 -3.88 2.22
C ILE A 20 3.08 -4.57 0.98
N VAL A 21 2.44 -4.35 -0.16
CA VAL A 21 2.89 -4.94 -1.42
C VAL A 21 3.41 -3.86 -2.36
N LYS A 22 4.72 -3.65 -2.36
CA LYS A 22 5.34 -2.64 -3.21
C LYS A 22 5.34 -3.08 -4.67
N ILE A 23 4.63 -2.33 -5.51
CA ILE A 23 4.58 -2.61 -6.95
C ILE A 23 5.26 -1.50 -7.74
N ILE A 24 6.24 -1.88 -8.55
CA ILE A 24 6.95 -0.92 -9.38
C ILE A 24 7.07 -1.42 -10.81
N SER A 25 6.81 -0.55 -11.78
CA SER A 25 6.88 -0.92 -13.19
C SER A 25 7.96 -0.12 -13.90
N THR A 26 7.92 -0.18 -15.23
CA THR A 26 8.89 0.55 -16.05
C THR A 26 8.21 1.64 -16.85
N GLU A 27 6.88 1.63 -16.87
CA GLU A 27 6.12 2.64 -17.59
C GLU A 27 4.72 2.12 -17.92
N PRO A 28 4.62 0.87 -18.40
CA PRO A 28 3.34 0.25 -18.76
C PRO A 28 2.26 0.43 -17.70
N LEU A 29 2.69 0.69 -16.46
CA LEU A 29 1.75 0.88 -15.35
C LEU A 29 0.52 1.62 -15.82
N PRO A 30 -0.59 0.90 -16.04
CA PRO A 30 -1.86 1.49 -16.50
C PRO A 30 -2.43 2.50 -15.52
N GLY A 31 -2.42 2.15 -14.23
CA GLY A 31 -2.94 3.06 -13.22
C GLY A 31 -3.45 2.33 -12.00
N ARG A 32 -4.05 3.08 -11.07
CA ARG A 32 -4.60 2.49 -9.86
C ARG A 32 -5.73 1.52 -10.18
N LYS A 33 -6.57 1.90 -11.14
CA LYS A 33 -7.70 1.08 -11.55
C LYS A 33 -7.24 -0.26 -12.10
N GLN A 34 -6.23 -0.23 -12.96
CA GLN A 34 -5.71 -1.45 -13.55
C GLN A 34 -4.82 -2.22 -12.58
N VAL A 35 -3.95 -1.51 -11.87
CA VAL A 35 -3.07 -2.15 -10.91
C VAL A 35 -3.86 -2.78 -9.77
N ARG A 36 -4.83 -2.03 -9.24
CA ARG A 36 -5.66 -2.53 -8.17
C ARG A 36 -6.50 -3.71 -8.65
N ASP A 37 -7.03 -3.60 -9.86
CA ASP A 37 -7.83 -4.67 -10.45
C ASP A 37 -6.98 -5.91 -10.67
N THR A 38 -5.73 -5.71 -11.07
CA THR A 38 -4.82 -6.82 -11.31
C THR A 38 -4.54 -7.57 -10.02
N LEU A 39 -3.69 -7.01 -9.16
CA LEU A 39 -3.35 -7.64 -7.90
C LEU A 39 -4.61 -8.19 -7.23
N ALA A 40 -5.70 -7.42 -7.28
CA ALA A 40 -6.96 -7.85 -6.69
C ALA A 40 -7.56 -9.01 -7.47
N ALA A 41 -7.21 -9.09 -8.75
CA ALA A 41 -7.71 -10.15 -9.62
C ALA A 41 -7.07 -11.48 -9.23
N ILE A 42 -5.86 -11.41 -8.69
CA ILE A 42 -5.15 -12.62 -8.27
C ILE A 42 -5.67 -13.09 -6.91
N SER A 43 -6.12 -12.14 -6.10
CA SER A 43 -6.66 -12.43 -4.78
C SER A 43 -7.35 -11.20 -4.20
N GLU A 44 -8.19 -11.42 -3.19
CA GLU A 44 -8.92 -10.33 -2.56
C GLU A 44 -8.01 -9.52 -1.64
N VAL A 45 -7.87 -8.23 -1.93
CA VAL A 45 -7.03 -7.35 -1.13
C VAL A 45 -7.88 -6.34 -0.36
N LEU A 46 -7.27 -5.70 0.62
CA LEU A 46 -7.98 -4.70 1.42
C LEU A 46 -8.04 -3.36 0.70
N TYR A 47 -6.88 -2.73 0.56
CA TYR A 47 -6.81 -1.43 -0.11
C TYR A 47 -5.55 -1.30 -0.96
N VAL A 48 -5.71 -0.71 -2.14
CA VAL A 48 -4.57 -0.52 -3.05
C VAL A 48 -4.20 0.96 -3.14
N ASP A 49 -3.02 1.29 -2.65
CA ASP A 49 -2.54 2.67 -2.68
C ASP A 49 -1.60 2.89 -3.86
N LEU A 50 -1.86 3.95 -4.62
CA LEU A 50 -1.04 4.26 -5.78
C LEU A 50 -0.63 5.74 -5.76
N LEU A 51 0.66 6.01 -5.84
CA LEU A 51 1.15 7.38 -5.83
C LEU A 51 0.61 8.15 -7.04
N GLU A 52 -0.59 8.70 -6.89
CA GLU A 52 -1.23 9.45 -7.97
C GLU A 52 -0.18 10.20 -8.80
N GLY A 53 -0.19 9.96 -10.11
CA GLY A 53 0.76 10.60 -10.99
C GLY A 53 2.15 9.98 -10.91
N ASP A 54 2.27 8.88 -10.19
CA ASP A 54 3.54 8.20 -10.04
C ASP A 54 3.45 6.76 -10.54
N THR A 55 4.62 6.16 -10.79
CA THR A 55 4.69 4.79 -11.28
C THR A 55 4.97 3.81 -10.15
N GLU A 56 4.81 4.27 -8.91
CA GLU A 56 5.04 3.43 -7.74
C GLU A 56 3.78 3.30 -6.90
N CYS A 57 3.24 2.09 -6.83
CA CYS A 57 2.03 1.82 -6.06
C CYS A 57 2.25 0.72 -5.03
N HIS A 58 1.66 0.88 -3.86
CA HIS A 58 1.77 -0.09 -2.78
C HIS A 58 0.39 -0.47 -2.26
N ALA A 59 0.02 -1.74 -2.42
CA ALA A 59 -1.29 -2.22 -1.97
C ALA A 59 -1.19 -2.94 -0.63
N ARG A 60 -2.12 -2.63 0.27
CA ARG A 60 -2.17 -3.26 1.58
C ARG A 60 -3.07 -4.50 1.55
N PHE A 61 -2.57 -5.60 2.07
CA PHE A 61 -3.32 -6.86 2.10
C PHE A 61 -3.75 -7.21 3.52
N LYS A 62 -4.88 -7.91 3.63
CA LYS A 62 -5.40 -8.30 4.93
C LYS A 62 -4.64 -9.51 5.47
N THR A 63 -3.95 -10.22 4.58
CA THR A 63 -3.17 -11.40 4.96
C THR A 63 -1.85 -11.45 4.22
N PRO A 64 -0.82 -12.02 4.86
CA PRO A 64 0.51 -12.14 4.26
C PRO A 64 0.59 -13.22 3.19
N GLU A 65 -0.10 -14.33 3.43
CA GLU A 65 -0.12 -15.43 2.48
C GLU A 65 -0.66 -15.00 1.12
N ASP A 66 -1.67 -14.12 1.15
CA ASP A 66 -2.27 -13.64 -0.09
C ASP A 66 -1.26 -12.90 -0.96
N ALA A 67 -0.40 -12.11 -0.32
CA ALA A 67 0.61 -11.34 -1.03
C ALA A 67 1.66 -12.26 -1.66
N GLN A 68 2.09 -13.26 -0.90
CA GLN A 68 3.09 -14.21 -1.39
C GLN A 68 2.59 -14.98 -2.61
N ALA A 69 1.34 -15.42 -2.53
CA ALA A 69 0.74 -16.18 -3.62
C ALA A 69 0.53 -15.32 -4.86
N VAL A 70 0.10 -14.07 -4.67
CA VAL A 70 -0.15 -13.17 -5.79
C VAL A 70 1.14 -12.77 -6.51
N ILE A 71 2.19 -12.47 -5.76
CA ILE A 71 3.47 -12.08 -6.34
C ILE A 71 4.09 -13.23 -7.11
N ASN A 72 3.85 -14.45 -6.64
CA ASN A 72 4.36 -15.64 -7.29
C ASN A 72 3.63 -15.86 -8.62
N ALA A 73 2.33 -15.63 -8.59
CA ALA A 73 1.49 -15.78 -9.77
C ALA A 73 1.64 -14.63 -10.75
N TYR A 74 2.07 -13.47 -10.24
CA TYR A 74 2.23 -12.28 -11.06
C TYR A 74 3.28 -12.47 -12.15
N THR A 75 4.01 -13.58 -12.12
CA THR A 75 5.01 -13.83 -13.14
C THR A 75 4.41 -13.61 -14.52
N GLU A 76 3.15 -14.01 -14.66
CA GLU A 76 2.43 -13.89 -15.91
C GLU A 76 2.47 -12.45 -16.45
N ILE A 77 2.31 -11.49 -15.56
CA ILE A 77 2.32 -10.07 -15.96
C ILE A 77 3.40 -9.81 -17.00
N ASN A 78 4.60 -10.33 -16.75
CA ASN A 78 5.72 -10.14 -17.67
C ASN A 78 5.32 -10.46 -19.11
N LYS A 79 4.41 -11.41 -19.28
CA LYS A 79 3.96 -11.82 -20.61
C LYS A 79 3.58 -10.59 -21.44
N LYS A 80 3.21 -9.51 -20.77
CA LYS A 80 2.82 -8.28 -21.45
C LYS A 80 3.70 -7.12 -21.01
N HIS A 81 4.04 -7.09 -19.73
CA HIS A 81 4.89 -6.04 -19.18
C HIS A 81 5.65 -6.53 -17.96
N CYS A 82 6.94 -6.24 -17.92
CA CYS A 82 7.79 -6.66 -16.80
C CYS A 82 7.45 -5.86 -15.54
N TRP A 83 6.71 -6.49 -14.63
CA TRP A 83 6.32 -5.84 -13.39
C TRP A 83 7.12 -6.36 -12.21
N LYS A 84 7.35 -5.48 -11.24
CA LYS A 84 8.11 -5.82 -10.05
C LYS A 84 7.21 -5.91 -8.83
N LEU A 85 7.24 -7.06 -8.16
CA LEU A 85 6.42 -7.26 -6.97
C LEU A 85 7.30 -7.69 -5.79
N GLU A 86 7.24 -6.92 -4.71
CA GLU A 86 8.03 -7.21 -3.53
C GLU A 86 7.24 -6.96 -2.25
N ILE A 87 7.37 -7.88 -1.30
CA ILE A 87 6.67 -7.76 -0.03
C ILE A 87 7.55 -7.08 1.02
N LEU A 88 7.08 -5.93 1.52
CA LEU A 88 7.83 -5.18 2.51
C LEU A 88 7.98 -5.98 3.81
N SER A 89 9.15 -5.89 4.41
CA SER A 89 9.45 -6.61 5.65
C SER A 89 10.42 -5.84 6.52
N GLY A 90 10.47 -6.21 7.80
CA GLY A 90 11.37 -5.57 8.73
C GLY A 90 11.22 -4.06 8.76
N ASP A 91 12.31 -3.36 9.02
CA ASP A 91 12.31 -1.90 9.09
C ASP A 91 11.71 -1.30 7.82
N HIS A 92 11.88 -1.97 6.70
CA HIS A 92 11.35 -1.48 5.44
C HIS A 92 9.82 -1.42 5.47
N GLU A 93 9.20 -2.48 5.95
CA GLU A 93 7.75 -2.54 6.06
C GLU A 93 7.26 -1.54 7.09
N GLN A 94 7.93 -1.50 8.23
CA GLN A 94 7.56 -0.59 9.30
C GLN A 94 7.73 0.86 8.86
N ARG A 95 8.80 1.12 8.11
CA ARG A 95 9.08 2.46 7.61
C ARG A 95 7.91 2.98 6.78
N TYR A 96 7.51 2.21 5.77
CA TYR A 96 6.41 2.61 4.91
C TYR A 96 5.16 2.89 5.74
N TRP A 97 4.89 2.01 6.70
CA TRP A 97 3.73 2.18 7.56
C TRP A 97 3.84 3.46 8.36
N GLN A 98 5.06 3.78 8.81
CA GLN A 98 5.29 5.00 9.56
C GLN A 98 4.74 6.18 8.78
N LYS A 99 5.02 6.20 7.48
CA LYS A 99 4.55 7.25 6.61
C LYS A 99 3.03 7.26 6.59
N ILE A 100 2.44 6.07 6.57
CA ILE A 100 0.98 5.94 6.55
C ILE A 100 0.38 6.51 7.83
N LEU A 101 0.67 5.88 8.96
CA LEU A 101 0.15 6.31 10.25
C LEU A 101 0.37 7.81 10.44
N VAL A 102 1.63 8.24 10.38
CA VAL A 102 1.97 9.65 10.55
C VAL A 102 1.08 10.52 9.67
N ASP A 103 0.82 10.07 8.45
CA ASP A 103 -0.02 10.81 7.53
C ASP A 103 -1.45 10.90 8.06
N ARG A 104 -1.90 9.82 8.66
CA ARG A 104 -3.24 9.78 9.24
C ARG A 104 -3.36 10.81 10.35
N GLN A 105 -2.29 10.92 11.15
CA GLN A 105 -2.27 11.88 12.25
C GLN A 105 -2.37 13.30 11.72
N ALA A 106 -1.71 13.55 10.59
CA ALA A 106 -1.75 14.87 9.97
C ALA A 106 -3.17 15.22 9.54
N LYS A 107 -3.90 14.21 9.08
CA LYS A 107 -5.28 14.41 8.65
C LYS A 107 -6.11 15.05 9.75
N LEU A 108 -5.64 14.94 10.99
CA LEU A 108 -6.34 15.52 12.14
C LEU A 108 -6.43 17.04 12.01
N ASN A 109 -5.39 17.65 11.45
CA ASN A 109 -5.35 19.10 11.28
C ASN A 109 -4.83 19.46 9.90
N GLN A 110 -5.69 20.10 9.10
CA GLN A 110 -5.31 20.52 7.75
C GLN A 110 -5.30 22.04 7.64
N PRO A 111 -4.15 22.67 7.93
CA PRO A 111 -4.02 24.13 7.86
C PRO A 111 -4.35 24.68 6.48
N ARG A 112 -5.50 25.33 6.38
CA ARG A 112 -5.96 25.91 5.11
C ARG A 112 -5.55 25.02 3.93
N GLU A 113 -6.30 23.94 3.73
CA GLU A 113 -6.02 23.02 2.64
C GLU A 113 -4.56 22.59 2.65
N LYS A 114 -4.10 22.02 1.54
CA LYS A 114 -2.73 21.55 1.41
C LYS A 114 -2.01 22.26 0.27
N LYS A 115 -2.48 23.44 -0.07
CA LYS A 115 -1.89 24.22 -1.16
C LYS A 115 -2.39 23.73 -2.51
N ARG A 116 -3.17 24.57 -3.18
CA ARG A 116 -3.71 24.22 -4.50
C ARG A 116 -2.66 23.54 -5.36
N GLY A 117 -3.09 23.00 -6.50
CA GLY A 117 -2.18 22.32 -7.39
C GLY A 117 -2.00 23.06 -8.71
N THR A 118 -2.77 22.69 -9.72
CA THR A 118 -2.70 23.33 -11.02
C THR A 118 -3.13 24.78 -10.95
N GLU A 119 -2.17 25.69 -11.13
CA GLU A 119 -2.44 27.12 -11.07
C GLU A 119 -1.87 27.83 -12.29
N LYS A 120 -2.02 27.23 -13.45
CA LYS A 120 -1.50 27.81 -14.68
C LYS A 120 -2.65 28.23 -15.61
N LEU A 121 -2.30 28.81 -16.75
CA LEU A 121 -3.30 29.26 -17.70
C LEU A 121 -3.17 28.50 -19.02
N ILE A 122 -1.97 28.51 -19.59
CA ILE A 122 -1.72 27.82 -20.85
C ILE A 122 -2.30 28.59 -22.03
N THR A 123 -1.71 29.75 -22.31
CA THR A 123 -2.17 30.59 -23.41
C THR A 123 -1.06 30.82 -24.43
N LYS A 124 0.11 31.24 -23.94
CA LYS A 124 1.25 31.50 -24.81
C LYS A 124 2.41 32.09 -24.02
N ALA A 125 3.32 31.22 -23.58
CA ALA A 125 4.48 31.65 -22.80
C ALA A 125 4.12 32.80 -21.87
N MET A 1 17.19 -19.43 26.85
CA MET A 1 17.70 -19.19 25.47
C MET A 1 16.62 -18.58 24.58
N HIS A 2 17.01 -17.58 23.80
CA HIS A 2 16.06 -16.91 22.91
C HIS A 2 16.75 -16.41 21.65
N HIS A 3 17.62 -17.24 21.06
CA HIS A 3 18.33 -16.87 19.85
C HIS A 3 17.76 -17.59 18.65
N HIS A 4 17.04 -18.68 18.91
CA HIS A 4 16.43 -19.48 17.85
C HIS A 4 15.04 -18.94 17.49
N HIS A 5 14.57 -17.97 18.26
CA HIS A 5 13.26 -17.38 18.02
C HIS A 5 13.38 -16.03 17.33
N HIS A 6 14.38 -15.89 16.46
CA HIS A 6 14.61 -14.65 15.73
C HIS A 6 15.04 -13.54 16.68
N HIS A 7 16.35 -13.46 16.92
CA HIS A 7 16.90 -12.45 17.81
C HIS A 7 16.43 -12.68 19.25
N SER A 8 16.69 -11.71 20.11
CA SER A 8 16.31 -11.81 21.52
C SER A 8 14.87 -11.35 21.72
N ASN A 9 14.49 -11.16 22.98
CA ASN A 9 13.14 -10.73 23.32
C ASN A 9 12.93 -9.27 22.93
N ALA A 10 11.70 -8.93 22.55
CA ALA A 10 11.37 -7.57 22.15
C ALA A 10 9.87 -7.41 21.98
N THR A 11 9.14 -7.46 23.09
CA THR A 11 7.69 -7.31 23.06
C THR A 11 7.29 -5.87 22.76
N GLY A 12 6.88 -5.62 21.53
CA GLY A 12 6.48 -4.29 21.14
C GLY A 12 5.06 -4.23 20.61
N PRO A 13 4.67 -3.10 20.00
CA PRO A 13 3.32 -2.92 19.44
C PRO A 13 3.04 -3.88 18.28
N GLN A 14 1.81 -4.36 18.20
CA GLN A 14 1.41 -5.28 17.13
C GLN A 14 0.40 -4.63 16.20
N PHE A 15 0.89 -3.78 15.31
CA PHE A 15 0.04 -3.07 14.36
C PHE A 15 -0.13 -3.87 13.07
N VAL A 16 -1.39 -4.08 12.67
CA VAL A 16 -1.68 -4.82 11.45
C VAL A 16 -1.03 -4.14 10.25
N SER A 17 0.12 -4.65 9.82
CA SER A 17 0.85 -4.07 8.68
C SER A 17 0.17 -4.33 7.34
N GLY A 18 -1.11 -4.71 7.34
CA GLY A 18 -1.83 -4.96 6.10
C GLY A 18 -0.95 -5.45 4.96
N VAL A 19 0.11 -6.19 5.29
CA VAL A 19 1.03 -6.70 4.28
C VAL A 19 1.23 -5.69 3.15
N ILE A 20 2.30 -4.91 3.24
CA ILE A 20 2.61 -3.91 2.22
C ILE A 20 3.20 -4.56 0.96
N VAL A 21 2.58 -4.27 -0.18
CA VAL A 21 3.05 -4.80 -1.45
C VAL A 21 3.58 -3.69 -2.34
N LYS A 22 4.89 -3.65 -2.55
CA LYS A 22 5.51 -2.61 -3.38
C LYS A 22 5.49 -3.00 -4.86
N ILE A 23 4.77 -2.23 -5.66
CA ILE A 23 4.70 -2.48 -7.10
C ILE A 23 5.38 -1.37 -7.89
N ILE A 24 6.35 -1.75 -8.71
CA ILE A 24 7.05 -0.78 -9.54
C ILE A 24 7.15 -1.29 -10.98
N SER A 25 6.90 -0.40 -11.94
CA SER A 25 6.95 -0.78 -13.34
C SER A 25 7.95 0.09 -14.09
N THR A 26 7.89 0.02 -15.42
CA THR A 26 8.80 0.80 -16.25
C THR A 26 8.05 1.82 -17.10
N GLU A 27 6.73 1.70 -17.11
CA GLU A 27 5.87 2.61 -17.87
C GLU A 27 4.55 1.94 -18.23
N PRO A 28 4.61 0.69 -18.70
CA PRO A 28 3.43 -0.08 -19.08
C PRO A 28 2.29 0.03 -18.06
N LEU A 29 2.64 0.36 -16.82
CA LEU A 29 1.65 0.49 -15.77
C LEU A 29 0.39 1.17 -16.30
N PRO A 30 -0.71 0.41 -16.41
CA PRO A 30 -1.99 0.93 -16.93
C PRO A 30 -2.56 2.05 -16.06
N GLY A 31 -2.52 1.86 -14.74
CA GLY A 31 -3.04 2.86 -13.83
C GLY A 31 -3.47 2.27 -12.50
N ARG A 32 -3.97 3.10 -11.62
CA ARG A 32 -4.44 2.65 -10.30
C ARG A 32 -5.60 1.67 -10.46
N LYS A 33 -6.51 1.98 -11.39
CA LYS A 33 -7.66 1.14 -11.63
C LYS A 33 -7.25 -0.24 -12.13
N GLN A 34 -6.26 -0.28 -13.02
CA GLN A 34 -5.78 -1.54 -13.56
C GLN A 34 -4.90 -2.28 -12.56
N VAL A 35 -4.00 -1.54 -11.90
CA VAL A 35 -3.12 -2.15 -10.91
C VAL A 35 -3.95 -2.68 -9.74
N ARG A 36 -4.89 -1.87 -9.30
CA ARG A 36 -5.78 -2.25 -8.20
C ARG A 36 -6.62 -3.45 -8.60
N ASP A 37 -7.14 -3.40 -9.83
CA ASP A 37 -7.97 -4.48 -10.36
C ASP A 37 -7.16 -5.76 -10.47
N THR A 38 -5.91 -5.64 -10.88
CA THR A 38 -5.04 -6.79 -11.01
C THR A 38 -4.82 -7.46 -9.66
N LEU A 39 -3.98 -6.86 -8.84
CA LEU A 39 -3.70 -7.41 -7.51
C LEU A 39 -4.98 -7.90 -6.84
N ALA A 40 -6.05 -7.12 -6.97
CA ALA A 40 -7.34 -7.50 -6.38
C ALA A 40 -7.94 -8.69 -7.12
N ALA A 41 -7.58 -8.82 -8.40
CA ALA A 41 -8.09 -9.91 -9.22
C ALA A 41 -7.54 -11.25 -8.74
N ILE A 42 -6.35 -11.21 -8.14
CA ILE A 42 -5.73 -12.42 -7.63
C ILE A 42 -6.31 -12.79 -6.27
N SER A 43 -6.73 -11.77 -5.52
CA SER A 43 -7.31 -11.99 -4.19
C SER A 43 -7.71 -10.66 -3.55
N GLU A 44 -8.78 -10.70 -2.77
CA GLU A 44 -9.27 -9.50 -2.09
C GLU A 44 -8.18 -8.86 -1.25
N VAL A 45 -7.88 -7.60 -1.53
CA VAL A 45 -6.85 -6.87 -0.80
C VAL A 45 -7.46 -5.91 0.20
N LEU A 46 -6.60 -5.22 0.97
CA LEU A 46 -7.06 -4.27 1.97
C LEU A 46 -7.22 -2.88 1.37
N TYR A 47 -6.44 -2.57 0.35
CA TYR A 47 -6.52 -1.27 -0.31
C TYR A 47 -5.26 -0.99 -1.15
N VAL A 48 -5.47 -0.45 -2.34
CA VAL A 48 -4.35 -0.14 -3.24
C VAL A 48 -3.84 1.28 -3.00
N ASP A 49 -2.56 1.38 -2.62
CA ASP A 49 -1.95 2.68 -2.36
C ASP A 49 -1.08 3.12 -3.53
N LEU A 50 -1.73 3.47 -4.63
CA LEU A 50 -1.02 3.93 -5.83
C LEU A 50 -0.73 5.43 -5.75
N LEU A 51 0.54 5.79 -5.85
CA LEU A 51 0.95 7.19 -5.79
C LEU A 51 0.37 7.98 -6.96
N GLU A 52 -0.82 8.55 -6.76
CA GLU A 52 -1.49 9.32 -7.79
C GLU A 52 -0.50 10.07 -8.68
N GLY A 53 -0.59 9.84 -9.98
CA GLY A 53 0.31 10.50 -10.92
C GLY A 53 1.71 9.96 -10.86
N ASP A 54 1.90 8.87 -10.13
CA ASP A 54 3.22 8.25 -10.00
C ASP A 54 3.25 6.88 -10.65
N THR A 55 4.46 6.36 -10.86
CA THR A 55 4.62 5.04 -11.48
C THR A 55 4.90 3.97 -10.44
N GLU A 56 4.69 4.32 -9.17
CA GLU A 56 4.90 3.38 -8.08
C GLU A 56 3.65 3.25 -7.21
N CYS A 57 3.14 2.03 -7.08
CA CYS A 57 1.96 1.78 -6.28
C CYS A 57 2.23 0.73 -5.22
N HIS A 58 1.64 0.90 -4.06
CA HIS A 58 1.82 -0.04 -2.94
C HIS A 58 0.46 -0.50 -2.41
N ALA A 59 0.13 -1.76 -2.68
CA ALA A 59 -1.15 -2.31 -2.25
C ALA A 59 -1.05 -3.03 -0.91
N ARG A 60 -1.97 -2.72 -0.01
CA ARG A 60 -2.02 -3.35 1.30
C ARG A 60 -2.95 -4.56 1.27
N PHE A 61 -2.52 -5.66 1.86
CA PHE A 61 -3.32 -6.88 1.89
C PHE A 61 -3.72 -7.24 3.32
N LYS A 62 -4.79 -8.01 3.46
CA LYS A 62 -5.28 -8.43 4.77
C LYS A 62 -4.48 -9.61 5.32
N THR A 63 -3.80 -10.33 4.42
CA THR A 63 -3.01 -11.48 4.83
C THR A 63 -1.64 -11.48 4.15
N PRO A 64 -0.65 -12.09 4.80
CA PRO A 64 0.72 -12.16 4.26
C PRO A 64 0.85 -13.22 3.17
N GLU A 65 0.16 -14.33 3.35
CA GLU A 65 0.20 -15.43 2.38
C GLU A 65 -0.43 -14.98 1.06
N ASP A 66 -1.44 -14.12 1.14
CA ASP A 66 -2.14 -13.63 -0.04
C ASP A 66 -1.19 -12.84 -0.93
N ALA A 67 -0.37 -11.99 -0.31
CA ALA A 67 0.59 -11.18 -1.05
C ALA A 67 1.63 -12.04 -1.75
N GLN A 68 2.12 -13.06 -1.03
CA GLN A 68 3.12 -13.96 -1.58
C GLN A 68 2.57 -14.73 -2.78
N ALA A 69 1.30 -15.12 -2.71
CA ALA A 69 0.67 -15.86 -3.78
C ALA A 69 0.51 -15.01 -5.04
N VAL A 70 0.12 -13.75 -4.86
CA VAL A 70 -0.07 -12.85 -5.99
C VAL A 70 1.26 -12.49 -6.65
N ILE A 71 2.26 -12.20 -5.84
CA ILE A 71 3.58 -11.84 -6.36
C ILE A 71 4.22 -13.02 -7.08
N ASN A 72 3.95 -14.22 -6.57
CA ASN A 72 4.49 -15.43 -7.19
C ASN A 72 3.81 -15.70 -8.53
N ALA A 73 2.51 -15.47 -8.57
CA ALA A 73 1.73 -15.67 -9.78
C ALA A 73 1.94 -14.54 -10.77
N TYR A 74 2.35 -13.38 -10.27
CA TYR A 74 2.56 -12.21 -11.10
C TYR A 74 3.62 -12.43 -12.17
N THR A 75 4.36 -13.53 -12.08
CA THR A 75 5.38 -13.81 -13.08
C THR A 75 4.77 -13.70 -14.48
N GLU A 76 3.52 -14.14 -14.59
CA GLU A 76 2.80 -14.12 -15.86
C GLU A 76 2.62 -12.70 -16.38
N ILE A 77 2.77 -11.72 -15.50
CA ILE A 77 2.62 -10.32 -15.89
C ILE A 77 3.58 -9.96 -17.02
N ASN A 78 4.82 -10.38 -16.89
CA ASN A 78 5.84 -10.09 -17.91
C ASN A 78 5.35 -10.46 -19.30
N LYS A 79 4.49 -11.47 -19.38
CA LYS A 79 3.96 -11.92 -20.66
C LYS A 79 3.52 -10.73 -21.51
N LYS A 80 3.18 -9.63 -20.84
CA LYS A 80 2.74 -8.43 -21.53
C LYS A 80 3.64 -7.25 -21.17
N HIS A 81 3.86 -7.07 -19.88
CA HIS A 81 4.72 -5.98 -19.39
C HIS A 81 5.49 -6.43 -18.15
N CYS A 82 6.79 -6.16 -18.14
CA CYS A 82 7.64 -6.54 -17.02
C CYS A 82 7.26 -5.76 -15.77
N TRP A 83 6.80 -6.46 -14.74
CA TRP A 83 6.40 -5.82 -13.50
C TRP A 83 7.22 -6.31 -12.32
N LYS A 84 7.42 -5.42 -11.36
CA LYS A 84 8.20 -5.72 -10.17
C LYS A 84 7.29 -5.82 -8.94
N LEU A 85 7.47 -6.87 -8.16
CA LEU A 85 6.67 -7.08 -6.95
C LEU A 85 7.55 -7.47 -5.78
N GLU A 86 7.48 -6.69 -4.70
CA GLU A 86 8.27 -6.96 -3.51
C GLU A 86 7.45 -6.70 -2.25
N ILE A 87 7.55 -7.61 -1.29
CA ILE A 87 6.82 -7.48 -0.03
C ILE A 87 7.70 -6.85 1.04
N LEU A 88 7.27 -5.69 1.55
CA LEU A 88 8.02 -4.99 2.58
C LEU A 88 8.10 -5.83 3.85
N SER A 89 9.24 -5.77 4.54
CA SER A 89 9.44 -6.55 5.75
C SER A 89 10.34 -5.82 6.74
N GLY A 90 10.29 -6.26 7.99
CA GLY A 90 11.10 -5.66 9.04
C GLY A 90 10.98 -4.15 9.08
N ASP A 91 12.05 -3.50 9.50
CA ASP A 91 12.06 -2.04 9.61
C ASP A 91 11.53 -1.41 8.33
N HIS A 92 11.74 -2.07 7.20
CA HIS A 92 11.27 -1.56 5.91
C HIS A 92 9.74 -1.51 5.89
N GLU A 93 9.12 -2.60 6.35
CA GLU A 93 7.67 -2.68 6.39
C GLU A 93 7.11 -1.69 7.40
N GLN A 94 7.75 -1.65 8.57
CA GLN A 94 7.34 -0.75 9.63
C GLN A 94 7.51 0.71 9.21
N ARG A 95 8.58 0.97 8.48
CA ARG A 95 8.88 2.33 8.01
C ARG A 95 7.75 2.85 7.11
N TYR A 96 7.45 2.10 6.05
CA TYR A 96 6.39 2.50 5.12
C TYR A 96 5.09 2.76 5.88
N TRP A 97 4.78 1.87 6.81
CA TRP A 97 3.57 2.02 7.61
C TRP A 97 3.64 3.29 8.45
N GLN A 98 4.81 3.55 9.02
CA GLN A 98 5.01 4.75 9.82
C GLN A 98 4.52 5.96 9.05
N LYS A 99 4.90 6.03 7.78
CA LYS A 99 4.50 7.12 6.92
C LYS A 99 2.97 7.13 6.77
N ILE A 100 2.40 5.93 6.67
CA ILE A 100 0.95 5.80 6.54
C ILE A 100 0.24 6.37 7.76
N LEU A 101 0.60 5.85 8.94
CA LEU A 101 0.01 6.29 10.20
C LEU A 101 0.25 7.78 10.43
N VAL A 102 1.52 8.18 10.48
CA VAL A 102 1.87 9.58 10.71
C VAL A 102 1.04 10.50 9.82
N ASP A 103 0.84 10.09 8.57
CA ASP A 103 0.05 10.88 7.63
C ASP A 103 -1.39 10.98 8.11
N ARG A 104 -1.90 9.86 8.65
CA ARG A 104 -3.26 9.82 9.16
C ARG A 104 -3.43 10.81 10.31
N GLN A 105 -2.41 10.89 11.16
CA GLN A 105 -2.44 11.81 12.29
C GLN A 105 -2.55 13.24 11.80
N ALA A 106 -1.78 13.56 10.75
CA ALA A 106 -1.81 14.90 10.18
C ALA A 106 -3.19 15.23 9.65
N LYS A 107 -3.87 14.21 9.13
CA LYS A 107 -5.22 14.38 8.59
C LYS A 107 -6.07 15.22 9.52
N LEU A 108 -5.74 15.20 10.81
CA LEU A 108 -6.48 15.96 11.80
C LEU A 108 -6.45 17.45 11.48
N ASN A 109 -5.35 17.90 10.89
CA ASN A 109 -5.19 19.30 10.51
C ASN A 109 -5.39 19.48 9.01
N GLN A 110 -5.59 20.72 8.58
CA GLN A 110 -5.80 21.01 7.17
C GLN A 110 -6.86 20.10 6.58
N PRO A 111 -8.07 20.63 6.35
CA PRO A 111 -9.19 19.86 5.80
C PRO A 111 -8.98 19.50 4.33
N ARG A 112 -8.92 18.22 4.04
CA ARG A 112 -8.73 17.74 2.67
C ARG A 112 -10.03 17.87 1.88
N GLU A 113 -10.07 18.83 0.96
CA GLU A 113 -11.26 19.05 0.14
C GLU A 113 -11.00 18.67 -1.31
N LYS A 114 -12.02 18.84 -2.15
CA LYS A 114 -11.91 18.52 -3.57
C LYS A 114 -11.65 17.04 -3.79
N LYS A 115 -12.59 16.38 -4.46
CA LYS A 115 -12.47 14.95 -4.74
C LYS A 115 -12.03 14.73 -6.19
N ARG A 116 -11.11 15.56 -6.66
CA ARG A 116 -10.61 15.45 -8.03
C ARG A 116 -9.51 14.39 -8.13
N GLY A 117 -9.70 13.47 -9.06
CA GLY A 117 -8.72 12.41 -9.25
C GLY A 117 -9.03 11.17 -8.44
N THR A 118 -9.88 11.32 -7.44
CA THR A 118 -10.26 10.19 -6.59
C THR A 118 -11.76 9.92 -6.66
N GLU A 119 -12.12 8.70 -7.07
CA GLU A 119 -13.52 8.32 -7.18
C GLU A 119 -14.01 7.69 -5.88
N LYS A 120 -15.24 8.03 -5.50
CA LYS A 120 -15.82 7.50 -4.28
C LYS A 120 -17.35 7.46 -4.37
N LEU A 121 -17.91 6.28 -4.11
CA LEU A 121 -19.35 6.10 -4.16
C LEU A 121 -19.97 6.28 -2.77
N ILE A 122 -21.29 6.13 -2.69
CA ILE A 122 -21.99 6.26 -1.42
C ILE A 122 -21.90 7.69 -0.91
N THR A 123 -22.94 8.13 -0.20
CA THR A 123 -22.97 9.48 0.35
C THR A 123 -22.35 9.52 1.75
N LYS A 124 -22.08 10.74 2.23
CA LYS A 124 -21.48 10.91 3.55
C LYS A 124 -22.48 10.55 4.65
N ALA A 125 -23.52 11.36 4.78
CA ALA A 125 -24.54 11.13 5.79
C ALA A 125 -23.92 10.95 7.17
N MET A 1 -12.38 -24.16 22.96
CA MET A 1 -10.93 -24.04 22.72
C MET A 1 -10.18 -23.76 24.01
N HIS A 2 -8.85 -23.87 23.96
CA HIS A 2 -8.02 -23.63 25.13
C HIS A 2 -6.61 -23.22 24.72
N HIS A 3 -6.47 -21.98 24.21
CA HIS A 3 -5.18 -21.47 23.78
C HIS A 3 -5.34 -20.10 23.12
N HIS A 4 -4.31 -19.27 23.26
CA HIS A 4 -4.34 -17.92 22.68
C HIS A 4 -5.68 -17.25 22.94
N HIS A 5 -6.04 -17.11 24.22
CA HIS A 5 -7.30 -16.49 24.59
C HIS A 5 -7.51 -15.20 23.80
N HIS A 6 -8.45 -15.23 22.86
CA HIS A 6 -8.76 -14.06 22.04
C HIS A 6 -8.69 -12.78 22.87
N HIS A 7 -7.66 -11.97 22.61
CA HIS A 7 -7.50 -10.72 23.33
C HIS A 7 -8.66 -9.77 23.06
N SER A 8 -8.94 -9.55 21.78
CA SER A 8 -10.02 -8.67 21.37
C SER A 8 -9.79 -7.25 21.89
N ASN A 9 -10.47 -6.28 21.29
CA ASN A 9 -10.35 -4.89 21.68
C ASN A 9 -8.93 -4.56 22.11
N ALA A 10 -8.66 -4.69 23.41
CA ALA A 10 -7.33 -4.41 23.95
C ALA A 10 -7.05 -2.91 23.96
N THR A 11 -5.78 -2.55 24.00
CA THR A 11 -5.38 -1.15 24.02
C THR A 11 -4.22 -0.90 23.06
N GLY A 12 -4.42 0.03 22.13
CA GLY A 12 -3.39 0.35 21.16
C GLY A 12 -3.66 -0.24 19.80
N PRO A 13 -3.43 0.52 18.72
CA PRO A 13 -3.66 0.06 17.35
C PRO A 13 -2.62 -0.96 16.91
N GLN A 14 -2.87 -1.57 15.75
CA GLN A 14 -1.96 -2.58 15.20
C GLN A 14 -2.14 -2.71 13.69
N PHE A 15 -1.21 -2.14 12.94
CA PHE A 15 -1.28 -2.19 11.47
C PHE A 15 -0.75 -3.52 10.96
N VAL A 16 -1.50 -4.15 10.06
CA VAL A 16 -1.09 -5.42 9.49
C VAL A 16 0.31 -5.32 8.89
N SER A 17 1.30 -5.69 9.69
CA SER A 17 2.70 -5.62 9.30
C SER A 17 3.08 -6.67 8.26
N GLY A 18 3.99 -6.27 7.36
CA GLY A 18 4.48 -7.16 6.32
C GLY A 18 3.45 -7.55 5.28
N VAL A 19 2.50 -6.67 4.98
CA VAL A 19 1.50 -6.97 3.97
C VAL A 19 1.49 -5.88 2.90
N ILE A 20 2.48 -4.99 2.95
CA ILE A 20 2.60 -3.92 1.97
C ILE A 20 3.41 -4.36 0.76
N VAL A 21 2.72 -4.79 -0.28
CA VAL A 21 3.38 -5.24 -1.50
C VAL A 21 3.75 -4.08 -2.41
N LYS A 22 5.05 -3.86 -2.57
CA LYS A 22 5.55 -2.78 -3.41
C LYS A 22 5.47 -3.16 -4.89
N ILE A 23 4.79 -2.34 -5.67
CA ILE A 23 4.66 -2.57 -7.10
C ILE A 23 5.40 -1.49 -7.89
N ILE A 24 6.36 -1.92 -8.70
CA ILE A 24 7.11 -0.98 -9.52
C ILE A 24 7.19 -1.47 -10.96
N SER A 25 6.98 -0.56 -11.90
CA SER A 25 7.01 -0.90 -13.31
C SER A 25 8.03 -0.06 -14.06
N THR A 26 7.89 -0.01 -15.38
CA THR A 26 8.80 0.76 -16.22
C THR A 26 8.05 1.86 -16.97
N GLU A 27 6.73 1.81 -16.92
CA GLU A 27 5.90 2.81 -17.60
C GLU A 27 4.52 2.23 -17.91
N PRO A 28 4.46 1.00 -18.44
CA PRO A 28 3.21 0.34 -18.80
C PRO A 28 2.13 0.51 -17.73
N LEU A 29 2.53 0.72 -16.49
CA LEU A 29 1.58 0.90 -15.40
C LEU A 29 0.38 1.72 -15.87
N PRO A 30 -0.71 1.05 -16.25
CA PRO A 30 -1.93 1.71 -16.74
C PRO A 30 -2.47 2.74 -15.75
N GLY A 31 -2.48 2.39 -14.47
CA GLY A 31 -2.97 3.30 -13.45
C GLY A 31 -3.51 2.58 -12.24
N ARG A 32 -4.09 3.35 -11.32
CA ARG A 32 -4.65 2.79 -10.10
C ARG A 32 -5.79 1.81 -10.41
N LYS A 33 -6.62 2.18 -11.37
CA LYS A 33 -7.76 1.35 -11.75
C LYS A 33 -7.31 -0.01 -12.29
N GLN A 34 -6.30 0.00 -13.15
CA GLN A 34 -5.79 -1.24 -13.74
C GLN A 34 -4.95 -2.03 -12.74
N VAL A 35 -4.08 -1.33 -12.01
CA VAL A 35 -3.22 -1.99 -11.03
C VAL A 35 -4.05 -2.58 -9.88
N ARG A 36 -5.01 -1.79 -9.40
CA ARG A 36 -5.88 -2.23 -8.31
C ARG A 36 -6.71 -3.43 -8.74
N ASP A 37 -7.29 -3.36 -9.93
CA ASP A 37 -8.11 -4.45 -10.45
C ASP A 37 -7.26 -5.69 -10.67
N THR A 38 -6.00 -5.47 -11.05
CA THR A 38 -5.08 -6.57 -11.29
C THR A 38 -4.79 -7.32 -9.99
N LEU A 39 -3.87 -6.80 -9.20
CA LEU A 39 -3.50 -7.43 -7.94
C LEU A 39 -4.73 -7.93 -7.19
N ALA A 40 -5.79 -7.12 -7.20
CA ALA A 40 -7.04 -7.50 -6.53
C ALA A 40 -7.71 -8.67 -7.26
N ALA A 41 -7.44 -8.78 -8.56
CA ALA A 41 -8.02 -9.84 -9.36
C ALA A 41 -7.37 -11.18 -9.03
N ILE A 42 -6.12 -11.13 -8.59
CA ILE A 42 -5.39 -12.33 -8.23
C ILE A 42 -5.83 -12.86 -6.86
N SER A 43 -6.19 -11.93 -5.98
CA SER A 43 -6.64 -12.30 -4.64
C SER A 43 -7.30 -11.10 -3.95
N GLU A 44 -7.96 -11.35 -2.82
CA GLU A 44 -8.63 -10.30 -2.07
C GLU A 44 -7.62 -9.40 -1.36
N VAL A 45 -7.42 -8.21 -1.92
CA VAL A 45 -6.48 -7.25 -1.34
C VAL A 45 -7.21 -6.24 -0.45
N LEU A 46 -6.50 -5.69 0.51
CA LEU A 46 -7.10 -4.72 1.43
C LEU A 46 -7.19 -3.34 0.77
N TYR A 47 -6.04 -2.68 0.63
CA TYR A 47 -6.02 -1.35 0.02
C TYR A 47 -4.78 -1.13 -0.83
N VAL A 48 -4.98 -0.62 -2.04
CA VAL A 48 -3.88 -0.34 -2.96
C VAL A 48 -3.44 1.11 -2.86
N ASP A 49 -2.18 1.32 -2.48
CA ASP A 49 -1.63 2.67 -2.35
C ASP A 49 -0.86 3.09 -3.59
N LEU A 50 -1.14 4.29 -4.08
CA LEU A 50 -0.47 4.82 -5.25
C LEU A 50 0.14 6.19 -4.94
N LEU A 51 1.45 6.33 -5.15
CA LEU A 51 2.13 7.60 -4.86
C LEU A 51 1.89 8.62 -5.98
N GLU A 52 1.02 9.58 -5.71
CA GLU A 52 0.72 10.63 -6.67
C GLU A 52 0.40 10.05 -8.05
N GLY A 53 -0.21 8.88 -8.07
CA GLY A 53 -0.55 8.24 -9.34
C GLY A 53 0.66 7.86 -10.15
N ASP A 54 1.83 7.89 -9.52
CA ASP A 54 3.07 7.53 -10.19
C ASP A 54 3.05 6.08 -10.65
N THR A 55 4.22 5.51 -10.89
CA THR A 55 4.34 4.13 -11.33
C THR A 55 4.70 3.22 -10.16
N GLU A 56 4.60 3.75 -8.95
CA GLU A 56 4.94 2.99 -7.75
C GLU A 56 3.75 2.95 -6.79
N CYS A 57 3.18 1.76 -6.64
CA CYS A 57 2.04 1.56 -5.74
C CYS A 57 2.30 0.42 -4.77
N HIS A 58 1.88 0.57 -3.53
CA HIS A 58 2.09 -0.46 -2.52
C HIS A 58 0.75 -0.94 -1.96
N ALA A 59 0.32 -2.12 -2.40
CA ALA A 59 -0.95 -2.68 -1.95
C ALA A 59 -0.81 -3.42 -0.62
N ARG A 60 -1.67 -3.06 0.33
CA ARG A 60 -1.67 -3.68 1.65
C ARG A 60 -2.59 -4.89 1.67
N PHE A 61 -2.07 -6.02 2.17
CA PHE A 61 -2.85 -7.25 2.23
C PHE A 61 -3.23 -7.60 3.67
N LYS A 62 -4.37 -8.26 3.83
CA LYS A 62 -4.85 -8.67 5.14
C LYS A 62 -3.84 -9.56 5.84
N THR A 63 -2.94 -10.14 5.06
CA THR A 63 -1.92 -11.03 5.60
C THR A 63 -0.66 -11.02 4.73
N PRO A 64 0.50 -11.29 5.35
CA PRO A 64 1.79 -11.30 4.65
C PRO A 64 1.92 -12.51 3.73
N GLU A 65 1.42 -13.66 4.19
CA GLU A 65 1.48 -14.88 3.41
C GLU A 65 0.65 -14.76 2.13
N ASP A 66 -0.49 -14.08 2.24
CA ASP A 66 -1.38 -13.89 1.10
C ASP A 66 -0.69 -13.11 -0.02
N ALA A 67 0.09 -12.10 0.38
CA ALA A 67 0.81 -11.28 -0.60
C ALA A 67 1.77 -12.12 -1.42
N GLN A 68 2.33 -13.14 -0.78
CA GLN A 68 3.28 -14.04 -1.45
C GLN A 68 2.63 -14.74 -2.63
N ALA A 69 1.36 -15.12 -2.47
CA ALA A 69 0.62 -15.80 -3.52
C ALA A 69 0.40 -14.92 -4.75
N VAL A 70 0.09 -13.65 -4.52
CA VAL A 70 -0.17 -12.72 -5.62
C VAL A 70 1.09 -12.43 -6.44
N ILE A 71 2.21 -12.22 -5.75
CA ILE A 71 3.47 -11.93 -6.43
C ILE A 71 3.94 -13.12 -7.24
N ASN A 72 3.63 -14.32 -6.75
CA ASN A 72 4.00 -15.54 -7.46
C ASN A 72 3.19 -15.68 -8.73
N ALA A 73 1.91 -15.35 -8.62
CA ALA A 73 0.99 -15.42 -9.75
C ALA A 73 1.17 -14.26 -10.71
N TYR A 74 1.69 -13.15 -10.19
CA TYR A 74 1.91 -11.96 -11.00
C TYR A 74 2.94 -12.17 -12.09
N THR A 75 3.67 -13.27 -12.03
CA THR A 75 4.68 -13.55 -13.04
C THR A 75 4.07 -13.40 -14.43
N GLU A 76 2.82 -13.83 -14.55
CA GLU A 76 2.10 -13.77 -15.82
C GLU A 76 2.18 -12.38 -16.43
N ILE A 77 2.02 -11.35 -15.60
CA ILE A 77 2.06 -9.98 -16.08
C ILE A 77 3.18 -9.79 -17.09
N ASN A 78 4.36 -10.31 -16.77
CA ASN A 78 5.52 -10.19 -17.66
C ASN A 78 5.12 -10.48 -19.11
N LYS A 79 4.17 -11.38 -19.29
CA LYS A 79 3.71 -11.74 -20.62
C LYS A 79 3.22 -10.50 -21.38
N LYS A 80 2.84 -9.48 -20.62
CA LYS A 80 2.35 -8.24 -21.21
C LYS A 80 3.30 -7.09 -20.90
N HIS A 81 3.64 -6.93 -19.63
CA HIS A 81 4.55 -5.88 -19.20
C HIS A 81 5.38 -6.35 -18.00
N CYS A 82 6.69 -6.11 -18.08
CA CYS A 82 7.59 -6.50 -17.00
C CYS A 82 7.26 -5.76 -15.71
N TRP A 83 6.59 -6.44 -14.79
CA TRP A 83 6.20 -5.84 -13.52
C TRP A 83 7.02 -6.39 -12.37
N LYS A 84 7.26 -5.52 -11.39
CA LYS A 84 8.04 -5.88 -10.22
C LYS A 84 7.17 -5.98 -8.96
N LEU A 85 7.38 -7.02 -8.18
CA LEU A 85 6.62 -7.22 -6.94
C LEU A 85 7.54 -7.60 -5.79
N GLU A 86 7.51 -6.78 -4.73
CA GLU A 86 8.33 -7.03 -3.56
C GLU A 86 7.56 -6.75 -2.28
N ILE A 87 7.55 -7.73 -1.38
CA ILE A 87 6.83 -7.59 -0.11
C ILE A 87 7.72 -6.96 0.96
N LEU A 88 7.30 -5.82 1.47
CA LEU A 88 8.05 -5.12 2.51
C LEU A 88 8.09 -5.95 3.78
N SER A 89 9.24 -5.94 4.46
CA SER A 89 9.40 -6.70 5.69
C SER A 89 10.29 -5.97 6.69
N GLY A 90 10.20 -6.38 7.95
CA GLY A 90 11.01 -5.76 8.99
C GLY A 90 10.84 -4.26 9.05
N ASP A 91 11.77 -3.59 9.69
CA ASP A 91 11.72 -2.14 9.81
C ASP A 91 11.23 -1.52 8.50
N HIS A 92 11.52 -2.18 7.40
CA HIS A 92 11.10 -1.71 6.08
C HIS A 92 9.57 -1.71 5.97
N GLU A 93 8.96 -2.80 6.39
CA GLU A 93 7.50 -2.92 6.34
C GLU A 93 6.86 -1.93 7.31
N GLN A 94 7.41 -1.87 8.51
CA GLN A 94 6.92 -0.95 9.54
C GLN A 94 7.13 0.49 9.10
N ARG A 95 8.21 0.72 8.35
CA ARG A 95 8.53 2.05 7.85
C ARG A 95 7.44 2.57 6.92
N TYR A 96 7.09 1.77 5.92
CA TYR A 96 6.05 2.18 4.97
C TYR A 96 4.73 2.45 5.69
N TRP A 97 4.38 1.55 6.62
CA TRP A 97 3.15 1.71 7.38
C TRP A 97 3.19 3.01 8.18
N GLN A 98 4.38 3.36 8.66
CA GLN A 98 4.56 4.58 9.43
C GLN A 98 4.16 5.79 8.58
N LYS A 99 4.55 5.77 7.32
CA LYS A 99 4.22 6.84 6.40
C LYS A 99 2.72 6.94 6.23
N ILE A 100 2.06 5.78 6.16
CA ILE A 100 0.62 5.74 6.01
C ILE A 100 -0.07 6.53 7.11
N LEU A 101 0.17 6.12 8.36
CA LEU A 101 -0.43 6.79 9.51
C LEU A 101 -0.14 8.29 9.47
N VAL A 102 1.14 8.65 9.38
CA VAL A 102 1.54 10.04 9.35
C VAL A 102 0.80 10.81 8.26
N ASP A 103 0.61 10.15 7.11
CA ASP A 103 -0.08 10.79 5.99
C ASP A 103 -1.54 11.07 6.36
N ARG A 104 -2.16 10.13 7.07
CA ARG A 104 -3.54 10.27 7.50
C ARG A 104 -3.69 11.47 8.43
N GLN A 105 -2.71 11.63 9.32
CA GLN A 105 -2.72 12.73 10.27
C GLN A 105 -2.65 14.07 9.53
N ALA A 106 -1.81 14.13 8.50
CA ALA A 106 -1.66 15.34 7.72
C ALA A 106 -2.97 15.70 7.04
N LYS A 107 -3.71 14.68 6.61
CA LYS A 107 -5.00 14.88 5.95
C LYS A 107 -5.97 15.60 6.88
N LEU A 108 -5.88 15.29 8.17
CA LEU A 108 -6.74 15.91 9.17
C LEU A 108 -6.51 17.42 9.23
N ASN A 109 -5.34 17.85 8.76
CA ASN A 109 -4.99 19.27 8.75
C ASN A 109 -5.19 19.88 10.13
N GLN A 110 -6.37 20.45 10.36
CA GLN A 110 -6.69 21.06 11.65
C GLN A 110 -5.60 22.03 12.08
N PRO A 111 -5.77 23.32 11.74
CA PRO A 111 -4.80 24.36 12.10
C PRO A 111 -4.82 24.69 13.59
N ARG A 112 -4.10 23.92 14.37
CA ARG A 112 -4.04 24.12 15.81
C ARG A 112 -5.40 23.83 16.45
N GLU A 113 -5.38 23.33 17.68
CA GLU A 113 -6.61 23.01 18.40
C GLU A 113 -7.55 24.21 18.43
N LYS A 114 -8.83 23.95 18.68
CA LYS A 114 -9.83 25.00 18.74
C LYS A 114 -9.78 25.74 20.07
N LYS A 115 -8.60 26.26 20.40
CA LYS A 115 -8.42 26.99 21.65
C LYS A 115 -7.91 28.40 21.39
N ARG A 116 -8.73 29.39 21.72
CA ARG A 116 -8.37 30.79 21.53
C ARG A 116 -7.73 31.37 22.78
N GLY A 117 -8.56 31.82 23.70
CA GLY A 117 -8.06 32.40 24.93
C GLY A 117 -9.07 32.30 26.07
N THR A 118 -8.59 31.93 27.25
CA THR A 118 -9.46 31.81 28.42
C THR A 118 -9.97 33.17 28.87
N GLU A 119 -9.32 34.23 28.38
CA GLU A 119 -9.71 35.58 28.72
C GLU A 119 -8.96 36.60 27.86
N LYS A 120 -9.24 36.60 26.57
CA LYS A 120 -8.57 37.53 25.65
C LYS A 120 -9.40 38.79 25.47
N LEU A 121 -9.77 39.42 26.57
CA LEU A 121 -10.57 40.63 26.52
C LEU A 121 -11.59 40.59 25.40
N ILE A 122 -12.15 39.40 25.17
CA ILE A 122 -13.14 39.22 24.11
C ILE A 122 -12.54 39.51 22.74
N THR A 123 -13.06 38.83 21.72
CA THR A 123 -12.58 39.01 20.36
C THR A 123 -13.73 39.34 19.41
N LYS A 124 -14.48 38.31 19.05
CA LYS A 124 -15.63 38.49 18.15
C LYS A 124 -15.15 38.87 16.75
N ALA A 125 -15.14 37.89 15.84
CA ALA A 125 -14.72 38.13 14.47
C ALA A 125 -15.48 37.22 13.50
N MET A 1 8.59 0.00 46.00
CA MET A 1 7.87 -0.82 44.97
C MET A 1 6.37 -0.83 45.23
N HIS A 2 5.64 -0.03 44.46
CA HIS A 2 4.19 0.05 44.61
C HIS A 2 3.52 0.42 43.28
N HIS A 3 3.53 1.70 42.95
CA HIS A 3 2.91 2.18 41.71
C HIS A 3 3.80 1.89 40.51
N HIS A 4 3.32 2.29 39.33
CA HIS A 4 4.05 2.09 38.09
C HIS A 4 3.44 2.89 36.96
N HIS A 5 3.90 4.14 36.81
CA HIS A 5 3.39 5.01 35.75
C HIS A 5 4.52 5.73 35.03
N HIS A 6 5.59 4.99 34.73
CA HIS A 6 6.73 5.57 34.04
C HIS A 6 6.79 5.09 32.60
N HIS A 7 6.98 3.78 32.41
CA HIS A 7 7.05 3.20 31.08
C HIS A 7 5.90 2.22 30.86
N SER A 8 4.99 2.57 29.95
CA SER A 8 3.84 1.73 29.66
C SER A 8 4.27 0.28 29.40
N ASN A 9 3.54 -0.66 29.99
CA ASN A 9 3.85 -2.07 29.83
C ASN A 9 2.74 -2.78 29.05
N ALA A 10 1.52 -2.28 29.19
CA ALA A 10 0.37 -2.85 28.50
C ALA A 10 0.42 -2.57 27.01
N THR A 11 1.38 -1.74 26.59
CA THR A 11 1.54 -1.39 25.19
C THR A 11 1.72 -2.64 24.34
N GLY A 12 1.12 -2.63 23.15
CA GLY A 12 1.23 -3.77 22.25
C GLY A 12 1.56 -3.35 20.84
N PRO A 13 2.85 -3.23 20.50
CA PRO A 13 3.29 -2.83 19.16
C PRO A 13 3.05 -3.93 18.13
N GLN A 14 1.79 -4.14 17.79
CA GLN A 14 1.42 -5.16 16.83
C GLN A 14 0.47 -4.60 15.77
N PHE A 15 0.79 -3.41 15.26
CA PHE A 15 -0.02 -2.77 14.25
C PHE A 15 -0.06 -3.59 12.97
N VAL A 16 -1.26 -4.08 12.62
CA VAL A 16 -1.42 -4.88 11.41
C VAL A 16 -0.84 -4.15 10.21
N SER A 17 0.35 -4.57 9.78
CA SER A 17 1.02 -3.94 8.65
C SER A 17 0.37 -4.27 7.30
N GLY A 18 -0.87 -4.77 7.32
CA GLY A 18 -1.57 -5.10 6.08
C GLY A 18 -0.65 -5.51 4.94
N VAL A 19 0.48 -6.14 5.28
CA VAL A 19 1.44 -6.57 4.26
C VAL A 19 1.51 -5.56 3.13
N ILE A 20 2.38 -4.56 3.29
CA ILE A 20 2.54 -3.51 2.29
C ILE A 20 3.25 -4.04 1.05
N VAL A 21 2.48 -4.53 0.10
CA VAL A 21 3.02 -5.07 -1.14
C VAL A 21 3.46 -3.94 -2.07
N LYS A 22 4.77 -3.79 -2.23
CA LYS A 22 5.32 -2.75 -3.10
C LYS A 22 5.37 -3.21 -4.55
N ILE A 23 4.73 -2.44 -5.43
CA ILE A 23 4.73 -2.74 -6.86
C ILE A 23 5.49 -1.67 -7.63
N ILE A 24 6.42 -2.09 -8.47
CA ILE A 24 7.20 -1.16 -9.27
C ILE A 24 7.25 -1.59 -10.73
N SER A 25 7.04 -0.63 -11.63
CA SER A 25 7.05 -0.92 -13.06
C SER A 25 8.08 -0.05 -13.77
N THR A 26 8.00 -0.02 -15.10
CA THR A 26 8.92 0.77 -15.90
C THR A 26 8.18 1.82 -16.72
N GLU A 27 6.86 1.74 -16.71
CA GLU A 27 6.02 2.69 -17.46
C GLU A 27 4.66 2.09 -17.78
N PRO A 28 4.64 0.83 -18.25
CA PRO A 28 3.41 0.13 -18.60
C PRO A 28 2.30 0.35 -17.58
N LEU A 29 2.68 0.66 -16.34
CA LEU A 29 1.71 0.91 -15.28
C LEU A 29 0.51 1.70 -15.81
N PRO A 30 -0.64 1.03 -15.97
CA PRO A 30 -1.86 1.67 -16.49
C PRO A 30 -2.47 2.67 -15.52
N GLY A 31 -2.54 2.29 -14.24
CA GLY A 31 -3.11 3.17 -13.24
C GLY A 31 -3.59 2.42 -12.01
N ARG A 32 -4.13 3.16 -11.04
CA ARG A 32 -4.63 2.56 -9.81
C ARG A 32 -5.78 1.60 -10.09
N LYS A 33 -6.69 2.00 -10.98
CA LYS A 33 -7.83 1.17 -11.33
C LYS A 33 -7.39 -0.15 -11.97
N GLN A 34 -6.39 -0.07 -12.85
CA GLN A 34 -5.87 -1.25 -13.52
C GLN A 34 -4.98 -2.08 -12.60
N VAL A 35 -4.11 -1.40 -11.86
CA VAL A 35 -3.21 -2.08 -10.94
C VAL A 35 -4.00 -2.74 -9.81
N ARG A 36 -4.97 -2.02 -9.28
CA ARG A 36 -5.82 -2.56 -8.21
C ARG A 36 -6.59 -3.76 -8.71
N ASP A 37 -7.13 -3.63 -9.92
CA ASP A 37 -7.89 -4.72 -10.54
C ASP A 37 -7.02 -5.95 -10.69
N THR A 38 -5.76 -5.73 -11.06
CA THR A 38 -4.81 -6.82 -11.23
C THR A 38 -4.55 -7.52 -9.90
N LEU A 39 -3.65 -6.96 -9.10
CA LEU A 39 -3.30 -7.55 -7.81
C LEU A 39 -4.56 -8.03 -7.08
N ALA A 40 -5.61 -7.23 -7.13
CA ALA A 40 -6.87 -7.60 -6.48
C ALA A 40 -7.54 -8.76 -7.19
N ALA A 41 -7.26 -8.91 -8.48
CA ALA A 41 -7.85 -9.99 -9.27
C ALA A 41 -7.22 -11.32 -8.92
N ILE A 42 -5.96 -11.29 -8.48
CA ILE A 42 -5.26 -12.51 -8.10
C ILE A 42 -5.64 -12.97 -6.70
N SER A 43 -5.96 -12.01 -5.83
CA SER A 43 -6.36 -12.30 -4.47
C SER A 43 -7.03 -11.10 -3.81
N GLU A 44 -7.80 -11.36 -2.77
CA GLU A 44 -8.51 -10.30 -2.05
C GLU A 44 -7.53 -9.41 -1.28
N VAL A 45 -7.36 -8.18 -1.75
CA VAL A 45 -6.47 -7.23 -1.10
C VAL A 45 -7.26 -6.16 -0.36
N LEU A 46 -6.68 -5.67 0.73
CA LEU A 46 -7.34 -4.64 1.54
C LEU A 46 -7.56 -3.37 0.71
N TYR A 47 -6.49 -2.61 0.50
CA TYR A 47 -6.58 -1.37 -0.26
C TYR A 47 -5.32 -1.11 -1.07
N VAL A 48 -5.49 -0.59 -2.28
CA VAL A 48 -4.36 -0.29 -3.15
C VAL A 48 -3.92 1.16 -3.01
N ASP A 49 -2.72 1.36 -2.46
CA ASP A 49 -2.18 2.70 -2.27
C ASP A 49 -1.16 3.04 -3.35
N LEU A 50 -1.65 3.52 -4.48
CA LEU A 50 -0.81 3.90 -5.60
C LEU A 50 -0.40 5.37 -5.50
N LEU A 51 0.91 5.64 -5.55
CA LEU A 51 1.39 7.01 -5.47
C LEU A 51 0.88 7.83 -6.65
N GLU A 52 -0.27 8.45 -6.47
CA GLU A 52 -0.90 9.27 -7.50
C GLU A 52 0.16 9.98 -8.36
N GLY A 53 0.06 9.79 -9.67
CA GLY A 53 1.00 10.43 -10.59
C GLY A 53 2.38 9.81 -10.55
N ASP A 54 2.48 8.64 -9.92
CA ASP A 54 3.76 7.94 -9.82
C ASP A 54 3.67 6.54 -10.40
N THR A 55 4.82 5.97 -10.76
CA THR A 55 4.88 4.63 -11.32
C THR A 55 5.11 3.59 -10.23
N GLU A 56 4.96 4.01 -8.97
CA GLU A 56 5.17 3.12 -7.84
C GLU A 56 3.92 3.05 -6.97
N CYS A 57 3.31 1.86 -6.92
CA CYS A 57 2.11 1.65 -6.13
C CYS A 57 2.36 0.64 -5.02
N HIS A 58 1.75 0.86 -3.87
CA HIS A 58 1.92 -0.04 -2.74
C HIS A 58 0.57 -0.48 -2.19
N ALA A 59 0.16 -1.70 -2.56
CA ALA A 59 -1.12 -2.23 -2.12
C ALA A 59 -1.01 -2.93 -0.77
N ARG A 60 -1.95 -2.63 0.11
CA ARG A 60 -2.00 -3.23 1.44
C ARG A 60 -2.84 -4.50 1.41
N PHE A 61 -2.24 -5.62 1.81
CA PHE A 61 -2.93 -6.91 1.82
C PHE A 61 -3.41 -7.24 3.23
N LYS A 62 -4.51 -7.99 3.30
CA LYS A 62 -5.10 -8.38 4.58
C LYS A 62 -4.38 -9.58 5.18
N THR A 63 -3.58 -10.26 4.37
CA THR A 63 -2.85 -11.44 4.84
C THR A 63 -1.51 -11.59 4.12
N PRO A 64 -0.53 -12.21 4.79
CA PRO A 64 0.81 -12.42 4.22
C PRO A 64 0.80 -13.50 3.15
N GLU A 65 0.04 -14.56 3.40
CA GLU A 65 -0.05 -15.68 2.46
C GLU A 65 -0.70 -15.23 1.16
N ASP A 66 -1.65 -14.31 1.26
CA ASP A 66 -2.34 -13.79 0.09
C ASP A 66 -1.38 -13.06 -0.84
N ALA A 67 -0.49 -12.26 -0.25
CA ALA A 67 0.49 -11.50 -1.01
C ALA A 67 1.49 -12.43 -1.70
N GLN A 68 1.89 -13.49 -1.00
CA GLN A 68 2.84 -14.45 -1.54
C GLN A 68 2.33 -15.07 -2.84
N ALA A 69 1.04 -15.38 -2.86
CA ALA A 69 0.42 -16.00 -4.03
C ALA A 69 0.40 -15.05 -5.23
N VAL A 70 0.12 -13.78 -4.99
CA VAL A 70 0.06 -12.78 -6.06
C VAL A 70 1.43 -12.51 -6.67
N ILE A 71 2.44 -12.37 -5.82
CA ILE A 71 3.79 -12.08 -6.29
C ILE A 71 4.36 -13.25 -7.09
N ASN A 72 4.00 -14.46 -6.68
CA ASN A 72 4.47 -15.66 -7.38
C ASN A 72 3.80 -15.75 -8.76
N ALA A 73 2.51 -15.42 -8.78
CA ALA A 73 1.72 -15.45 -10.01
C ALA A 73 2.03 -14.27 -10.92
N TYR A 74 2.53 -13.19 -10.34
CA TYR A 74 2.83 -11.98 -11.09
C TYR A 74 3.91 -12.20 -12.14
N THR A 75 4.61 -13.33 -12.06
CA THR A 75 5.65 -13.62 -13.04
C THR A 75 5.06 -13.52 -14.43
N GLU A 76 3.82 -13.95 -14.56
CA GLU A 76 3.11 -13.94 -15.84
C GLU A 76 2.96 -12.52 -16.39
N ILE A 77 2.68 -11.57 -15.51
CA ILE A 77 2.52 -10.18 -15.94
C ILE A 77 3.52 -9.81 -17.02
N ASN A 78 4.77 -10.23 -16.83
CA ASN A 78 5.83 -9.93 -17.81
C ASN A 78 5.38 -10.28 -19.22
N LYS A 79 4.55 -11.31 -19.34
CA LYS A 79 4.07 -11.75 -20.65
C LYS A 79 3.52 -10.57 -21.44
N LYS A 80 2.87 -9.64 -20.75
CA LYS A 80 2.31 -8.47 -21.40
C LYS A 80 3.10 -7.21 -21.05
N HIS A 81 3.28 -6.97 -19.76
CA HIS A 81 4.03 -5.81 -19.28
C HIS A 81 4.92 -6.18 -18.10
N CYS A 82 6.23 -6.00 -18.27
CA CYS A 82 7.17 -6.30 -17.20
C CYS A 82 6.74 -5.62 -15.91
N TRP A 83 6.58 -6.40 -14.85
CA TRP A 83 6.15 -5.84 -13.58
C TRP A 83 6.89 -6.47 -12.40
N LYS A 84 7.12 -5.66 -11.39
CA LYS A 84 7.82 -6.09 -10.19
C LYS A 84 6.87 -6.17 -9.01
N LEU A 85 6.94 -7.26 -8.25
CA LEU A 85 6.08 -7.44 -7.08
C LEU A 85 6.90 -7.93 -5.89
N GLU A 86 6.95 -7.12 -4.84
CA GLU A 86 7.69 -7.48 -3.64
C GLU A 86 6.91 -7.10 -2.38
N ILE A 87 6.99 -7.94 -1.36
CA ILE A 87 6.30 -7.68 -0.10
C ILE A 87 7.23 -7.03 0.91
N LEU A 88 6.88 -5.83 1.36
CA LEU A 88 7.69 -5.10 2.33
C LEU A 88 7.82 -5.89 3.63
N SER A 89 9.01 -5.84 4.23
CA SER A 89 9.27 -6.57 5.47
C SER A 89 10.28 -5.83 6.35
N GLY A 90 10.32 -6.21 7.62
CA GLY A 90 11.23 -5.59 8.55
C GLY A 90 11.08 -4.09 8.65
N ASP A 91 12.16 -3.41 8.99
CA ASP A 91 12.15 -1.96 9.13
C ASP A 91 11.59 -1.29 7.88
N HIS A 92 11.80 -1.93 6.74
CA HIS A 92 11.30 -1.38 5.48
C HIS A 92 9.77 -1.33 5.47
N GLU A 93 9.14 -2.41 5.90
CA GLU A 93 7.69 -2.46 5.96
C GLU A 93 7.15 -1.50 7.01
N GLN A 94 7.79 -1.53 8.18
CA GLN A 94 7.39 -0.65 9.28
C GLN A 94 7.58 0.81 8.91
N ARG A 95 8.64 1.09 8.16
CA ARG A 95 8.95 2.45 7.73
C ARG A 95 7.82 3.00 6.87
N TYR A 96 7.44 2.24 5.85
CA TYR A 96 6.37 2.66 4.96
C TYR A 96 5.09 2.93 5.74
N TRP A 97 4.78 2.07 6.69
CA TRP A 97 3.59 2.24 7.52
C TRP A 97 3.69 3.54 8.31
N GLN A 98 4.88 3.81 8.84
CA GLN A 98 5.10 5.03 9.61
C GLN A 98 4.64 6.23 8.81
N LYS A 99 4.99 6.25 7.53
CA LYS A 99 4.60 7.33 6.64
C LYS A 99 3.08 7.40 6.51
N ILE A 100 2.45 6.23 6.43
CA ILE A 100 1.00 6.16 6.33
C ILE A 100 0.34 6.76 7.56
N LEU A 101 0.55 6.11 8.70
CA LEU A 101 -0.03 6.55 9.97
C LEU A 101 0.22 8.04 10.17
N VAL A 102 1.49 8.43 10.21
CA VAL A 102 1.86 9.83 10.41
C VAL A 102 1.07 10.74 9.47
N ASP A 103 0.89 10.30 8.24
CA ASP A 103 0.14 11.08 7.26
C ASP A 103 -1.31 11.24 7.68
N ARG A 104 -1.87 10.19 8.28
CA ARG A 104 -3.25 10.21 8.73
C ARG A 104 -3.44 11.28 9.81
N GLN A 105 -2.47 11.37 10.71
CA GLN A 105 -2.53 12.36 11.78
C GLN A 105 -2.50 13.77 11.19
N ALA A 106 -1.64 13.96 10.20
CA ALA A 106 -1.52 15.25 9.54
C ALA A 106 -2.86 15.68 8.95
N LYS A 107 -3.61 14.71 8.45
CA LYS A 107 -4.92 14.98 7.87
C LYS A 107 -5.86 15.58 8.92
N LEU A 108 -5.49 15.42 10.18
CA LEU A 108 -6.29 15.96 11.29
C LEU A 108 -6.40 17.48 11.20
N ASN A 109 -5.32 18.12 10.75
CA ASN A 109 -5.30 19.57 10.62
C ASN A 109 -4.32 19.99 9.52
N GLN A 110 -4.66 21.06 8.82
CA GLN A 110 -3.82 21.56 7.74
C GLN A 110 -3.23 20.41 6.94
N PRO A 111 -3.94 19.98 5.87
CA PRO A 111 -3.48 18.87 5.02
C PRO A 111 -2.22 19.21 4.24
N ARG A 112 -1.07 19.07 4.89
CA ARG A 112 0.21 19.36 4.27
C ARG A 112 0.76 18.12 3.56
N GLU A 113 1.09 18.26 2.29
CA GLU A 113 1.63 17.15 1.51
C GLU A 113 3.13 17.29 1.31
N LYS A 114 3.72 16.32 0.61
CA LYS A 114 5.15 16.33 0.35
C LYS A 114 5.47 15.61 -0.96
N LYS A 115 6.61 15.95 -1.55
CA LYS A 115 7.03 15.34 -2.81
C LYS A 115 8.55 15.29 -2.92
N ARG A 116 9.22 15.08 -1.78
CA ARG A 116 10.67 15.02 -1.76
C ARG A 116 11.18 13.67 -2.23
N GLY A 117 12.47 13.61 -2.55
CA GLY A 117 13.06 12.37 -3.01
C GLY A 117 14.40 12.60 -3.68
N THR A 118 15.34 11.68 -3.46
CA THR A 118 16.67 11.79 -4.03
C THR A 118 17.17 10.45 -4.55
N GLU A 119 17.76 10.45 -5.73
CA GLU A 119 18.29 9.23 -6.33
C GLU A 119 19.64 9.48 -6.98
N LYS A 120 20.53 8.50 -6.90
CA LYS A 120 21.86 8.64 -7.48
C LYS A 120 21.95 7.92 -8.83
N LEU A 121 22.62 8.56 -9.79
CA LEU A 121 22.79 7.98 -11.12
C LEU A 121 24.01 8.58 -11.81
N ILE A 122 25.09 8.76 -11.05
CA ILE A 122 26.32 9.33 -11.60
C ILE A 122 27.07 8.31 -12.44
N THR A 123 27.03 8.51 -13.76
CA THR A 123 27.70 7.61 -14.69
C THR A 123 28.05 8.32 -15.99
N LYS A 124 28.90 7.69 -16.80
CA LYS A 124 29.31 8.27 -18.07
C LYS A 124 28.80 7.43 -19.24
N ALA A 125 28.01 8.06 -20.11
CA ALA A 125 27.47 7.37 -21.28
C ALA A 125 28.57 6.94 -22.23
N MET A 1 -5.84 5.38 43.72
CA MET A 1 -7.14 4.70 43.97
C MET A 1 -7.43 3.67 42.88
N HIS A 2 -6.47 2.77 42.66
CA HIS A 2 -6.62 1.72 41.65
C HIS A 2 -6.15 2.21 40.28
N HIS A 3 -5.50 1.33 39.54
CA HIS A 3 -5.01 1.66 38.20
C HIS A 3 -5.57 0.69 37.17
N HIS A 4 -5.21 -0.58 37.30
CA HIS A 4 -5.68 -1.60 36.38
C HIS A 4 -5.05 -1.43 35.00
N HIS A 5 -3.75 -1.71 34.90
CA HIS A 5 -3.04 -1.59 33.64
C HIS A 5 -2.29 -2.88 33.32
N HIS A 6 -1.70 -3.49 34.34
CA HIS A 6 -0.95 -4.73 34.16
C HIS A 6 0.46 -4.45 33.63
N HIS A 7 1.46 -5.04 34.28
CA HIS A 7 2.85 -4.86 33.87
C HIS A 7 3.23 -5.87 32.79
N SER A 8 2.71 -5.69 31.59
CA SER A 8 3.00 -6.59 30.48
C SER A 8 3.62 -5.83 29.31
N ASN A 9 3.05 -4.67 28.99
CA ASN A 9 3.55 -3.85 27.90
C ASN A 9 2.54 -2.77 27.54
N ALA A 10 3.01 -1.73 26.83
CA ALA A 10 2.14 -0.64 26.41
C ALA A 10 2.60 -0.06 25.08
N THR A 11 3.00 -0.95 24.17
CA THR A 11 3.45 -0.53 22.86
C THR A 11 3.61 -1.73 21.93
N GLY A 12 3.31 -1.52 20.64
CA GLY A 12 3.43 -2.59 19.67
C GLY A 12 2.36 -2.51 18.60
N PRO A 13 2.73 -2.00 17.40
CA PRO A 13 1.80 -1.87 16.28
C PRO A 13 1.09 -3.19 15.95
N GLN A 14 -0.19 -3.10 15.64
CA GLN A 14 -0.97 -4.29 15.31
C GLN A 14 -1.40 -4.28 13.85
N PHE A 15 -0.68 -3.52 13.04
CA PHE A 15 -0.98 -3.42 11.61
C PHE A 15 -0.46 -4.65 10.87
N VAL A 16 -1.31 -5.23 10.03
CA VAL A 16 -0.93 -6.41 9.26
C VAL A 16 0.41 -6.18 8.56
N SER A 17 1.46 -6.69 9.19
CA SER A 17 2.84 -6.55 8.69
C SER A 17 3.10 -7.36 7.42
N GLY A 18 3.96 -6.80 6.57
CA GLY A 18 4.35 -7.46 5.33
C GLY A 18 3.24 -7.62 4.31
N VAL A 19 2.30 -6.67 4.28
CA VAL A 19 1.21 -6.73 3.33
C VAL A 19 1.36 -5.63 2.27
N ILE A 20 2.26 -4.69 2.53
CA ILE A 20 2.51 -3.59 1.62
C ILE A 20 3.41 -4.02 0.47
N VAL A 21 2.79 -4.42 -0.63
CA VAL A 21 3.51 -4.87 -1.80
C VAL A 21 3.89 -3.71 -2.73
N LYS A 22 5.18 -3.39 -2.76
CA LYS A 22 5.68 -2.31 -3.60
C LYS A 22 5.70 -2.76 -5.06
N ILE A 23 5.04 -2.00 -5.92
CA ILE A 23 4.98 -2.31 -7.34
C ILE A 23 5.70 -1.26 -8.17
N ILE A 24 6.61 -1.71 -9.04
CA ILE A 24 7.34 -0.80 -9.91
C ILE A 24 7.31 -1.31 -11.35
N SER A 25 7.02 -0.43 -12.29
CA SER A 25 6.95 -0.82 -13.69
C SER A 25 7.85 0.06 -14.55
N THR A 26 7.61 0.03 -15.85
CA THR A 26 8.39 0.82 -16.80
C THR A 26 7.49 1.66 -17.69
N GLU A 27 6.19 1.57 -17.48
CA GLU A 27 5.22 2.31 -18.29
C GLU A 27 3.83 1.71 -18.18
N PRO A 28 3.72 0.38 -18.37
CA PRO A 28 2.45 -0.32 -18.30
C PRO A 28 1.55 0.20 -17.18
N LEU A 29 2.17 0.60 -16.07
CA LEU A 29 1.42 1.12 -14.93
C LEU A 29 0.29 2.03 -15.40
N PRO A 30 -0.93 1.49 -15.45
CA PRO A 30 -2.13 2.24 -15.88
C PRO A 30 -2.64 3.21 -14.84
N GLY A 31 -2.66 2.78 -13.58
CA GLY A 31 -3.14 3.62 -12.51
C GLY A 31 -3.57 2.82 -11.29
N ARG A 32 -4.03 3.51 -10.25
CA ARG A 32 -4.47 2.85 -9.04
C ARG A 32 -5.67 1.94 -9.32
N LYS A 33 -6.61 2.43 -10.12
CA LYS A 33 -7.80 1.66 -10.46
C LYS A 33 -7.44 0.41 -11.26
N GLN A 34 -6.57 0.57 -12.25
CA GLN A 34 -6.16 -0.55 -13.09
C GLN A 34 -5.16 -1.45 -12.37
N VAL A 35 -4.20 -0.85 -11.68
CA VAL A 35 -3.20 -1.62 -10.95
C VAL A 35 -3.87 -2.40 -9.82
N ARG A 36 -4.81 -1.76 -9.13
CA ARG A 36 -5.53 -2.41 -8.04
C ARG A 36 -6.34 -3.59 -8.58
N ASP A 37 -6.99 -3.40 -9.72
CA ASP A 37 -7.80 -4.44 -10.33
C ASP A 37 -6.93 -5.62 -10.75
N THR A 38 -5.71 -5.34 -11.20
CA THR A 38 -4.79 -6.38 -11.63
C THR A 38 -4.37 -7.26 -10.45
N LEU A 39 -3.78 -6.61 -9.45
CA LEU A 39 -3.34 -7.32 -8.25
C LEU A 39 -4.54 -7.96 -7.56
N ALA A 40 -5.65 -7.22 -7.53
CA ALA A 40 -6.87 -7.71 -6.91
C ALA A 40 -7.44 -8.86 -7.73
N ALA A 41 -7.12 -8.88 -9.02
CA ALA A 41 -7.59 -9.92 -9.92
C ALA A 41 -6.86 -11.23 -9.64
N ILE A 42 -5.62 -11.11 -9.16
CA ILE A 42 -4.83 -12.29 -8.84
C ILE A 42 -5.22 -12.84 -7.46
N SER A 43 -5.60 -11.92 -6.57
CA SER A 43 -6.01 -12.29 -5.23
C SER A 43 -6.81 -11.18 -4.57
N GLU A 44 -7.58 -11.53 -3.55
CA GLU A 44 -8.40 -10.55 -2.84
C GLU A 44 -7.54 -9.63 -1.97
N VAL A 45 -7.38 -8.39 -2.40
CA VAL A 45 -6.59 -7.41 -1.66
C VAL A 45 -7.47 -6.45 -0.88
N LEU A 46 -6.86 -5.74 0.06
CA LEU A 46 -7.59 -4.78 0.88
C LEU A 46 -7.67 -3.43 0.20
N TYR A 47 -6.53 -2.74 0.11
CA TYR A 47 -6.49 -1.42 -0.50
C TYR A 47 -5.16 -1.20 -1.23
N VAL A 48 -5.22 -0.59 -2.40
CA VAL A 48 -4.02 -0.30 -3.19
C VAL A 48 -3.67 1.18 -3.14
N ASP A 49 -2.51 1.48 -2.56
CA ASP A 49 -2.04 2.86 -2.44
C ASP A 49 -1.00 3.19 -3.50
N LEU A 50 -1.47 3.63 -4.66
CA LEU A 50 -0.58 4.00 -5.76
C LEU A 50 -0.16 5.45 -5.65
N LEU A 51 1.14 5.70 -5.71
CA LEU A 51 1.65 7.07 -5.63
C LEU A 51 1.13 7.91 -6.78
N GLU A 52 -0.12 8.35 -6.66
CA GLU A 52 -0.76 9.16 -7.69
C GLU A 52 0.25 10.04 -8.42
N GLY A 53 0.24 9.97 -9.74
CA GLY A 53 1.15 10.77 -10.54
C GLY A 53 2.58 10.25 -10.49
N ASP A 54 2.75 9.06 -9.94
CA ASP A 54 4.08 8.46 -9.84
C ASP A 54 4.17 7.16 -10.64
N THR A 55 5.35 6.55 -10.65
CA THR A 55 5.57 5.31 -11.37
C THR A 55 5.61 4.12 -10.42
N GLU A 56 5.36 4.37 -9.14
CA GLU A 56 5.38 3.30 -8.14
C GLU A 56 4.13 3.33 -7.26
N CYS A 57 3.59 2.15 -6.99
CA CYS A 57 2.40 2.02 -6.16
C CYS A 57 2.62 0.96 -5.08
N HIS A 58 2.07 1.18 -3.90
CA HIS A 58 2.22 0.23 -2.81
C HIS A 58 0.87 -0.32 -2.35
N ALA A 59 0.52 -1.51 -2.84
CA ALA A 59 -0.74 -2.14 -2.48
C ALA A 59 -0.67 -2.82 -1.12
N ARG A 60 -1.65 -2.55 -0.27
CA ARG A 60 -1.70 -3.14 1.06
C ARG A 60 -2.66 -4.33 1.09
N PHE A 61 -2.22 -5.41 1.73
CA PHE A 61 -3.04 -6.61 1.84
C PHE A 61 -3.49 -6.83 3.28
N LYS A 62 -4.68 -7.42 3.45
CA LYS A 62 -5.22 -7.69 4.77
C LYS A 62 -4.40 -8.75 5.49
N THR A 63 -3.61 -9.51 4.73
CA THR A 63 -2.77 -10.56 5.30
C THR A 63 -1.45 -10.67 4.56
N PRO A 64 -0.40 -11.14 5.25
CA PRO A 64 0.93 -11.31 4.66
C PRO A 64 1.00 -12.49 3.70
N GLU A 65 0.32 -13.56 4.05
CA GLU A 65 0.30 -14.76 3.21
C GLU A 65 -0.36 -14.49 1.87
N ASP A 66 -1.41 -13.68 1.89
CA ASP A 66 -2.14 -13.33 0.67
C ASP A 66 -1.20 -12.69 -0.35
N ALA A 67 -0.33 -11.81 0.13
CA ALA A 67 0.62 -11.12 -0.74
C ALA A 67 1.64 -12.11 -1.31
N GLN A 68 2.06 -13.06 -0.50
CA GLN A 68 3.03 -14.06 -0.92
C GLN A 68 2.49 -14.90 -2.08
N ALA A 69 1.23 -15.31 -1.98
CA ALA A 69 0.60 -16.13 -3.00
C ALA A 69 0.47 -15.37 -4.32
N VAL A 70 0.11 -14.09 -4.25
CA VAL A 70 -0.08 -13.27 -5.44
C VAL A 70 1.25 -13.00 -6.16
N ILE A 71 2.30 -12.72 -5.40
CA ILE A 71 3.61 -12.43 -5.99
C ILE A 71 4.14 -13.62 -6.75
N ASN A 72 3.80 -14.81 -6.30
CA ASN A 72 4.23 -16.04 -6.95
C ASN A 72 3.54 -16.17 -8.31
N ALA A 73 2.27 -15.79 -8.33
CA ALA A 73 1.47 -15.85 -9.55
C ALA A 73 1.81 -14.71 -10.49
N TYR A 74 2.36 -13.63 -9.92
CA TYR A 74 2.72 -12.45 -10.70
C TYR A 74 3.60 -12.80 -11.89
N THR A 75 4.21 -13.98 -11.87
CA THR A 75 5.07 -14.39 -12.97
C THR A 75 4.34 -14.16 -14.28
N GLU A 76 3.02 -14.38 -14.25
CA GLU A 76 2.18 -14.21 -15.42
C GLU A 76 2.18 -12.78 -15.93
N ILE A 77 2.55 -11.83 -15.06
CA ILE A 77 2.59 -10.43 -15.44
C ILE A 77 3.60 -10.18 -16.54
N ASN A 78 4.81 -10.72 -16.37
CA ASN A 78 5.87 -10.54 -17.36
C ASN A 78 5.43 -11.00 -18.74
N LYS A 79 4.55 -12.00 -18.77
CA LYS A 79 4.04 -12.53 -20.04
C LYS A 79 3.38 -11.44 -20.87
N LYS A 80 2.77 -10.47 -20.20
CA LYS A 80 2.10 -9.37 -20.88
C LYS A 80 2.94 -8.11 -20.83
N HIS A 81 3.36 -7.73 -19.63
CA HIS A 81 4.18 -6.53 -19.46
C HIS A 81 5.12 -6.69 -18.25
N CYS A 82 6.38 -6.36 -18.45
CA CYS A 82 7.37 -6.47 -17.38
C CYS A 82 6.96 -5.64 -16.17
N TRP A 83 6.52 -6.33 -15.12
CA TRP A 83 6.09 -5.65 -13.90
C TRP A 83 6.80 -6.22 -12.68
N LYS A 84 7.19 -5.32 -11.77
CA LYS A 84 7.88 -5.70 -10.56
C LYS A 84 7.01 -5.53 -9.33
N LEU A 85 6.96 -6.57 -8.48
CA LEU A 85 6.18 -6.51 -7.26
C LEU A 85 6.95 -7.14 -6.09
N GLU A 86 7.39 -6.30 -5.16
CA GLU A 86 8.14 -6.78 -3.99
C GLU A 86 7.36 -6.53 -2.70
N ILE A 87 7.41 -7.48 -1.79
CA ILE A 87 6.70 -7.36 -0.52
C ILE A 87 7.59 -6.75 0.56
N LEU A 88 7.17 -5.61 1.10
CA LEU A 88 7.93 -4.93 2.14
C LEU A 88 8.00 -5.81 3.39
N SER A 89 9.16 -5.85 4.03
CA SER A 89 9.36 -6.66 5.21
C SER A 89 10.26 -5.96 6.23
N GLY A 90 10.18 -6.42 7.48
CA GLY A 90 11.00 -5.83 8.53
C GLY A 90 10.88 -4.33 8.59
N ASP A 91 11.94 -3.68 9.07
CA ASP A 91 11.94 -2.22 9.17
C ASP A 91 11.33 -1.60 7.92
N HIS A 92 11.49 -2.27 6.79
CA HIS A 92 10.94 -1.79 5.53
C HIS A 92 9.42 -1.77 5.55
N GLU A 93 8.82 -2.87 6.02
CA GLU A 93 7.38 -2.95 6.10
C GLU A 93 6.84 -1.98 7.14
N GLN A 94 7.47 -1.97 8.30
CA GLN A 94 7.07 -1.07 9.38
C GLN A 94 7.26 0.39 8.96
N ARG A 95 8.32 0.63 8.19
CA ARG A 95 8.63 1.97 7.71
C ARG A 95 7.49 2.56 6.90
N TYR A 96 7.08 1.83 5.85
CA TYR A 96 5.99 2.30 5.01
C TYR A 96 4.70 2.44 5.81
N TRP A 97 4.42 1.44 6.65
CA TRP A 97 3.23 1.48 7.48
C TRP A 97 3.24 2.68 8.41
N GLN A 98 4.42 2.97 8.96
CA GLN A 98 4.59 4.10 9.85
C GLN A 98 4.16 5.39 9.16
N LYS A 99 4.60 5.53 7.91
CA LYS A 99 4.26 6.71 7.11
C LYS A 99 2.75 6.79 6.91
N ILE A 100 2.12 5.63 6.75
CA ILE A 100 0.68 5.56 6.56
C ILE A 100 -0.06 6.21 7.72
N LEU A 101 0.13 5.65 8.91
CA LEU A 101 -0.51 6.18 10.10
C LEU A 101 -0.31 7.69 10.21
N VAL A 102 0.95 8.12 10.07
CA VAL A 102 1.27 9.54 10.13
C VAL A 102 0.47 10.31 9.08
N ASP A 103 0.33 9.71 7.90
CA ASP A 103 -0.42 10.33 6.83
C ASP A 103 -1.89 10.45 7.21
N ARG A 104 -2.39 9.43 7.89
CA ARG A 104 -3.78 9.41 8.33
C ARG A 104 -4.05 10.55 9.30
N GLN A 105 -3.10 10.78 10.21
CA GLN A 105 -3.24 11.85 11.19
C GLN A 105 -3.29 13.21 10.50
N ALA A 106 -2.45 13.37 9.49
CA ALA A 106 -2.41 14.62 8.73
C ALA A 106 -3.75 14.88 8.05
N LYS A 107 -4.40 13.81 7.60
CA LYS A 107 -5.70 13.93 6.94
C LYS A 107 -6.54 15.02 7.61
N LEU A 108 -6.38 15.17 8.92
CA LEU A 108 -7.12 16.16 9.68
C LEU A 108 -7.20 17.48 8.90
N ASN A 109 -6.12 17.80 8.19
CA ASN A 109 -6.06 19.02 7.40
C ASN A 109 -6.72 18.83 6.04
N GLN A 110 -8.02 19.13 5.98
CA GLN A 110 -8.78 18.99 4.73
C GLN A 110 -8.08 19.70 3.58
N PRO A 111 -7.82 18.98 2.48
CA PRO A 111 -7.17 19.53 1.30
C PRO A 111 -8.13 20.32 0.41
N ARG A 112 -7.66 20.71 -0.77
CA ARG A 112 -8.48 21.47 -1.71
C ARG A 112 -8.79 20.64 -2.95
N GLU A 113 -9.30 21.30 -3.99
CA GLU A 113 -9.64 20.62 -5.23
C GLU A 113 -10.95 19.86 -5.09
N LYS A 114 -12.06 20.58 -5.24
CA LYS A 114 -13.38 19.98 -5.12
C LYS A 114 -13.90 19.52 -6.48
N LYS A 115 -14.95 18.70 -6.47
CA LYS A 115 -15.54 18.19 -7.69
C LYS A 115 -14.46 17.83 -8.71
N ARG A 116 -14.08 16.56 -8.74
CA ARG A 116 -13.06 16.09 -9.67
C ARG A 116 -13.70 15.41 -10.87
N GLY A 117 -14.88 14.82 -10.67
CA GLY A 117 -15.58 14.15 -11.75
C GLY A 117 -16.49 13.05 -11.25
N THR A 118 -15.89 11.99 -10.70
CA THR A 118 -16.66 10.87 -10.19
C THR A 118 -16.43 10.68 -8.69
N GLU A 119 -17.09 11.51 -7.88
CA GLU A 119 -16.96 11.43 -6.43
C GLU A 119 -16.96 9.98 -5.96
N LYS A 120 -16.20 9.71 -4.90
CA LYS A 120 -16.11 8.36 -4.36
C LYS A 120 -16.30 8.36 -2.85
N LEU A 121 -17.31 7.64 -2.38
CA LEU A 121 -17.60 7.57 -0.95
C LEU A 121 -17.08 6.27 -0.36
N ILE A 122 -16.79 6.27 0.94
CA ILE A 122 -16.28 5.09 1.62
C ILE A 122 -17.40 4.11 1.94
N THR A 123 -17.08 3.05 2.66
CA THR A 123 -18.06 2.03 3.04
C THR A 123 -19.41 2.67 3.34
N LYS A 124 -20.46 1.85 3.27
CA LYS A 124 -21.81 2.33 3.53
C LYS A 124 -22.52 1.43 4.54
N ALA A 125 -22.35 1.74 5.82
CA ALA A 125 -22.97 0.95 6.88
C ALA A 125 -23.52 1.86 7.98
N MET A 1 25.22 -7.42 22.14
CA MET A 1 25.16 -8.49 21.11
C MET A 1 24.61 -9.79 21.71
N HIS A 2 23.75 -10.47 20.95
CA HIS A 2 23.17 -11.72 21.40
C HIS A 2 22.03 -12.16 20.47
N HIS A 3 20.85 -11.58 20.68
CA HIS A 3 19.69 -11.90 19.85
C HIS A 3 19.22 -13.33 20.14
N HIS A 4 19.02 -13.64 21.41
CA HIS A 4 18.57 -14.98 21.81
C HIS A 4 17.93 -14.94 23.19
N HIS A 5 17.05 -13.95 23.40
CA HIS A 5 16.38 -13.81 24.69
C HIS A 5 15.31 -12.71 24.62
N HIS A 6 14.68 -12.45 25.76
CA HIS A 6 13.64 -11.42 25.84
C HIS A 6 14.03 -10.35 26.84
N HIS A 7 14.22 -9.13 26.36
CA HIS A 7 14.60 -8.01 27.24
C HIS A 7 14.09 -6.70 26.67
N SER A 8 14.26 -6.50 25.37
CA SER A 8 13.81 -5.27 24.72
C SER A 8 12.73 -5.57 23.68
N ASN A 9 11.50 -5.77 24.14
CA ASN A 9 10.38 -6.06 23.25
C ASN A 9 9.46 -4.86 23.13
N ALA A 10 9.97 -3.78 22.55
CA ALA A 10 9.19 -2.56 22.38
C ALA A 10 9.15 -2.14 20.91
N THR A 11 8.90 -3.09 20.02
CA THR A 11 8.83 -2.82 18.60
C THR A 11 7.41 -2.96 18.08
N GLY A 12 6.46 -2.34 18.77
CA GLY A 12 5.07 -2.41 18.35
C GLY A 12 4.58 -3.84 18.20
N PRO A 13 3.76 -4.33 19.13
CA PRO A 13 3.22 -5.69 19.09
C PRO A 13 2.22 -5.89 17.96
N GLN A 14 2.62 -6.64 16.94
CA GLN A 14 1.76 -6.92 15.80
C GLN A 14 0.90 -5.72 15.44
N PHE A 15 1.50 -4.73 14.79
CA PHE A 15 0.77 -3.53 14.39
C PHE A 15 0.16 -3.69 13.00
N VAL A 16 -0.59 -4.79 12.81
CA VAL A 16 -1.23 -5.08 11.53
C VAL A 16 -0.53 -4.39 10.37
N SER A 17 0.55 -5.00 9.89
CA SER A 17 1.33 -4.43 8.78
C SER A 17 0.60 -4.54 7.43
N GLY A 18 -0.71 -4.79 7.44
CA GLY A 18 -1.47 -4.89 6.20
C GLY A 18 -0.66 -5.42 5.03
N VAL A 19 0.31 -6.28 5.30
CA VAL A 19 1.16 -6.85 4.26
C VAL A 19 1.38 -5.86 3.13
N ILE A 20 2.41 -5.03 3.25
CA ILE A 20 2.72 -4.04 2.23
C ILE A 20 3.29 -4.70 0.98
N VAL A 21 2.66 -4.43 -0.16
CA VAL A 21 3.11 -4.98 -1.44
C VAL A 21 3.63 -3.87 -2.35
N LYS A 22 4.94 -3.67 -2.35
CA LYS A 22 5.55 -2.63 -3.18
C LYS A 22 5.54 -3.03 -4.66
N ILE A 23 4.79 -2.27 -5.45
CA ILE A 23 4.71 -2.52 -6.89
C ILE A 23 5.37 -1.40 -7.67
N ILE A 24 6.32 -1.75 -8.52
CA ILE A 24 7.01 -0.77 -9.33
C ILE A 24 7.06 -1.23 -10.79
N SER A 25 6.73 -0.33 -11.71
CA SER A 25 6.73 -0.67 -13.13
C SER A 25 7.77 0.14 -13.90
N THR A 26 7.74 0.01 -15.21
CA THR A 26 8.66 0.73 -16.07
C THR A 26 7.93 1.80 -16.88
N GLU A 27 6.60 1.70 -16.92
CA GLU A 27 5.77 2.64 -17.64
C GLU A 27 4.43 2.01 -18.02
N PRO A 28 4.48 0.77 -18.53
CA PRO A 28 3.27 0.04 -18.93
C PRO A 28 2.13 0.17 -17.92
N LEU A 29 2.48 0.42 -16.67
CA LEU A 29 1.47 0.56 -15.61
C LEU A 29 0.24 1.30 -16.15
N PRO A 30 -0.87 0.57 -16.35
CA PRO A 30 -2.12 1.15 -16.87
C PRO A 30 -2.70 2.21 -15.95
N GLY A 31 -2.70 1.93 -14.65
CA GLY A 31 -3.24 2.88 -13.69
C GLY A 31 -3.78 2.19 -12.45
N ARG A 32 -4.40 2.97 -11.57
CA ARG A 32 -4.96 2.42 -10.33
C ARG A 32 -6.07 1.43 -10.64
N LYS A 33 -6.91 1.77 -11.62
CA LYS A 33 -8.03 0.92 -12.01
C LYS A 33 -7.55 -0.44 -12.51
N GLN A 34 -6.51 -0.44 -13.33
CA GLN A 34 -5.97 -1.68 -13.88
C GLN A 34 -5.11 -2.41 -12.85
N VAL A 35 -4.27 -1.67 -12.15
CA VAL A 35 -3.40 -2.26 -11.14
C VAL A 35 -4.23 -2.86 -10.01
N ARG A 36 -5.23 -2.10 -9.57
CA ARG A 36 -6.12 -2.55 -8.50
C ARG A 36 -6.91 -3.77 -8.97
N ASP A 37 -7.41 -3.72 -10.20
CA ASP A 37 -8.17 -4.82 -10.77
C ASP A 37 -7.31 -6.08 -10.86
N THR A 38 -6.04 -5.89 -11.21
CA THR A 38 -5.10 -7.00 -11.32
C THR A 38 -4.88 -7.66 -9.95
N LEU A 39 -4.04 -7.04 -9.14
CA LEU A 39 -3.74 -7.58 -7.82
C LEU A 39 -5.01 -8.06 -7.14
N ALA A 40 -6.09 -7.30 -7.26
CA ALA A 40 -7.36 -7.66 -6.65
C ALA A 40 -7.96 -8.88 -7.34
N ALA A 41 -7.62 -9.05 -8.63
CA ALA A 41 -8.13 -10.16 -9.41
C ALA A 41 -7.54 -11.48 -8.93
N ILE A 42 -6.32 -11.40 -8.39
CA ILE A 42 -5.64 -12.60 -7.88
C ILE A 42 -6.14 -12.96 -6.49
N SER A 43 -6.53 -11.95 -5.71
CA SER A 43 -7.02 -12.17 -4.36
C SER A 43 -7.66 -10.90 -3.80
N GLU A 44 -8.27 -11.02 -2.62
CA GLU A 44 -8.92 -9.87 -1.98
C GLU A 44 -7.90 -9.03 -1.22
N VAL A 45 -7.66 -7.80 -1.71
CA VAL A 45 -6.71 -6.90 -1.07
C VAL A 45 -7.41 -6.02 -0.04
N LEU A 46 -6.61 -5.46 0.87
CA LEU A 46 -7.15 -4.59 1.92
C LEU A 46 -7.26 -3.15 1.42
N TYR A 47 -6.36 -2.77 0.51
CA TYR A 47 -6.35 -1.44 -0.06
C TYR A 47 -5.10 -1.21 -0.91
N VAL A 48 -5.30 -0.79 -2.16
CA VAL A 48 -4.19 -0.55 -3.07
C VAL A 48 -3.93 0.94 -3.23
N ASP A 49 -2.77 1.40 -2.74
CA ASP A 49 -2.39 2.80 -2.83
C ASP A 49 -1.44 3.02 -4.00
N LEU A 50 -1.74 4.04 -4.81
CA LEU A 50 -0.90 4.35 -5.97
C LEU A 50 -0.53 5.83 -5.99
N LEU A 51 0.75 6.14 -6.15
CA LEU A 51 1.20 7.52 -6.20
C LEU A 51 0.69 8.20 -7.47
N GLU A 52 -0.54 8.68 -7.42
CA GLU A 52 -1.16 9.35 -8.57
C GLU A 52 -0.12 10.04 -9.45
N GLY A 53 -0.09 9.66 -10.73
CA GLY A 53 0.85 10.25 -11.66
C GLY A 53 2.25 9.67 -11.53
N ASP A 54 2.41 8.73 -10.62
CA ASP A 54 3.71 8.09 -10.40
C ASP A 54 3.67 6.62 -10.79
N THR A 55 4.86 6.07 -11.07
CA THR A 55 4.98 4.66 -11.46
C THR A 55 5.24 3.78 -10.25
N GLU A 56 5.04 4.32 -9.05
CA GLU A 56 5.27 3.57 -7.83
C GLU A 56 3.98 3.44 -7.01
N CYS A 57 3.51 2.21 -6.85
CA CYS A 57 2.30 1.95 -6.09
C CYS A 57 2.56 0.90 -5.01
N HIS A 58 1.89 1.05 -3.87
CA HIS A 58 2.04 0.12 -2.76
C HIS A 58 0.68 -0.39 -2.30
N ALA A 59 0.38 -1.65 -2.62
CA ALA A 59 -0.90 -2.24 -2.24
C ALA A 59 -0.81 -3.04 -0.94
N ARG A 60 -1.62 -2.64 0.04
CA ARG A 60 -1.67 -3.30 1.33
C ARG A 60 -2.66 -4.45 1.29
N PHE A 61 -2.34 -5.54 1.98
CA PHE A 61 -3.21 -6.70 2.02
C PHE A 61 -3.58 -7.06 3.47
N LYS A 62 -4.72 -7.71 3.64
CA LYS A 62 -5.19 -8.10 4.95
C LYS A 62 -4.50 -9.39 5.42
N THR A 63 -3.95 -10.14 4.48
CA THR A 63 -3.26 -11.39 4.80
C THR A 63 -1.94 -11.50 4.04
N PRO A 64 -0.98 -12.23 4.62
CA PRO A 64 0.33 -12.43 4.00
C PRO A 64 0.29 -13.38 2.81
N GLU A 65 -0.59 -14.37 2.89
CA GLU A 65 -0.73 -15.35 1.82
C GLU A 65 -1.25 -14.70 0.54
N ASP A 66 -2.18 -13.77 0.68
CA ASP A 66 -2.75 -13.08 -0.46
C ASP A 66 -1.68 -12.31 -1.23
N ALA A 67 -0.83 -11.60 -0.49
CA ALA A 67 0.25 -10.83 -1.10
C ALA A 67 1.29 -11.76 -1.74
N GLN A 68 1.62 -12.82 -1.02
CA GLN A 68 2.60 -13.79 -1.50
C GLN A 68 2.13 -14.47 -2.78
N ALA A 69 0.84 -14.82 -2.82
CA ALA A 69 0.28 -15.48 -3.98
C ALA A 69 0.25 -14.56 -5.20
N VAL A 70 -0.08 -13.29 -4.99
CA VAL A 70 -0.14 -12.33 -6.10
C VAL A 70 1.25 -12.02 -6.66
N ILE A 71 2.21 -11.83 -5.77
CA ILE A 71 3.57 -11.52 -6.20
C ILE A 71 4.21 -12.70 -6.93
N ASN A 72 3.91 -13.91 -6.45
CA ASN A 72 4.43 -15.11 -7.07
C ASN A 72 3.78 -15.35 -8.43
N ALA A 73 2.46 -15.13 -8.48
CA ALA A 73 1.69 -15.33 -9.71
C ALA A 73 1.90 -14.18 -10.69
N TYR A 74 2.24 -13.01 -10.16
CA TYR A 74 2.43 -11.82 -11.00
C TYR A 74 3.55 -12.00 -12.01
N THR A 75 4.34 -13.04 -11.86
CA THR A 75 5.42 -13.29 -12.80
C THR A 75 4.87 -13.27 -14.22
N GLU A 76 3.65 -13.78 -14.37
CA GLU A 76 2.99 -13.85 -15.66
C GLU A 76 2.88 -12.46 -16.29
N ILE A 77 2.77 -11.44 -15.46
CA ILE A 77 2.65 -10.06 -15.95
C ILE A 77 3.72 -9.79 -17.01
N ASN A 78 4.95 -10.18 -16.72
CA ASN A 78 6.06 -9.97 -17.64
C ASN A 78 5.68 -10.38 -19.06
N LYS A 79 4.82 -11.40 -19.16
CA LYS A 79 4.37 -11.88 -20.47
C LYS A 79 3.94 -10.73 -21.36
N LYS A 80 3.47 -9.65 -20.74
CA LYS A 80 3.03 -8.47 -21.47
C LYS A 80 3.85 -7.25 -21.06
N HIS A 81 4.13 -7.14 -19.76
CA HIS A 81 4.91 -6.03 -19.24
C HIS A 81 5.66 -6.46 -17.97
N CYS A 82 6.94 -6.12 -17.92
CA CYS A 82 7.78 -6.48 -16.78
C CYS A 82 7.36 -5.70 -15.54
N TRP A 83 6.67 -6.38 -14.62
CA TRP A 83 6.21 -5.76 -13.38
C TRP A 83 7.00 -6.26 -12.19
N LYS A 84 7.20 -5.38 -11.23
CA LYS A 84 7.95 -5.70 -10.02
C LYS A 84 7.04 -5.79 -8.80
N LEU A 85 7.21 -6.85 -8.02
CA LEU A 85 6.41 -7.04 -6.81
C LEU A 85 7.29 -7.51 -5.66
N GLU A 86 7.29 -6.73 -4.58
CA GLU A 86 8.10 -7.06 -3.41
C GLU A 86 7.32 -6.79 -2.12
N ILE A 87 7.44 -7.71 -1.16
CA ILE A 87 6.76 -7.55 0.12
C ILE A 87 7.69 -6.92 1.15
N LEU A 88 7.33 -5.73 1.61
CA LEU A 88 8.12 -5.01 2.59
C LEU A 88 8.30 -5.84 3.86
N SER A 89 9.50 -5.78 4.44
CA SER A 89 9.80 -6.54 5.65
C SER A 89 10.77 -5.76 6.55
N GLY A 90 10.81 -6.16 7.82
CA GLY A 90 11.69 -5.50 8.77
C GLY A 90 11.55 -4.00 8.75
N ASP A 91 12.60 -3.29 9.15
CA ASP A 91 12.59 -1.85 9.17
C ASP A 91 11.94 -1.29 7.92
N HIS A 92 12.06 -2.02 6.81
CA HIS A 92 11.47 -1.59 5.55
C HIS A 92 9.95 -1.54 5.65
N GLU A 93 9.36 -2.60 6.19
CA GLU A 93 7.92 -2.68 6.36
C GLU A 93 7.46 -1.68 7.41
N GLN A 94 8.18 -1.64 8.52
CA GLN A 94 7.85 -0.74 9.62
C GLN A 94 7.96 0.72 9.19
N ARG A 95 8.99 1.03 8.41
CA ARG A 95 9.21 2.39 7.93
C ARG A 95 8.03 2.87 7.08
N TYR A 96 7.69 2.10 6.06
CA TYR A 96 6.58 2.45 5.18
C TYR A 96 5.30 2.67 5.97
N TRP A 97 5.04 1.77 6.92
CA TRP A 97 3.86 1.89 7.75
C TRP A 97 3.90 3.17 8.58
N GLN A 98 5.08 3.49 9.10
CA GLN A 98 5.25 4.70 9.88
C GLN A 98 4.69 5.89 9.11
N LYS A 99 5.00 5.95 7.83
CA LYS A 99 4.53 7.02 6.97
C LYS A 99 3.00 6.99 6.90
N ILE A 100 2.44 5.79 6.81
CA ILE A 100 0.99 5.63 6.74
C ILE A 100 0.33 6.11 8.03
N LEU A 101 0.60 5.39 9.12
CA LEU A 101 0.04 5.73 10.42
C LEU A 101 0.23 7.21 10.73
N VAL A 102 1.44 7.71 10.51
CA VAL A 102 1.74 9.11 10.78
C VAL A 102 0.94 10.03 9.86
N ASP A 103 0.79 9.64 8.60
CA ASP A 103 0.04 10.43 7.65
C ASP A 103 -1.43 10.51 8.04
N ARG A 104 -1.97 9.39 8.52
CA ARG A 104 -3.36 9.34 8.94
C ARG A 104 -3.61 10.28 10.12
N GLN A 105 -2.68 10.29 11.06
CA GLN A 105 -2.79 11.14 12.23
C GLN A 105 -2.79 12.62 11.84
N ALA A 106 -1.92 12.97 10.90
CA ALA A 106 -1.82 14.35 10.43
C ALA A 106 -3.11 14.78 9.75
N LYS A 107 -3.77 13.84 9.08
CA LYS A 107 -5.03 14.13 8.41
C LYS A 107 -6.10 14.59 9.39
N LEU A 108 -5.91 14.26 10.66
CA LEU A 108 -6.86 14.63 11.70
C LEU A 108 -7.10 16.15 11.71
N ASN A 109 -6.07 16.91 11.34
CA ASN A 109 -6.18 18.37 11.32
C ASN A 109 -5.95 18.92 9.91
N GLN A 110 -6.38 20.15 9.70
CA GLN A 110 -6.22 20.80 8.40
C GLN A 110 -6.56 22.28 8.49
N PRO A 111 -5.62 23.09 9.02
CA PRO A 111 -5.81 24.54 9.17
C PRO A 111 -6.02 25.23 7.82
N ARG A 112 -7.19 25.03 7.23
CA ARG A 112 -7.51 25.63 5.94
C ARG A 112 -8.24 26.97 6.14
N GLU A 113 -7.48 28.00 6.49
CA GLU A 113 -8.05 29.32 6.70
C GLU A 113 -7.73 30.25 5.53
N LYS A 114 -8.22 29.90 4.35
CA LYS A 114 -8.00 30.69 3.15
C LYS A 114 -9.26 31.42 2.72
N LYS A 115 -10.17 31.64 3.68
CA LYS A 115 -11.42 32.32 3.40
C LYS A 115 -12.07 31.78 2.13
N ARG A 116 -11.74 32.39 1.00
CA ARG A 116 -12.28 31.97 -0.29
C ARG A 116 -11.68 30.64 -0.72
N GLY A 117 -12.53 29.70 -1.11
CA GLY A 117 -12.06 28.39 -1.54
C GLY A 117 -13.07 27.29 -1.29
N THR A 118 -12.83 26.48 -0.26
CA THR A 118 -13.72 25.39 0.08
C THR A 118 -14.14 25.47 1.55
N GLU A 119 -14.93 24.50 1.98
CA GLU A 119 -15.40 24.45 3.36
C GLU A 119 -15.14 23.08 3.98
N LYS A 120 -15.81 22.79 5.09
CA LYS A 120 -15.64 21.52 5.77
C LYS A 120 -17.00 20.94 6.20
N LEU A 121 -18.06 21.49 5.63
CA LEU A 121 -19.41 21.03 5.94
C LEU A 121 -19.54 19.52 5.75
N ILE A 122 -20.62 18.96 6.26
CA ILE A 122 -20.86 17.53 6.13
C ILE A 122 -22.24 17.26 5.52
N THR A 123 -22.50 16.00 5.20
CA THR A 123 -23.78 15.62 4.61
C THR A 123 -24.18 16.59 3.50
N LYS A 124 -25.40 16.44 2.99
CA LYS A 124 -25.90 17.30 1.94
C LYS A 124 -26.41 18.62 2.51
N ALA A 125 -25.51 19.36 3.15
CA ALA A 125 -25.87 20.64 3.75
C ALA A 125 -26.86 20.45 4.90
N MET A 1 17.82 9.09 42.41
CA MET A 1 17.86 8.35 41.12
C MET A 1 16.47 7.84 40.75
N HIS A 2 15.79 8.58 39.87
CA HIS A 2 14.45 8.19 39.43
C HIS A 2 14.16 8.75 38.04
N HIS A 3 14.36 10.04 37.86
CA HIS A 3 14.11 10.69 36.58
C HIS A 3 12.67 10.50 36.14
N HIS A 4 12.32 11.07 34.99
CA HIS A 4 10.96 10.96 34.47
C HIS A 4 10.97 10.46 33.02
N HIS A 5 11.69 9.37 32.78
CA HIS A 5 11.77 8.80 31.44
C HIS A 5 10.95 7.52 31.36
N HIS A 6 11.25 6.68 30.37
CA HIS A 6 10.54 5.43 30.18
C HIS A 6 11.37 4.44 29.37
N HIS A 7 10.88 3.21 29.26
CA HIS A 7 11.58 2.16 28.52
C HIS A 7 10.63 1.44 27.56
N SER A 8 11.13 1.14 26.37
CA SER A 8 10.33 0.45 25.36
C SER A 8 8.98 1.14 25.17
N ASN A 9 7.98 0.69 25.94
CA ASN A 9 6.63 1.26 25.84
C ASN A 9 5.85 0.64 24.70
N ALA A 10 6.31 0.90 23.48
CA ALA A 10 5.67 0.36 22.28
C ALA A 10 4.34 1.05 22.02
N THR A 11 4.22 1.69 20.87
CA THR A 11 3.00 2.38 20.49
C THR A 11 2.12 1.52 19.59
N GLY A 12 2.16 0.21 19.84
CA GLY A 12 1.37 -0.71 19.04
C GLY A 12 1.95 -2.11 19.04
N PRO A 13 1.68 -2.89 20.10
CA PRO A 13 2.19 -4.26 20.21
C PRO A 13 1.89 -5.09 18.98
N GLN A 14 2.88 -5.19 18.08
CA GLN A 14 2.73 -5.95 16.85
C GLN A 14 1.65 -5.34 15.96
N PHE A 15 1.92 -4.14 15.45
CA PHE A 15 0.98 -3.45 14.58
C PHE A 15 0.82 -4.19 13.26
N VAL A 16 -0.39 -4.69 13.00
CA VAL A 16 -0.68 -5.42 11.77
C VAL A 16 -0.30 -4.58 10.55
N SER A 17 0.81 -4.94 9.91
CA SER A 17 1.28 -4.21 8.73
C SER A 17 0.42 -4.47 7.48
N GLY A 18 -0.80 -4.96 7.65
CA GLY A 18 -1.66 -5.22 6.51
C GLY A 18 -0.91 -5.62 5.26
N VAL A 19 0.23 -6.28 5.43
CA VAL A 19 1.06 -6.73 4.32
C VAL A 19 1.14 -5.67 3.21
N ILE A 20 2.26 -4.96 3.15
CA ILE A 20 2.48 -3.93 2.14
C ILE A 20 3.19 -4.54 0.92
N VAL A 21 2.62 -4.36 -0.25
CA VAL A 21 3.20 -4.87 -1.48
C VAL A 21 3.67 -3.74 -2.39
N LYS A 22 4.97 -3.71 -2.67
CA LYS A 22 5.53 -2.68 -3.53
C LYS A 22 5.50 -3.09 -4.99
N ILE A 23 4.75 -2.36 -5.80
CA ILE A 23 4.65 -2.66 -7.23
C ILE A 23 5.30 -1.55 -8.06
N ILE A 24 6.28 -1.93 -8.86
CA ILE A 24 6.98 -0.98 -9.71
C ILE A 24 7.06 -1.50 -11.14
N SER A 25 6.74 -0.65 -12.11
CA SER A 25 6.77 -1.04 -13.51
C SER A 25 7.99 -0.48 -14.22
N THR A 26 8.15 -0.86 -15.48
CA THR A 26 9.27 -0.41 -16.28
C THR A 26 8.92 0.87 -17.03
N GLU A 27 7.64 1.20 -17.08
CA GLU A 27 7.18 2.39 -17.76
C GLU A 27 5.70 2.29 -18.12
N PRO A 28 5.30 1.16 -18.73
CA PRO A 28 3.92 0.92 -19.14
C PRO A 28 3.04 0.38 -18.00
N LEU A 29 2.96 1.15 -16.91
CA LEU A 29 2.16 0.76 -15.76
C LEU A 29 0.69 1.02 -16.03
N PRO A 30 -0.16 -0.01 -15.91
CA PRO A 30 -1.60 0.13 -16.13
C PRO A 30 -2.19 1.36 -15.44
N GLY A 31 -1.98 1.45 -14.14
CA GLY A 31 -2.50 2.57 -13.37
C GLY A 31 -3.32 2.11 -12.18
N ARG A 32 -3.19 2.82 -11.06
CA ARG A 32 -3.91 2.47 -9.84
C ARG A 32 -5.24 1.79 -10.13
N LYS A 33 -5.98 2.31 -11.11
CA LYS A 33 -7.27 1.71 -11.47
C LYS A 33 -7.08 0.30 -12.01
N GLN A 34 -6.11 0.14 -12.91
CA GLN A 34 -5.81 -1.16 -13.49
C GLN A 34 -4.96 -2.00 -12.54
N VAL A 35 -3.97 -1.37 -11.93
CA VAL A 35 -3.11 -2.06 -10.99
C VAL A 35 -3.93 -2.65 -9.86
N ARG A 36 -4.85 -1.84 -9.33
CA ARG A 36 -5.74 -2.28 -8.26
C ARG A 36 -6.63 -3.42 -8.73
N ASP A 37 -7.21 -3.26 -9.92
CA ASP A 37 -8.09 -4.28 -10.48
C ASP A 37 -7.33 -5.58 -10.70
N THR A 38 -6.08 -5.45 -11.16
CA THR A 38 -5.23 -6.61 -11.41
C THR A 38 -4.98 -7.38 -10.12
N LEU A 39 -4.07 -6.87 -9.31
CA LEU A 39 -3.72 -7.53 -8.05
C LEU A 39 -4.96 -8.06 -7.34
N ALA A 40 -6.04 -7.29 -7.35
CA ALA A 40 -7.27 -7.72 -6.70
C ALA A 40 -7.91 -8.88 -7.45
N ALA A 41 -7.65 -8.97 -8.75
CA ALA A 41 -8.21 -10.04 -9.57
C ALA A 41 -7.51 -11.36 -9.28
N ILE A 42 -6.24 -11.28 -8.89
CA ILE A 42 -5.47 -12.48 -8.59
C ILE A 42 -5.76 -12.98 -7.18
N SER A 43 -6.06 -12.04 -6.28
CA SER A 43 -6.37 -12.38 -4.90
C SER A 43 -7.14 -11.26 -4.21
N GLU A 44 -7.90 -11.61 -3.18
CA GLU A 44 -8.68 -10.63 -2.44
C GLU A 44 -7.78 -9.71 -1.63
N VAL A 45 -7.65 -8.47 -2.08
CA VAL A 45 -6.81 -7.48 -1.40
C VAL A 45 -7.66 -6.52 -0.58
N LEU A 46 -7.00 -5.78 0.31
CA LEU A 46 -7.69 -4.81 1.14
C LEU A 46 -7.80 -3.46 0.45
N TYR A 47 -6.66 -2.79 0.28
CA TYR A 47 -6.64 -1.49 -0.37
C TYR A 47 -5.30 -1.24 -1.07
N VAL A 48 -5.37 -0.60 -2.23
CA VAL A 48 -4.17 -0.29 -3.01
C VAL A 48 -3.80 1.19 -2.86
N ASP A 49 -2.62 1.44 -2.31
CA ASP A 49 -2.16 2.82 -2.13
C ASP A 49 -1.11 3.19 -3.19
N LEU A 50 -1.59 3.68 -4.33
CA LEU A 50 -0.70 4.08 -5.41
C LEU A 50 -0.39 5.57 -5.33
N LEU A 51 0.90 5.91 -5.40
CA LEU A 51 1.32 7.31 -5.34
C LEU A 51 0.71 8.11 -6.48
N GLU A 52 -0.37 8.83 -6.18
CA GLU A 52 -1.06 9.64 -7.17
C GLU A 52 -0.08 10.27 -8.16
N GLY A 53 -0.17 9.86 -9.42
CA GLY A 53 0.71 10.40 -10.44
C GLY A 53 2.09 9.79 -10.43
N ASP A 54 2.25 8.68 -9.71
CA ASP A 54 3.54 8.01 -9.62
C ASP A 54 3.48 6.61 -10.23
N THR A 55 4.61 6.16 -10.76
CA THR A 55 4.70 4.84 -11.37
C THR A 55 4.94 3.75 -10.33
N GLU A 56 4.74 4.10 -9.06
CA GLU A 56 4.94 3.14 -7.97
C GLU A 56 3.71 3.08 -7.07
N CYS A 57 3.25 1.87 -6.79
CA CYS A 57 2.08 1.68 -5.95
C CYS A 57 2.37 0.67 -4.85
N HIS A 58 1.73 0.87 -3.69
CA HIS A 58 1.92 -0.02 -2.55
C HIS A 58 0.57 -0.52 -2.04
N ALA A 59 0.21 -1.75 -2.41
CA ALA A 59 -1.07 -2.34 -2.01
C ALA A 59 -0.97 -3.05 -0.67
N ARG A 60 -1.95 -2.82 0.18
CA ARG A 60 -2.02 -3.44 1.49
C ARG A 60 -2.95 -4.65 1.46
N PHE A 61 -2.50 -5.76 2.02
CA PHE A 61 -3.29 -6.99 2.06
C PHE A 61 -3.72 -7.32 3.48
N LYS A 62 -4.79 -8.10 3.61
CA LYS A 62 -5.31 -8.50 4.91
C LYS A 62 -4.56 -9.70 5.47
N THR A 63 -3.87 -10.44 4.60
CA THR A 63 -3.11 -11.61 5.02
C THR A 63 -1.77 -11.69 4.30
N PRO A 64 -0.77 -12.30 4.96
CA PRO A 64 0.58 -12.45 4.39
C PRO A 64 0.62 -13.47 3.26
N GLU A 65 -0.10 -14.57 3.41
CA GLU A 65 -0.13 -15.61 2.40
C GLU A 65 -0.73 -15.08 1.10
N ASP A 66 -1.73 -14.22 1.22
CA ASP A 66 -2.40 -13.64 0.06
C ASP A 66 -1.43 -12.79 -0.76
N ALA A 67 -0.59 -12.02 -0.08
CA ALA A 67 0.37 -11.16 -0.76
C ALA A 67 1.42 -11.99 -1.52
N GLN A 68 1.90 -13.04 -0.86
CA GLN A 68 2.90 -13.91 -1.47
C GLN A 68 2.35 -14.60 -2.71
N ALA A 69 1.08 -15.00 -2.65
CA ALA A 69 0.44 -15.69 -3.77
C ALA A 69 0.31 -14.79 -5.00
N VAL A 70 -0.05 -13.53 -4.78
CA VAL A 70 -0.22 -12.59 -5.88
C VAL A 70 1.12 -12.23 -6.54
N ILE A 71 2.13 -11.98 -5.72
CA ILE A 71 3.45 -11.62 -6.24
C ILE A 71 4.09 -12.79 -6.97
N ASN A 72 3.89 -13.99 -6.45
CA ASN A 72 4.43 -15.19 -7.07
C ASN A 72 3.70 -15.48 -8.37
N ALA A 73 2.39 -15.31 -8.36
CA ALA A 73 1.56 -15.55 -9.53
C ALA A 73 1.69 -14.42 -10.55
N TYR A 74 2.10 -13.25 -10.07
CA TYR A 74 2.25 -12.07 -10.92
C TYR A 74 3.23 -12.30 -12.05
N THR A 75 4.01 -13.37 -11.99
CA THR A 75 4.97 -13.66 -13.05
C THR A 75 4.27 -13.58 -14.39
N GLU A 76 3.02 -14.05 -14.42
CA GLU A 76 2.23 -14.05 -15.64
C GLU A 76 2.13 -12.65 -16.25
N ILE A 77 2.25 -11.62 -15.41
CA ILE A 77 2.17 -10.25 -15.88
C ILE A 77 3.16 -10.00 -17.01
N ASN A 78 4.41 -10.45 -16.82
CA ASN A 78 5.45 -10.26 -17.83
C ASN A 78 4.91 -10.56 -19.22
N LYS A 79 3.97 -11.49 -19.31
CA LYS A 79 3.38 -11.87 -20.58
C LYS A 79 3.01 -10.62 -21.37
N LYS A 80 2.75 -9.54 -20.66
CA LYS A 80 2.39 -8.27 -21.28
C LYS A 80 3.37 -7.18 -20.87
N HIS A 81 3.72 -7.16 -19.59
CA HIS A 81 4.66 -6.18 -19.07
C HIS A 81 5.47 -6.77 -17.91
N CYS A 82 6.79 -6.56 -17.94
CA CYS A 82 7.66 -7.06 -16.89
C CYS A 82 7.44 -6.28 -15.61
N TRP A 83 6.51 -6.75 -14.78
CA TRP A 83 6.19 -6.08 -13.53
C TRP A 83 7.09 -6.53 -12.39
N LYS A 84 7.31 -5.62 -11.46
CA LYS A 84 8.14 -5.87 -10.29
C LYS A 84 7.28 -5.94 -9.04
N LEU A 85 7.45 -7.00 -8.26
CA LEU A 85 6.68 -7.15 -7.03
C LEU A 85 7.56 -7.55 -5.86
N GLU A 86 7.50 -6.75 -4.80
CA GLU A 86 8.29 -7.01 -3.60
C GLU A 86 7.47 -6.71 -2.35
N ILE A 87 7.55 -7.60 -1.36
CA ILE A 87 6.83 -7.42 -0.11
C ILE A 87 7.70 -6.72 0.92
N LEU A 88 7.26 -5.54 1.36
CA LEU A 88 8.01 -4.76 2.34
C LEU A 88 8.25 -5.59 3.60
N SER A 89 9.48 -5.49 4.12
CA SER A 89 9.86 -6.23 5.31
C SER A 89 10.81 -5.41 6.19
N GLY A 90 10.92 -5.81 7.45
CA GLY A 90 11.79 -5.11 8.37
C GLY A 90 11.53 -3.62 8.40
N ASP A 91 12.60 -2.84 8.53
CA ASP A 91 12.47 -1.39 8.59
C ASP A 91 11.72 -0.86 7.38
N HIS A 92 11.83 -1.56 6.26
CA HIS A 92 11.16 -1.14 5.03
C HIS A 92 9.65 -1.19 5.19
N GLU A 93 9.15 -2.30 5.75
CA GLU A 93 7.70 -2.45 5.97
C GLU A 93 7.21 -1.46 7.02
N GLN A 94 7.95 -1.37 8.12
CA GLN A 94 7.60 -0.47 9.20
C GLN A 94 7.65 0.98 8.73
N ARG A 95 8.66 1.29 7.93
CA ARG A 95 8.84 2.64 7.41
C ARG A 95 7.60 3.09 6.64
N TYR A 96 7.20 2.31 5.65
CA TYR A 96 6.02 2.64 4.86
C TYR A 96 4.80 2.85 5.75
N TRP A 97 4.64 1.95 6.73
CA TRP A 97 3.53 2.06 7.65
C TRP A 97 3.61 3.35 8.45
N GLN A 98 4.82 3.70 8.87
CA GLN A 98 5.02 4.93 9.62
C GLN A 98 4.38 6.09 8.89
N LYS A 99 4.60 6.13 7.58
CA LYS A 99 4.04 7.18 6.74
C LYS A 99 2.52 7.11 6.78
N ILE A 100 1.98 5.88 6.77
CA ILE A 100 0.53 5.68 6.81
C ILE A 100 -0.05 6.21 8.11
N LEU A 101 0.30 5.57 9.22
CA LEU A 101 -0.19 5.97 10.54
C LEU A 101 0.07 7.44 10.79
N VAL A 102 1.32 7.86 10.63
CA VAL A 102 1.70 9.26 10.85
C VAL A 102 0.83 10.18 10.02
N ASP A 103 0.54 9.77 8.79
CA ASP A 103 -0.29 10.57 7.89
C ASP A 103 -1.71 10.70 8.45
N ARG A 104 -2.20 9.63 9.06
CA ARG A 104 -3.54 9.63 9.65
C ARG A 104 -3.62 10.67 10.77
N GLN A 105 -2.57 10.74 11.58
CA GLN A 105 -2.52 11.69 12.68
C GLN A 105 -2.57 13.13 12.16
N ALA A 106 -1.81 13.38 11.09
CA ALA A 106 -1.78 14.69 10.48
C ALA A 106 -3.14 15.09 9.94
N LYS A 107 -3.90 14.09 9.48
CA LYS A 107 -5.24 14.32 8.94
C LYS A 107 -6.17 14.86 10.01
N LEU A 108 -5.98 14.39 11.24
CA LEU A 108 -6.80 14.82 12.37
C LEU A 108 -6.98 16.35 12.36
N ASN A 109 -6.04 17.04 11.75
CA ASN A 109 -6.09 18.50 11.68
C ASN A 109 -5.99 19.11 13.08
N GLN A 110 -4.77 19.50 13.46
CA GLN A 110 -4.55 20.11 14.77
C GLN A 110 -3.93 21.49 14.63
N PRO A 111 -4.76 22.52 14.45
CA PRO A 111 -4.30 23.91 14.30
C PRO A 111 -3.46 24.36 15.50
N ARG A 112 -3.48 25.66 15.76
CA ARG A 112 -2.73 26.23 16.87
C ARG A 112 -1.29 26.52 16.46
N GLU A 113 -0.89 27.78 16.57
CA GLU A 113 0.47 28.19 16.21
C GLU A 113 1.14 28.89 17.37
N LYS A 114 2.33 28.43 17.74
CA LYS A 114 3.08 29.02 18.84
C LYS A 114 3.46 30.47 18.54
N LYS A 115 3.48 31.30 19.58
CA LYS A 115 3.83 32.71 19.42
C LYS A 115 4.91 33.10 20.42
N ARG A 116 5.36 34.36 20.35
CA ARG A 116 6.40 34.85 21.23
C ARG A 116 5.80 35.74 22.32
N GLY A 117 4.54 36.10 22.16
CA GLY A 117 3.88 36.95 23.14
C GLY A 117 2.76 37.78 22.54
N THR A 118 3.06 39.03 22.21
CA THR A 118 2.07 39.92 21.63
C THR A 118 2.65 40.71 20.46
N GLU A 119 2.64 40.10 19.28
CA GLU A 119 3.17 40.74 18.08
C GLU A 119 2.13 40.76 16.96
N LYS A 120 0.86 40.94 17.34
CA LYS A 120 -0.23 40.98 16.37
C LYS A 120 -0.69 42.40 16.11
N LEU A 121 -1.25 42.64 14.93
CA LEU A 121 -1.73 43.97 14.57
C LEU A 121 -0.82 45.05 15.12
N ILE A 122 0.46 45.01 14.73
CA ILE A 122 1.43 45.98 15.20
C ILE A 122 1.57 47.15 14.22
N THR A 123 1.44 48.36 14.74
CA THR A 123 1.55 49.56 13.92
C THR A 123 2.30 50.66 14.67
N LYS A 124 3.27 51.27 14.00
CA LYS A 124 4.06 52.34 14.61
C LYS A 124 3.49 53.70 14.25
N ALA A 125 2.37 54.06 14.89
CA ALA A 125 1.73 55.34 14.65
C ALA A 125 0.29 55.33 15.15
N MET A 1 0.33 -35.29 12.91
CA MET A 1 1.10 -34.36 12.04
C MET A 1 0.31 -34.00 10.78
N HIS A 2 -1.01 -34.03 10.90
CA HIS A 2 -1.89 -33.70 9.78
C HIS A 2 -2.22 -32.21 9.76
N HIS A 3 -1.41 -31.44 9.04
CA HIS A 3 -1.62 -29.99 8.96
C HIS A 3 -1.07 -29.29 10.20
N HIS A 4 -1.09 -27.97 10.18
CA HIS A 4 -0.60 -27.18 11.31
C HIS A 4 -1.58 -26.07 11.65
N HIS A 5 -2.00 -25.31 10.65
CA HIS A 5 -2.94 -24.22 10.85
C HIS A 5 -2.71 -23.53 12.19
N HIS A 6 -1.44 -23.29 12.53
CA HIS A 6 -1.09 -22.65 13.79
C HIS A 6 -2.11 -21.57 14.14
N HIS A 7 -2.49 -21.51 15.40
CA HIS A 7 -3.46 -20.52 15.87
C HIS A 7 -3.30 -19.20 15.13
N SER A 8 -4.15 -18.98 14.15
CA SER A 8 -4.10 -17.75 13.35
C SER A 8 -3.86 -16.54 14.24
N ASN A 9 -4.81 -16.25 15.12
CA ASN A 9 -4.70 -15.12 16.03
C ASN A 9 -3.51 -15.29 16.97
N ALA A 10 -2.51 -14.43 16.81
CA ALA A 10 -1.31 -14.49 17.65
C ALA A 10 -1.49 -13.67 18.92
N THR A 11 -2.46 -12.77 18.90
CA THR A 11 -2.73 -11.91 20.05
C THR A 11 -1.50 -11.11 20.45
N GLY A 12 -1.68 -10.19 21.39
CA GLY A 12 -0.56 -9.38 21.84
C GLY A 12 -0.33 -8.17 20.95
N PRO A 13 0.53 -7.23 21.39
CA PRO A 13 0.85 -6.02 20.62
C PRO A 13 1.43 -6.34 19.25
N GLN A 14 1.11 -5.51 18.27
CA GLN A 14 1.60 -5.70 16.91
C GLN A 14 0.72 -4.96 15.90
N PHE A 15 1.13 -3.75 15.53
CA PHE A 15 0.39 -2.95 14.57
C PHE A 15 0.19 -3.70 13.26
N VAL A 16 -1.06 -4.06 12.97
CA VAL A 16 -1.39 -4.78 11.75
C VAL A 16 -0.85 -4.05 10.52
N SER A 17 0.32 -4.47 10.05
CA SER A 17 0.95 -3.86 8.88
C SER A 17 0.24 -4.22 7.57
N GLY A 18 -1.00 -4.70 7.64
CA GLY A 18 -1.73 -5.05 6.43
C GLY A 18 -0.85 -5.56 5.31
N VAL A 19 0.25 -6.22 5.67
CA VAL A 19 1.18 -6.75 4.67
C VAL A 19 1.33 -5.78 3.50
N ILE A 20 2.36 -4.95 3.56
CA ILE A 20 2.63 -3.98 2.50
C ILE A 20 3.19 -4.64 1.26
N VAL A 21 2.55 -4.38 0.13
CA VAL A 21 2.99 -4.93 -1.15
C VAL A 21 3.50 -3.82 -2.07
N LYS A 22 4.81 -3.76 -2.29
CA LYS A 22 5.39 -2.74 -3.15
C LYS A 22 5.40 -3.16 -4.61
N ILE A 23 4.72 -2.40 -5.45
CA ILE A 23 4.66 -2.68 -6.88
C ILE A 23 5.39 -1.59 -7.66
N ILE A 24 6.37 -2.01 -8.47
CA ILE A 24 7.11 -1.07 -9.28
C ILE A 24 7.21 -1.55 -10.72
N SER A 25 7.00 -0.64 -11.66
CA SER A 25 7.05 -0.99 -13.07
C SER A 25 8.02 -0.11 -13.83
N THR A 26 7.90 -0.12 -15.15
CA THR A 26 8.78 0.68 -16.01
C THR A 26 8.01 1.78 -16.71
N GLU A 27 6.68 1.67 -16.71
CA GLU A 27 5.83 2.66 -17.37
C GLU A 27 4.46 2.08 -17.69
N PRO A 28 4.43 0.87 -18.27
CA PRO A 28 3.19 0.19 -18.63
C PRO A 28 2.09 0.38 -17.58
N LEU A 29 2.50 0.62 -16.34
CA LEU A 29 1.55 0.81 -15.25
C LEU A 29 0.32 1.57 -15.74
N PRO A 30 -0.77 0.84 -16.01
CA PRO A 30 -2.02 1.44 -16.50
C PRO A 30 -2.62 2.45 -15.52
N GLY A 31 -2.61 2.11 -14.24
CA GLY A 31 -3.16 3.00 -13.23
C GLY A 31 -3.67 2.26 -12.01
N ARG A 32 -4.24 3.00 -11.06
CA ARG A 32 -4.77 2.40 -9.85
C ARG A 32 -5.90 1.42 -10.18
N LYS A 33 -6.74 1.82 -11.14
CA LYS A 33 -7.87 0.99 -11.55
C LYS A 33 -7.41 -0.34 -12.12
N GLN A 34 -6.39 -0.30 -12.97
CA GLN A 34 -5.86 -1.51 -13.60
C GLN A 34 -5.00 -2.30 -12.63
N VAL A 35 -4.14 -1.60 -11.89
CA VAL A 35 -3.26 -2.25 -10.93
C VAL A 35 -4.08 -2.89 -9.81
N ARG A 36 -5.07 -2.15 -9.33
CA ARG A 36 -5.95 -2.63 -8.27
C ARG A 36 -6.72 -3.85 -8.77
N ASP A 37 -7.21 -3.75 -10.01
CA ASP A 37 -7.96 -4.83 -10.62
C ASP A 37 -7.12 -6.09 -10.71
N THR A 38 -5.85 -5.91 -11.11
CA THR A 38 -4.93 -7.03 -11.22
C THR A 38 -4.75 -7.71 -9.87
N LEU A 39 -3.94 -7.09 -9.01
CA LEU A 39 -3.69 -7.63 -7.69
C LEU A 39 -4.99 -8.14 -7.06
N ALA A 40 -6.07 -7.39 -7.23
CA ALA A 40 -7.36 -7.78 -6.69
C ALA A 40 -7.91 -9.00 -7.40
N ALA A 41 -7.49 -9.17 -8.65
CA ALA A 41 -7.94 -10.30 -9.46
C ALA A 41 -7.31 -11.59 -8.95
N ILE A 42 -6.12 -11.48 -8.38
CA ILE A 42 -5.43 -12.63 -7.83
C ILE A 42 -5.96 -12.96 -6.45
N SER A 43 -6.41 -11.93 -5.75
CA SER A 43 -6.97 -12.09 -4.41
C SER A 43 -7.76 -10.86 -4.01
N GLU A 44 -8.52 -10.95 -2.92
CA GLU A 44 -9.32 -9.83 -2.45
C GLU A 44 -8.50 -8.88 -1.60
N VAL A 45 -7.57 -8.18 -2.23
CA VAL A 45 -6.71 -7.22 -1.53
C VAL A 45 -7.53 -6.27 -0.68
N LEU A 46 -6.96 -5.84 0.45
CA LEU A 46 -7.64 -4.91 1.34
C LEU A 46 -7.74 -3.53 0.71
N TYR A 47 -6.62 -2.81 0.70
CA TYR A 47 -6.59 -1.46 0.12
C TYR A 47 -5.29 -1.23 -0.63
N VAL A 48 -5.40 -0.73 -1.87
CA VAL A 48 -4.21 -0.48 -2.68
C VAL A 48 -3.93 1.01 -2.82
N ASP A 49 -2.75 1.42 -2.38
CA ASP A 49 -2.34 2.82 -2.45
C ASP A 49 -1.38 3.06 -3.61
N LEU A 50 -1.65 4.08 -4.41
CA LEU A 50 -0.81 4.43 -5.55
C LEU A 50 -0.30 5.87 -5.42
N LEU A 51 0.99 6.07 -5.58
CA LEU A 51 1.58 7.41 -5.46
C LEU A 51 1.16 8.31 -6.62
N GLU A 52 0.29 9.27 -6.32
CA GLU A 52 -0.17 10.23 -7.31
C GLU A 52 -0.32 9.60 -8.70
N GLY A 53 -0.77 8.36 -8.75
CA GLY A 53 -0.96 7.69 -10.02
C GLY A 53 0.34 7.37 -10.75
N ASP A 54 1.46 7.71 -10.13
CA ASP A 54 2.77 7.47 -10.72
C ASP A 54 2.91 5.99 -11.10
N THR A 55 4.16 5.54 -11.24
CA THR A 55 4.42 4.15 -11.60
C THR A 55 4.82 3.35 -10.37
N GLU A 56 4.72 3.97 -9.19
CA GLU A 56 5.08 3.32 -7.94
C GLU A 56 3.87 3.27 -7.00
N CYS A 57 3.35 2.06 -6.78
CA CYS A 57 2.20 1.87 -5.90
C CYS A 57 2.44 0.74 -4.92
N HIS A 58 1.87 0.86 -3.73
CA HIS A 58 2.00 -0.15 -2.70
C HIS A 58 0.63 -0.55 -2.16
N ALA A 59 0.27 -1.81 -2.32
CA ALA A 59 -1.03 -2.30 -1.87
C ALA A 59 -0.95 -3.05 -0.55
N ARG A 60 -1.88 -2.75 0.35
CA ARG A 60 -1.94 -3.40 1.66
C ARG A 60 -2.86 -4.62 1.59
N PHE A 61 -2.38 -5.74 2.11
CA PHE A 61 -3.15 -6.98 2.12
C PHE A 61 -3.61 -7.33 3.53
N LYS A 62 -4.72 -8.07 3.63
CA LYS A 62 -5.25 -8.46 4.93
C LYS A 62 -4.54 -9.70 5.44
N THR A 63 -3.90 -10.44 4.54
CA THR A 63 -3.17 -11.65 4.91
C THR A 63 -1.85 -11.75 4.15
N PRO A 64 -0.85 -12.39 4.77
CA PRO A 64 0.48 -12.57 4.15
C PRO A 64 0.46 -13.55 3.00
N GLU A 65 -0.37 -14.59 3.11
CA GLU A 65 -0.48 -15.60 2.07
C GLU A 65 -0.97 -14.99 0.76
N ASP A 66 -1.91 -14.06 0.85
CA ASP A 66 -2.47 -13.41 -0.32
C ASP A 66 -1.38 -12.67 -1.11
N ALA A 67 -0.51 -11.97 -0.39
CA ALA A 67 0.56 -11.22 -1.01
C ALA A 67 1.59 -12.14 -1.66
N GLN A 68 1.94 -13.22 -0.95
CA GLN A 68 2.92 -14.18 -1.45
C GLN A 68 2.42 -14.84 -2.74
N ALA A 69 1.15 -15.22 -2.76
CA ALA A 69 0.57 -15.88 -3.93
C ALA A 69 0.51 -14.94 -5.13
N VAL A 70 0.14 -13.67 -4.89
CA VAL A 70 0.02 -12.70 -5.97
C VAL A 70 1.37 -12.34 -6.58
N ILE A 71 2.37 -12.13 -5.73
CA ILE A 71 3.70 -11.78 -6.20
C ILE A 71 4.32 -12.91 -7.01
N ASN A 72 3.98 -14.14 -6.65
CA ASN A 72 4.48 -15.31 -7.36
C ASN A 72 3.84 -15.40 -8.73
N ALA A 73 2.55 -15.10 -8.79
CA ALA A 73 1.79 -15.15 -10.03
C ALA A 73 2.09 -13.95 -10.93
N TYR A 74 2.56 -12.86 -10.33
CA TYR A 74 2.85 -11.64 -11.07
C TYR A 74 3.92 -11.88 -12.13
N THR A 75 4.68 -12.95 -11.99
CA THR A 75 5.72 -13.26 -12.96
C THR A 75 5.11 -13.26 -14.36
N GLU A 76 3.88 -13.75 -14.43
CA GLU A 76 3.15 -13.83 -15.69
C GLU A 76 3.06 -12.47 -16.36
N ILE A 77 2.75 -11.44 -15.57
CA ILE A 77 2.63 -10.08 -16.10
C ILE A 77 3.73 -9.81 -17.12
N ASN A 78 4.96 -10.17 -16.78
CA ASN A 78 6.09 -9.97 -17.67
C ASN A 78 5.74 -10.38 -19.10
N LYS A 79 4.87 -11.37 -19.24
CA LYS A 79 4.46 -11.84 -20.55
C LYS A 79 3.90 -10.69 -21.38
N LYS A 80 3.31 -9.72 -20.70
CA LYS A 80 2.74 -8.56 -21.36
C LYS A 80 3.56 -7.31 -21.04
N HIS A 81 3.94 -7.17 -19.78
CA HIS A 81 4.74 -6.03 -19.34
C HIS A 81 5.55 -6.38 -18.11
N CYS A 82 6.83 -6.02 -18.13
CA CYS A 82 7.73 -6.31 -17.00
C CYS A 82 7.25 -5.60 -15.73
N TRP A 83 6.70 -6.37 -14.79
CA TRP A 83 6.21 -5.80 -13.55
C TRP A 83 6.93 -6.40 -12.34
N LYS A 84 7.15 -5.55 -11.34
CA LYS A 84 7.83 -5.96 -10.12
C LYS A 84 6.87 -6.03 -8.94
N LEU A 85 6.96 -7.11 -8.17
CA LEU A 85 6.11 -7.29 -7.00
C LEU A 85 6.93 -7.83 -5.82
N GLU A 86 7.01 -7.05 -4.75
CA GLU A 86 7.76 -7.45 -3.56
C GLU A 86 7.02 -7.07 -2.28
N ILE A 87 7.12 -7.93 -1.26
CA ILE A 87 6.46 -7.69 0.02
C ILE A 87 7.41 -7.02 0.99
N LEU A 88 7.04 -5.83 1.46
CA LEU A 88 7.87 -5.09 2.42
C LEU A 88 8.05 -5.89 3.70
N SER A 89 9.25 -5.82 4.28
CA SER A 89 9.56 -6.55 5.51
C SER A 89 10.51 -5.76 6.39
N GLY A 90 10.56 -6.14 7.67
CA GLY A 90 11.44 -5.48 8.61
C GLY A 90 11.25 -3.98 8.64
N ASP A 91 12.34 -3.25 8.86
CA ASP A 91 12.29 -1.80 8.92
C ASP A 91 11.63 -1.22 7.68
N HIS A 92 11.76 -1.94 6.55
CA HIS A 92 11.18 -1.48 5.30
C HIS A 92 9.65 -1.44 5.39
N GLU A 93 9.05 -2.51 5.91
CA GLU A 93 7.59 -2.57 6.05
C GLU A 93 7.10 -1.58 7.10
N GLN A 94 7.77 -1.56 8.24
CA GLN A 94 7.40 -0.65 9.32
C GLN A 94 7.57 0.80 8.89
N ARG A 95 8.65 1.06 8.15
CA ARG A 95 8.94 2.40 7.66
C ARG A 95 7.80 2.94 6.81
N TYR A 96 7.43 2.20 5.76
CA TYR A 96 6.35 2.61 4.88
C TYR A 96 5.09 2.90 5.68
N TRP A 97 4.80 2.03 6.65
CA TRP A 97 3.62 2.22 7.48
C TRP A 97 3.72 3.54 8.24
N GLN A 98 4.92 3.85 8.72
CA GLN A 98 5.14 5.10 9.45
C GLN A 98 4.62 6.26 8.62
N LYS A 99 4.93 6.22 7.32
CA LYS A 99 4.49 7.26 6.41
C LYS A 99 2.96 7.30 6.34
N ILE A 100 2.34 6.13 6.34
CA ILE A 100 0.88 6.04 6.30
C ILE A 100 0.26 6.67 7.55
N LEU A 101 0.51 6.06 8.70
CA LEU A 101 -0.03 6.54 9.97
C LEU A 101 0.37 8.00 10.22
N VAL A 102 1.67 8.25 10.25
CA VAL A 102 2.18 9.60 10.50
C VAL A 102 1.52 10.63 9.58
N ASP A 103 1.29 10.24 8.33
CA ASP A 103 0.67 11.15 7.37
C ASP A 103 -0.75 11.49 7.78
N ARG A 104 -1.46 10.50 8.31
CA ARG A 104 -2.84 10.72 8.76
C ARG A 104 -2.89 11.74 9.87
N GLN A 105 -1.94 11.65 10.80
CA GLN A 105 -1.87 12.58 11.92
C GLN A 105 -1.62 14.01 11.44
N ALA A 106 -0.73 14.15 10.46
CA ALA A 106 -0.39 15.46 9.92
C ALA A 106 -1.61 16.13 9.27
N LYS A 107 -2.44 15.32 8.62
CA LYS A 107 -3.63 15.84 7.96
C LYS A 107 -4.54 16.57 8.95
N LEU A 108 -4.31 16.33 10.24
CA LEU A 108 -5.10 16.94 11.29
C LEU A 108 -4.99 18.47 11.24
N ASN A 109 -3.92 18.96 10.63
CA ASN A 109 -3.71 20.40 10.53
C ASN A 109 -3.36 20.81 9.10
N GLN A 110 -2.88 22.03 8.93
CA GLN A 110 -2.52 22.55 7.62
C GLN A 110 -3.75 22.75 6.74
N PRO A 111 -4.75 23.49 7.25
CA PRO A 111 -5.99 23.75 6.51
C PRO A 111 -5.82 24.84 5.46
N ARG A 112 -5.59 24.43 4.22
CA ARG A 112 -5.40 25.38 3.12
C ARG A 112 -6.28 25.01 1.93
N GLU A 113 -7.49 24.52 2.20
CA GLU A 113 -8.41 24.13 1.16
C GLU A 113 -9.67 24.98 1.21
N LYS A 114 -9.63 26.15 0.59
CA LYS A 114 -10.77 27.06 0.57
C LYS A 114 -11.89 26.50 -0.28
N LYS A 115 -13.06 26.31 0.33
CA LYS A 115 -14.21 25.77 -0.37
C LYS A 115 -14.92 26.84 -1.18
N ARG A 116 -14.22 27.39 -2.18
CA ARG A 116 -14.78 28.43 -3.03
C ARG A 116 -14.10 28.44 -4.39
N GLY A 117 -14.80 27.93 -5.40
CA GLY A 117 -14.25 27.89 -6.74
C GLY A 117 -15.16 27.20 -7.73
N THR A 118 -16.45 27.49 -7.65
CA THR A 118 -17.43 26.89 -8.55
C THR A 118 -17.42 27.57 -9.92
N GLU A 119 -17.25 28.89 -9.91
CA GLU A 119 -17.22 29.67 -11.14
C GLU A 119 -16.94 31.14 -10.84
N LYS A 120 -15.69 31.45 -10.54
CA LYS A 120 -15.29 32.82 -10.23
C LYS A 120 -15.30 33.69 -11.49
N LEU A 121 -16.46 33.75 -12.14
CA LEU A 121 -16.61 34.55 -13.36
C LEU A 121 -15.62 34.10 -14.44
N ILE A 122 -15.85 34.56 -15.66
CA ILE A 122 -14.99 34.21 -16.77
C ILE A 122 -14.29 35.45 -17.35
N THR A 123 -13.06 35.68 -16.91
CA THR A 123 -12.30 36.84 -17.37
C THR A 123 -10.92 36.42 -17.87
N LYS A 124 -10.34 37.22 -18.75
CA LYS A 124 -9.02 36.94 -19.30
C LYS A 124 -7.99 36.80 -18.19
N ALA A 125 -7.35 35.63 -18.12
CA ALA A 125 -6.34 35.37 -17.11
C ALA A 125 -5.03 34.91 -17.74
N MET A 1 27.37 18.82 27.55
CA MET A 1 26.21 18.49 28.41
C MET A 1 25.16 17.68 27.64
N HIS A 2 23.93 17.68 28.15
CA HIS A 2 22.84 16.94 27.52
C HIS A 2 22.92 15.46 27.86
N HIS A 3 21.93 14.70 27.40
CA HIS A 3 21.89 13.26 27.65
C HIS A 3 20.80 12.60 26.82
N HIS A 4 20.96 11.29 26.59
CA HIS A 4 19.99 10.54 25.81
C HIS A 4 20.27 10.67 24.32
N HIS A 5 21.30 9.97 23.85
CA HIS A 5 21.67 10.02 22.44
C HIS A 5 21.26 8.73 21.72
N HIS A 6 20.02 8.31 21.91
CA HIS A 6 19.51 7.10 21.28
C HIS A 6 18.58 7.45 20.13
N HIS A 7 18.02 6.43 19.49
CA HIS A 7 17.10 6.62 18.37
C HIS A 7 15.87 7.39 18.81
N SER A 8 15.02 7.75 17.86
CA SER A 8 13.80 8.49 18.15
C SER A 8 12.56 7.67 17.81
N ASN A 9 12.37 7.40 16.53
CA ASN A 9 11.22 6.63 16.07
C ASN A 9 11.02 5.38 16.93
N ALA A 10 9.83 4.79 16.85
CA ALA A 10 9.51 3.60 17.62
C ALA A 10 8.34 2.85 17.00
N THR A 11 7.60 2.12 17.83
CA THR A 11 6.45 1.35 17.36
C THR A 11 5.21 1.63 18.21
N GLY A 12 4.05 1.65 17.56
CA GLY A 12 2.81 1.90 18.26
C GLY A 12 2.22 0.64 18.87
N PRO A 13 0.89 0.49 18.83
CA PRO A 13 0.20 -0.67 19.39
C PRO A 13 0.10 -1.82 18.39
N GLN A 14 1.19 -2.55 18.21
CA GLN A 14 1.23 -3.67 17.29
C GLN A 14 0.45 -3.35 16.01
N PHE A 15 0.72 -2.17 15.45
CA PHE A 15 0.05 -1.72 14.23
C PHE A 15 0.12 -2.80 13.14
N VAL A 16 -1.06 -3.23 12.67
CA VAL A 16 -1.12 -4.24 11.62
C VAL A 16 -0.60 -3.67 10.31
N SER A 17 0.53 -4.19 9.85
CA SER A 17 1.14 -3.69 8.61
C SER A 17 0.37 -4.11 7.35
N GLY A 18 -0.88 -4.55 7.51
CA GLY A 18 -1.69 -4.94 6.36
C GLY A 18 -0.88 -5.48 5.20
N VAL A 19 0.24 -6.13 5.50
CA VAL A 19 1.10 -6.69 4.46
C VAL A 19 1.23 -5.74 3.27
N ILE A 20 2.27 -4.90 3.29
CA ILE A 20 2.50 -3.94 2.22
C ILE A 20 3.12 -4.62 1.01
N VAL A 21 2.50 -4.43 -0.16
CA VAL A 21 3.01 -5.00 -1.40
C VAL A 21 3.50 -3.90 -2.33
N LYS A 22 4.82 -3.75 -2.46
CA LYS A 22 5.39 -2.72 -3.32
C LYS A 22 5.34 -3.13 -4.79
N ILE A 23 4.66 -2.34 -5.60
CA ILE A 23 4.56 -2.60 -7.02
C ILE A 23 5.29 -1.54 -7.83
N ILE A 24 6.24 -1.97 -8.65
CA ILE A 24 6.99 -1.05 -9.49
C ILE A 24 7.06 -1.56 -10.92
N SER A 25 6.80 -0.67 -11.88
CA SER A 25 6.83 -1.03 -13.29
C SER A 25 7.88 -0.21 -14.02
N THR A 26 7.81 -0.24 -15.35
CA THR A 26 8.76 0.51 -16.16
C THR A 26 8.03 1.52 -17.05
N GLU A 27 6.71 1.59 -16.89
CA GLU A 27 5.89 2.50 -17.69
C GLU A 27 4.46 1.96 -17.83
N PRO A 28 4.33 0.66 -18.11
CA PRO A 28 3.02 0.01 -18.29
C PRO A 28 2.00 0.41 -17.22
N LEU A 29 2.47 0.62 -16.00
CA LEU A 29 1.58 1.02 -14.91
C LEU A 29 0.50 1.97 -15.40
N PRO A 30 -0.69 1.43 -15.69
CA PRO A 30 -1.83 2.21 -16.19
C PRO A 30 -2.40 3.16 -15.14
N GLY A 31 -2.44 2.71 -13.89
CA GLY A 31 -2.96 3.54 -12.82
C GLY A 31 -3.46 2.73 -11.64
N ARG A 32 -3.98 3.42 -10.64
CA ARG A 32 -4.50 2.77 -9.44
C ARG A 32 -5.67 1.85 -9.76
N LYS A 33 -6.55 2.29 -10.64
CA LYS A 33 -7.73 1.52 -11.02
C LYS A 33 -7.34 0.22 -11.71
N GLN A 34 -6.38 0.29 -12.63
CA GLN A 34 -5.94 -0.89 -13.36
C GLN A 34 -5.04 -1.77 -12.49
N VAL A 35 -4.13 -1.15 -11.76
CA VAL A 35 -3.22 -1.89 -10.89
C VAL A 35 -3.98 -2.60 -9.79
N ARG A 36 -4.91 -1.89 -9.17
CA ARG A 36 -5.72 -2.45 -8.10
C ARG A 36 -6.57 -3.61 -8.62
N ASP A 37 -7.17 -3.42 -9.79
CA ASP A 37 -8.00 -4.44 -10.39
C ASP A 37 -7.18 -5.67 -10.80
N THR A 38 -5.96 -5.42 -11.28
CA THR A 38 -5.08 -6.50 -11.70
C THR A 38 -4.71 -7.42 -10.54
N LEU A 39 -4.16 -6.83 -9.49
CA LEU A 39 -3.79 -7.60 -8.31
C LEU A 39 -5.01 -8.26 -7.70
N ALA A 40 -6.12 -7.53 -7.67
CA ALA A 40 -7.37 -8.05 -7.13
C ALA A 40 -7.91 -9.14 -8.03
N ALA A 41 -7.53 -9.11 -9.31
CA ALA A 41 -7.98 -10.12 -10.25
C ALA A 41 -7.26 -11.44 -9.98
N ILE A 42 -6.03 -11.33 -9.48
CA ILE A 42 -5.25 -12.51 -9.17
C ILE A 42 -5.66 -13.10 -7.81
N SER A 43 -6.07 -12.23 -6.91
CA SER A 43 -6.51 -12.65 -5.57
C SER A 43 -7.26 -11.53 -4.87
N GLU A 44 -7.92 -11.85 -3.76
CA GLU A 44 -8.69 -10.88 -3.01
C GLU A 44 -7.77 -9.99 -2.17
N VAL A 45 -7.73 -8.71 -2.50
CA VAL A 45 -6.90 -7.74 -1.78
C VAL A 45 -7.76 -6.83 -0.92
N LEU A 46 -7.10 -6.06 -0.06
CA LEU A 46 -7.82 -5.15 0.82
C LEU A 46 -7.89 -3.75 0.22
N TYR A 47 -6.74 -3.10 0.12
CA TYR A 47 -6.69 -1.74 -0.43
C TYR A 47 -5.37 -1.50 -1.18
N VAL A 48 -5.46 -0.78 -2.30
CA VAL A 48 -4.27 -0.48 -3.09
C VAL A 48 -3.92 1.01 -3.00
N ASP A 49 -2.74 1.30 -2.45
CA ASP A 49 -2.28 2.67 -2.30
C ASP A 49 -1.28 3.05 -3.38
N LEU A 50 -1.78 3.62 -4.47
CA LEU A 50 -0.92 4.04 -5.57
C LEU A 50 -0.42 5.47 -5.36
N LEU A 51 0.89 5.67 -5.50
CA LEU A 51 1.48 6.98 -5.32
C LEU A 51 1.00 7.96 -6.40
N GLU A 52 0.04 8.80 -6.04
CA GLU A 52 -0.51 9.78 -6.97
C GLU A 52 0.59 10.56 -7.66
N GLY A 53 0.74 10.36 -8.96
CA GLY A 53 1.77 11.06 -9.71
C GLY A 53 3.10 10.33 -9.69
N ASP A 54 3.08 9.09 -9.19
CA ASP A 54 4.28 8.28 -9.11
C ASP A 54 4.11 6.95 -9.82
N THR A 55 5.20 6.43 -10.38
CA THR A 55 5.18 5.17 -11.10
C THR A 55 5.26 3.98 -10.15
N GLU A 56 5.07 4.22 -8.86
CA GLU A 56 5.13 3.16 -7.87
C GLU A 56 3.89 3.16 -6.97
N CYS A 57 3.31 1.99 -6.79
CA CYS A 57 2.12 1.84 -5.95
C CYS A 57 2.32 0.71 -4.94
N HIS A 58 1.77 0.88 -3.74
CA HIS A 58 1.90 -0.13 -2.70
C HIS A 58 0.53 -0.53 -2.15
N ALA A 59 0.09 -1.73 -2.47
CA ALA A 59 -1.20 -2.23 -2.02
C ALA A 59 -1.07 -3.00 -0.71
N ARG A 60 -2.00 -2.74 0.21
CA ARG A 60 -2.01 -3.41 1.51
C ARG A 60 -2.90 -4.64 1.46
N PHE A 61 -2.38 -5.77 1.93
CA PHE A 61 -3.14 -7.03 1.94
C PHE A 61 -3.60 -7.37 3.35
N LYS A 62 -4.69 -8.13 3.43
CA LYS A 62 -5.26 -8.52 4.73
C LYS A 62 -4.49 -9.69 5.33
N THR A 63 -3.75 -10.41 4.51
CA THR A 63 -2.97 -11.55 4.98
C THR A 63 -1.59 -11.59 4.34
N PRO A 64 -0.61 -12.17 5.06
CA PRO A 64 0.77 -12.28 4.57
C PRO A 64 0.91 -13.33 3.47
N GLU A 65 0.21 -14.45 3.64
CA GLU A 65 0.25 -15.53 2.67
C GLU A 65 -0.30 -15.08 1.32
N ASP A 66 -1.33 -14.24 1.37
CA ASP A 66 -1.95 -13.73 0.14
C ASP A 66 -0.93 -12.97 -0.70
N ALA A 67 -0.05 -12.24 -0.03
CA ALA A 67 0.98 -11.48 -0.72
C ALA A 67 1.98 -12.40 -1.42
N GLN A 68 2.35 -13.47 -0.73
CA GLN A 68 3.29 -14.44 -1.28
C GLN A 68 2.72 -15.10 -2.53
N ALA A 69 1.44 -15.45 -2.46
CA ALA A 69 0.77 -16.09 -3.59
C ALA A 69 0.67 -15.17 -4.80
N VAL A 70 0.37 -13.89 -4.56
CA VAL A 70 0.23 -12.92 -5.65
C VAL A 70 1.57 -12.63 -6.34
N ILE A 71 2.61 -12.46 -5.54
CA ILE A 71 3.94 -12.16 -6.09
C ILE A 71 4.45 -13.31 -6.93
N ASN A 72 4.06 -14.53 -6.55
CA ASN A 72 4.46 -15.72 -7.29
C ASN A 72 3.77 -15.76 -8.65
N ALA A 73 2.49 -15.38 -8.64
CA ALA A 73 1.68 -15.36 -9.86
C ALA A 73 1.99 -14.16 -10.74
N TYR A 74 2.55 -13.11 -10.13
CA TYR A 74 2.86 -11.88 -10.87
C TYR A 74 3.85 -12.11 -11.99
N THR A 75 4.62 -13.19 -11.92
CA THR A 75 5.58 -13.49 -12.96
C THR A 75 4.87 -13.48 -14.31
N GLU A 76 3.62 -13.93 -14.29
CA GLU A 76 2.80 -14.00 -15.49
C GLU A 76 2.62 -12.62 -16.13
N ILE A 77 2.35 -11.62 -15.31
CA ILE A 77 2.15 -10.26 -15.80
C ILE A 77 3.11 -9.98 -16.96
N ASN A 78 4.38 -10.34 -16.77
CA ASN A 78 5.40 -10.11 -17.79
C ASN A 78 4.88 -10.46 -19.18
N LYS A 79 3.98 -11.43 -19.25
CA LYS A 79 3.41 -11.84 -20.53
C LYS A 79 2.99 -10.62 -21.35
N LYS A 80 2.67 -9.54 -20.65
CA LYS A 80 2.26 -8.30 -21.31
C LYS A 80 3.15 -7.14 -20.89
N HIS A 81 3.38 -7.03 -19.58
CA HIS A 81 4.21 -5.96 -19.05
C HIS A 81 5.04 -6.45 -17.86
N CYS A 82 6.36 -6.35 -17.97
CA CYS A 82 7.24 -6.78 -16.89
C CYS A 82 6.93 -6.01 -15.62
N TRP A 83 6.36 -6.69 -14.63
CA TRP A 83 6.00 -6.04 -13.37
C TRP A 83 6.79 -6.59 -12.20
N LYS A 84 7.04 -5.72 -11.23
CA LYS A 84 7.78 -6.08 -10.03
C LYS A 84 6.87 -6.11 -8.81
N LEU A 85 6.92 -7.20 -8.07
CA LEU A 85 6.11 -7.35 -6.87
C LEU A 85 6.93 -7.85 -5.70
N GLU A 86 7.16 -6.99 -4.71
CA GLU A 86 7.95 -7.35 -3.54
C GLU A 86 7.20 -7.02 -2.26
N ILE A 87 7.25 -7.94 -1.29
CA ILE A 87 6.58 -7.74 -0.01
C ILE A 87 7.50 -7.06 0.99
N LEU A 88 7.10 -5.88 1.45
CA LEU A 88 7.88 -5.13 2.43
C LEU A 88 8.00 -5.90 3.74
N SER A 89 9.17 -5.83 4.36
CA SER A 89 9.41 -6.55 5.61
C SER A 89 10.38 -5.78 6.51
N GLY A 90 10.39 -6.16 7.79
CA GLY A 90 11.26 -5.50 8.75
C GLY A 90 11.07 -4.01 8.81
N ASP A 91 12.10 -3.30 9.26
CA ASP A 91 12.03 -1.85 9.36
C ASP A 91 11.51 -1.24 8.08
N HIS A 92 11.77 -1.91 6.95
CA HIS A 92 11.32 -1.41 5.66
C HIS A 92 9.79 -1.37 5.60
N GLU A 93 9.16 -2.45 6.06
CA GLU A 93 7.70 -2.52 6.06
C GLU A 93 7.12 -1.52 7.05
N GLN A 94 7.70 -1.48 8.23
CA GLN A 94 7.26 -0.56 9.27
C GLN A 94 7.47 0.89 8.82
N ARG A 95 8.56 1.11 8.09
CA ARG A 95 8.88 2.45 7.59
C ARG A 95 7.77 2.95 6.68
N TYR A 96 7.39 2.15 5.69
CA TYR A 96 6.34 2.53 4.77
C TYR A 96 5.06 2.88 5.52
N TRP A 97 4.74 2.07 6.52
CA TRP A 97 3.55 2.31 7.32
C TRP A 97 3.67 3.64 8.05
N GLN A 98 4.85 3.91 8.59
CA GLN A 98 5.08 5.17 9.30
C GLN A 98 4.65 6.33 8.42
N LYS A 99 5.02 6.26 7.14
CA LYS A 99 4.66 7.29 6.19
C LYS A 99 3.15 7.35 6.04
N ILE A 100 2.50 6.17 6.08
CA ILE A 100 1.05 6.09 5.96
C ILE A 100 0.39 6.88 7.09
N LEU A 101 0.63 6.44 8.32
CA LEU A 101 0.05 7.12 9.50
C LEU A 101 0.27 8.61 9.40
N VAL A 102 1.53 9.01 9.20
CA VAL A 102 1.88 10.42 9.09
C VAL A 102 0.99 11.11 8.06
N ASP A 103 0.72 10.41 6.96
CA ASP A 103 -0.12 10.94 5.91
C ASP A 103 -1.54 11.17 6.41
N ARG A 104 -2.01 10.28 7.28
CA ARG A 104 -3.34 10.39 7.85
C ARG A 104 -3.49 11.69 8.64
N GLN A 105 -2.45 12.02 9.41
CA GLN A 105 -2.45 13.25 10.20
C GLN A 105 -2.50 14.48 9.29
N ALA A 106 -1.71 14.44 8.22
CA ALA A 106 -1.66 15.54 7.27
C ALA A 106 -3.00 15.73 6.56
N LYS A 107 -3.75 14.63 6.44
CA LYS A 107 -5.03 14.66 5.77
C LYS A 107 -5.99 15.63 6.46
N LEU A 108 -5.64 16.05 7.67
CA LEU A 108 -6.48 16.97 8.43
C LEU A 108 -6.91 18.15 7.57
N ASN A 109 -6.04 18.57 6.65
CA ASN A 109 -6.34 19.69 5.77
C ASN A 109 -7.01 19.22 4.48
N GLN A 110 -8.32 19.01 4.55
CA GLN A 110 -9.08 18.56 3.38
C GLN A 110 -8.83 17.09 3.10
N PRO A 111 -9.36 16.20 3.96
CA PRO A 111 -9.19 14.75 3.81
C PRO A 111 -10.16 14.16 2.79
N ARG A 112 -9.67 13.91 1.58
CA ARG A 112 -10.49 13.34 0.51
C ARG A 112 -11.85 14.03 0.46
N GLU A 113 -12.76 13.48 -0.35
CA GLU A 113 -14.08 14.04 -0.50
C GLU A 113 -14.01 15.54 -0.80
N LYS A 114 -12.91 15.95 -1.45
CA LYS A 114 -12.71 17.35 -1.78
C LYS A 114 -13.56 17.75 -3.00
N LYS A 115 -14.35 16.81 -3.51
CA LYS A 115 -15.20 17.07 -4.66
C LYS A 115 -14.37 17.33 -5.91
N ARG A 116 -14.68 16.59 -6.98
CA ARG A 116 -13.96 16.75 -8.24
C ARG A 116 -13.97 18.19 -8.70
N GLY A 117 -12.87 18.90 -8.42
CA GLY A 117 -12.77 20.30 -8.80
C GLY A 117 -13.48 20.60 -10.10
N THR A 118 -14.44 21.52 -10.06
CA THR A 118 -15.19 21.90 -11.24
C THR A 118 -14.39 22.87 -12.11
N GLU A 119 -13.61 23.72 -11.47
CA GLU A 119 -12.79 24.69 -12.18
C GLU A 119 -11.87 24.01 -13.19
N LYS A 120 -10.92 24.76 -13.74
CA LYS A 120 -9.99 24.21 -14.72
C LYS A 120 -10.74 23.42 -15.79
N LEU A 121 -11.29 24.14 -16.76
CA LEU A 121 -12.04 23.50 -17.85
C LEU A 121 -11.18 23.37 -19.10
N ILE A 122 -9.96 22.89 -18.93
CA ILE A 122 -9.04 22.72 -20.06
C ILE A 122 -8.05 21.59 -19.80
N THR A 123 -7.92 20.69 -20.76
CA THR A 123 -7.00 19.56 -20.65
C THR A 123 -6.29 19.30 -21.96
N LYS A 124 -5.17 18.58 -21.89
CA LYS A 124 -4.40 18.26 -23.08
C LYS A 124 -4.16 16.75 -23.20
N ALA A 125 -3.34 16.22 -22.30
CA ALA A 125 -3.04 14.80 -22.30
C ALA A 125 -2.83 14.28 -20.88
N MET A 1 -12.48 -14.11 27.07
CA MET A 1 -13.21 -15.16 26.30
C MET A 1 -13.61 -16.33 27.21
N HIS A 2 -12.61 -16.95 27.83
CA HIS A 2 -12.86 -18.07 28.73
C HIS A 2 -13.21 -17.58 30.13
N HIS A 3 -13.14 -18.49 31.10
CA HIS A 3 -13.45 -18.15 32.49
C HIS A 3 -12.90 -16.77 32.85
N HIS A 4 -11.58 -16.62 32.70
CA HIS A 4 -10.93 -15.34 33.01
C HIS A 4 -10.66 -14.55 31.74
N HIS A 5 -10.48 -13.23 31.90
CA HIS A 5 -10.22 -12.36 30.76
C HIS A 5 -8.72 -12.12 30.59
N HIS A 6 -7.96 -13.21 30.50
CA HIS A 6 -6.52 -13.12 30.33
C HIS A 6 -6.16 -12.73 28.90
N HIS A 7 -6.87 -13.30 27.94
CA HIS A 7 -6.63 -13.01 26.53
C HIS A 7 -7.01 -11.57 26.19
N SER A 8 -6.53 -11.09 25.04
CA SER A 8 -6.82 -9.74 24.59
C SER A 8 -6.06 -8.72 25.42
N ASN A 9 -5.51 -7.71 24.74
CA ASN A 9 -4.75 -6.66 25.41
C ASN A 9 -5.29 -5.28 25.02
N ALA A 10 -4.69 -4.24 25.60
CA ALA A 10 -5.10 -2.87 25.31
C ALA A 10 -4.16 -2.22 24.30
N THR A 11 -4.33 -2.56 23.03
CA THR A 11 -3.50 -2.02 21.97
C THR A 11 -4.35 -1.34 20.90
N GLY A 12 -3.82 -0.25 20.34
CA GLY A 12 -4.54 0.48 19.32
C GLY A 12 -4.32 -0.09 17.94
N PRO A 13 -3.79 0.72 17.00
CA PRO A 13 -3.53 0.29 15.63
C PRO A 13 -2.51 -0.85 15.54
N GLN A 14 -2.76 -1.80 14.65
CA GLN A 14 -1.86 -2.94 14.46
C GLN A 14 -1.83 -3.37 13.01
N PHE A 15 -1.29 -2.50 12.15
CA PHE A 15 -1.20 -2.80 10.72
C PHE A 15 -0.55 -4.15 10.47
N VAL A 16 -1.15 -4.94 9.59
CA VAL A 16 -0.62 -6.25 9.26
C VAL A 16 0.73 -6.13 8.55
N SER A 17 1.77 -6.53 9.25
CA SER A 17 3.14 -6.46 8.75
C SER A 17 3.36 -7.30 7.49
N GLY A 18 4.19 -6.76 6.60
CA GLY A 18 4.54 -7.45 5.36
C GLY A 18 3.39 -7.64 4.38
N VAL A 19 2.43 -6.71 4.38
CA VAL A 19 1.31 -6.79 3.45
C VAL A 19 1.36 -5.67 2.43
N ILE A 20 2.38 -4.82 2.54
CA ILE A 20 2.55 -3.70 1.64
C ILE A 20 3.37 -4.10 0.42
N VAL A 21 2.68 -4.53 -0.62
CA VAL A 21 3.34 -4.96 -1.86
C VAL A 21 3.74 -3.77 -2.72
N LYS A 22 5.04 -3.49 -2.77
CA LYS A 22 5.56 -2.39 -3.57
C LYS A 22 5.53 -2.75 -5.06
N ILE A 23 4.83 -1.95 -5.84
CA ILE A 23 4.74 -2.17 -7.28
C ILE A 23 5.42 -1.05 -8.06
N ILE A 24 6.37 -1.45 -8.90
CA ILE A 24 7.08 -0.49 -9.74
C ILE A 24 7.14 -0.99 -11.17
N SER A 25 6.90 -0.11 -12.12
CA SER A 25 6.93 -0.49 -13.52
C SER A 25 7.88 0.40 -14.32
N THR A 26 7.68 0.42 -15.63
CA THR A 26 8.51 1.23 -16.51
C THR A 26 7.67 1.86 -17.62
N GLU A 27 6.35 1.77 -17.49
CA GLU A 27 5.44 2.33 -18.48
C GLU A 27 4.07 1.66 -18.39
N PRO A 28 4.03 0.32 -18.51
CA PRO A 28 2.79 -0.45 -18.44
C PRO A 28 1.80 0.12 -17.44
N LEU A 29 2.27 0.37 -16.22
CA LEU A 29 1.42 0.92 -15.16
C LEU A 29 0.34 1.83 -15.74
N PRO A 30 -0.84 1.24 -16.02
CA PRO A 30 -1.97 1.97 -16.60
C PRO A 30 -2.60 2.96 -15.62
N GLY A 31 -2.68 2.57 -14.35
CA GLY A 31 -3.27 3.44 -13.35
C GLY A 31 -3.70 2.69 -12.10
N ARG A 32 -4.20 3.42 -11.12
CA ARG A 32 -4.66 2.82 -9.87
C ARG A 32 -5.82 1.85 -10.13
N LYS A 33 -6.75 2.26 -10.98
CA LYS A 33 -7.91 1.43 -11.30
C LYS A 33 -7.49 0.14 -11.99
N GLN A 34 -6.58 0.25 -12.95
CA GLN A 34 -6.11 -0.91 -13.69
C GLN A 34 -5.16 -1.76 -12.84
N VAL A 35 -4.25 -1.10 -12.13
CA VAL A 35 -3.30 -1.82 -11.28
C VAL A 35 -4.02 -2.55 -10.16
N ARG A 36 -4.99 -1.88 -9.54
CA ARG A 36 -5.76 -2.47 -8.47
C ARG A 36 -6.55 -3.67 -8.99
N ASP A 37 -7.11 -3.52 -10.19
CA ASP A 37 -7.89 -4.58 -10.81
C ASP A 37 -7.02 -5.79 -11.11
N THR A 38 -5.78 -5.54 -11.52
CA THR A 38 -4.85 -6.62 -11.84
C THR A 38 -4.50 -7.43 -10.60
N LEU A 39 -4.01 -6.74 -9.57
CA LEU A 39 -3.63 -7.38 -8.32
C LEU A 39 -4.86 -7.97 -7.65
N ALA A 40 -5.96 -7.22 -7.67
CA ALA A 40 -7.20 -7.68 -7.07
C ALA A 40 -7.79 -8.84 -7.87
N ALA A 41 -7.47 -8.90 -9.15
CA ALA A 41 -7.96 -9.95 -10.01
C ALA A 41 -7.26 -11.26 -9.71
N ILE A 42 -6.00 -11.16 -9.27
CA ILE A 42 -5.21 -12.34 -8.93
C ILE A 42 -5.57 -12.84 -7.54
N SER A 43 -5.92 -11.92 -6.65
CA SER A 43 -6.29 -12.27 -5.28
C SER A 43 -7.01 -11.11 -4.60
N GLU A 44 -7.70 -11.41 -3.50
CA GLU A 44 -8.44 -10.41 -2.75
C GLU A 44 -7.49 -9.51 -1.97
N VAL A 45 -7.38 -8.25 -2.39
CA VAL A 45 -6.53 -7.28 -1.73
C VAL A 45 -7.34 -6.32 -0.88
N LEU A 46 -6.68 -5.69 0.09
CA LEU A 46 -7.35 -4.73 0.97
C LEU A 46 -7.47 -3.36 0.31
N TYR A 47 -6.35 -2.67 0.21
CA TYR A 47 -6.34 -1.33 -0.39
C TYR A 47 -5.05 -1.05 -1.14
N VAL A 48 -5.15 -0.36 -2.26
CA VAL A 48 -3.99 -0.01 -3.07
C VAL A 48 -3.64 1.47 -2.93
N ASP A 49 -2.47 1.74 -2.36
CA ASP A 49 -2.02 3.11 -2.17
C ASP A 49 -1.01 3.51 -3.23
N LEU A 50 -1.51 4.08 -4.32
CA LEU A 50 -0.66 4.51 -5.42
C LEU A 50 -0.27 5.98 -5.25
N LEU A 51 1.03 6.25 -5.34
CA LEU A 51 1.53 7.61 -5.20
C LEU A 51 0.95 8.51 -6.28
N GLU A 52 -0.13 9.20 -5.96
CA GLU A 52 -0.79 10.10 -6.89
C GLU A 52 0.23 10.86 -7.74
N GLY A 53 0.19 10.63 -9.04
CA GLY A 53 1.11 11.31 -9.94
C GLY A 53 2.48 10.67 -9.98
N ASP A 54 2.57 9.47 -9.41
CA ASP A 54 3.84 8.75 -9.38
C ASP A 54 3.74 7.41 -10.10
N THR A 55 4.89 6.87 -10.50
CA THR A 55 4.95 5.60 -11.21
C THR A 55 5.13 4.43 -10.26
N GLU A 56 4.95 4.70 -8.96
CA GLU A 56 5.10 3.65 -7.95
C GLU A 56 3.88 3.59 -7.03
N CYS A 57 3.34 2.38 -6.88
CA CYS A 57 2.17 2.16 -6.02
C CYS A 57 2.44 1.03 -5.04
N HIS A 58 1.87 1.13 -3.84
CA HIS A 58 2.07 0.11 -2.82
C HIS A 58 0.73 -0.46 -2.34
N ALA A 59 0.38 -1.64 -2.84
CA ALA A 59 -0.87 -2.29 -2.47
C ALA A 59 -0.76 -3.01 -1.13
N ARG A 60 -1.62 -2.64 -0.19
CA ARG A 60 -1.63 -3.26 1.13
C ARG A 60 -2.59 -4.44 1.17
N PHE A 61 -2.16 -5.53 1.81
CA PHE A 61 -2.97 -6.73 1.92
C PHE A 61 -3.44 -6.94 3.36
N LYS A 62 -4.62 -7.51 3.51
CA LYS A 62 -5.18 -7.76 4.84
C LYS A 62 -4.36 -8.83 5.58
N THR A 63 -3.59 -9.61 4.82
CA THR A 63 -2.77 -10.66 5.40
C THR A 63 -1.43 -10.77 4.68
N PRO A 64 -0.40 -11.24 5.40
CA PRO A 64 0.95 -11.41 4.83
C PRO A 64 1.04 -12.62 3.91
N GLU A 65 0.44 -13.72 4.34
CA GLU A 65 0.45 -14.96 3.55
C GLU A 65 -0.31 -14.76 2.24
N ASP A 66 -1.39 -13.99 2.29
CA ASP A 66 -2.19 -13.73 1.10
C ASP A 66 -1.34 -13.14 -0.01
N ALA A 67 -0.43 -12.24 0.37
CA ALA A 67 0.45 -11.59 -0.60
C ALA A 67 1.41 -12.61 -1.21
N GLN A 68 1.92 -13.52 -0.39
CA GLN A 68 2.83 -14.55 -0.86
C GLN A 68 2.25 -15.30 -2.05
N ALA A 69 0.96 -15.59 -1.98
CA ALA A 69 0.28 -16.30 -3.05
C ALA A 69 0.26 -15.47 -4.34
N VAL A 70 0.01 -14.17 -4.19
CA VAL A 70 -0.06 -13.26 -5.33
C VAL A 70 1.29 -13.06 -6.00
N ILE A 71 2.33 -12.91 -5.21
CA ILE A 71 3.68 -12.70 -5.75
C ILE A 71 4.16 -13.90 -6.55
N ASN A 72 3.75 -15.09 -6.12
CA ASN A 72 4.14 -16.31 -6.81
C ASN A 72 3.42 -16.40 -8.16
N ALA A 73 2.16 -15.99 -8.16
CA ALA A 73 1.34 -16.01 -9.36
C ALA A 73 1.68 -14.88 -10.31
N TYR A 74 2.23 -13.81 -9.75
CA TYR A 74 2.59 -12.63 -10.54
C TYR A 74 3.57 -12.93 -11.66
N THR A 75 4.20 -14.09 -11.62
CA THR A 75 5.13 -14.46 -12.67
C THR A 75 4.51 -14.17 -14.03
N GLU A 76 3.20 -14.43 -14.11
CA GLU A 76 2.45 -14.22 -15.34
C GLU A 76 2.48 -12.75 -15.78
N ILE A 77 2.62 -11.84 -14.82
CA ILE A 77 2.65 -10.42 -15.13
C ILE A 77 3.76 -10.09 -16.12
N ASN A 78 4.97 -10.61 -15.86
CA ASN A 78 6.11 -10.37 -16.73
C ASN A 78 5.79 -10.75 -18.17
N LYS A 79 4.95 -11.75 -18.34
CA LYS A 79 4.56 -12.21 -19.67
C LYS A 79 3.77 -11.14 -20.41
N LYS A 80 3.08 -10.30 -19.65
CA LYS A 80 2.28 -9.23 -20.24
C LYS A 80 3.03 -7.90 -20.22
N HIS A 81 3.74 -7.64 -19.13
CA HIS A 81 4.50 -6.40 -19.00
C HIS A 81 5.57 -6.51 -17.92
N CYS A 82 6.76 -6.00 -18.20
CA CYS A 82 7.86 -6.03 -17.24
C CYS A 82 7.48 -5.30 -15.97
N TRP A 83 6.65 -5.94 -15.15
CA TRP A 83 6.20 -5.34 -13.89
C TRP A 83 6.97 -5.89 -12.70
N LYS A 84 7.21 -5.01 -11.73
CA LYS A 84 7.93 -5.39 -10.53
C LYS A 84 7.00 -5.45 -9.32
N LEU A 85 7.05 -6.56 -8.60
CA LEU A 85 6.20 -6.74 -7.43
C LEU A 85 7.00 -7.35 -6.29
N GLU A 86 7.34 -6.53 -5.31
CA GLU A 86 8.11 -6.99 -4.15
C GLU A 86 7.33 -6.77 -2.86
N ILE A 87 7.38 -7.77 -1.97
CA ILE A 87 6.68 -7.68 -0.69
C ILE A 87 7.55 -7.01 0.36
N LEU A 88 7.10 -5.85 0.84
CA LEU A 88 7.83 -5.11 1.86
C LEU A 88 7.98 -5.96 3.11
N SER A 89 9.18 -5.96 3.68
CA SER A 89 9.46 -6.76 4.88
C SER A 89 10.44 -6.04 5.81
N GLY A 90 10.45 -6.47 7.07
CA GLY A 90 11.34 -5.88 8.05
C GLY A 90 11.18 -4.38 8.15
N ASP A 91 12.16 -3.72 8.74
CA ASP A 91 12.12 -2.27 8.91
C ASP A 91 11.51 -1.60 7.67
N HIS A 92 11.70 -2.23 6.51
CA HIS A 92 11.17 -1.69 5.27
C HIS A 92 9.64 -1.71 5.28
N GLU A 93 9.06 -2.85 5.70
CA GLU A 93 7.61 -2.98 5.76
C GLU A 93 7.03 -2.07 6.84
N GLN A 94 7.66 -2.08 8.01
CA GLN A 94 7.20 -1.24 9.12
C GLN A 94 7.35 0.23 8.76
N ARG A 95 8.45 0.56 8.09
CA ARG A 95 8.74 1.93 7.68
C ARG A 95 7.60 2.51 6.85
N TYR A 96 7.22 1.81 5.79
CA TYR A 96 6.14 2.28 4.93
C TYR A 96 4.84 2.41 5.72
N TRP A 97 4.56 1.42 6.55
CA TRP A 97 3.35 1.43 7.38
C TRP A 97 3.37 2.63 8.32
N GLN A 98 4.53 2.90 8.90
CA GLN A 98 4.69 4.02 9.81
C GLN A 98 4.32 5.32 9.11
N LYS A 99 4.80 5.47 7.88
CA LYS A 99 4.51 6.66 7.09
C LYS A 99 3.01 6.80 6.92
N ILE A 100 2.33 5.68 6.73
CA ILE A 100 0.87 5.67 6.58
C ILE A 100 0.20 6.25 7.82
N LEU A 101 0.68 5.81 8.99
CA LEU A 101 0.14 6.28 10.25
C LEU A 101 0.19 7.80 10.34
N VAL A 102 1.38 8.36 10.17
CA VAL A 102 1.55 9.80 10.23
C VAL A 102 0.63 10.51 9.23
N ASP A 103 0.50 9.92 8.05
CA ASP A 103 -0.37 10.49 7.02
C ASP A 103 -1.83 10.44 7.48
N ARG A 104 -2.20 9.35 8.13
CA ARG A 104 -3.55 9.18 8.63
C ARG A 104 -3.86 10.24 9.68
N GLN A 105 -2.88 10.51 10.54
CA GLN A 105 -3.04 11.51 11.59
C GLN A 105 -3.28 12.88 10.98
N ALA A 106 -2.53 13.19 9.92
CA ALA A 106 -2.67 14.48 9.24
C ALA A 106 -4.09 14.61 8.69
N LYS A 107 -4.64 13.50 8.22
CA LYS A 107 -5.99 13.50 7.66
C LYS A 107 -6.99 13.99 8.71
N LEU A 108 -6.62 13.87 9.98
CA LEU A 108 -7.49 14.31 11.07
C LEU A 108 -7.92 15.76 10.87
N ASN A 109 -7.10 16.51 10.15
CA ASN A 109 -7.41 17.92 9.88
C ASN A 109 -8.20 18.06 8.59
N GLN A 110 -7.61 17.61 7.48
CA GLN A 110 -8.26 17.68 6.18
C GLN A 110 -9.74 17.38 6.30
N PRO A 111 -10.58 18.42 6.35
CA PRO A 111 -12.03 18.27 6.47
C PRO A 111 -12.60 17.30 5.42
N ARG A 112 -12.69 16.03 5.81
CA ARG A 112 -13.21 15.00 4.92
C ARG A 112 -14.38 14.25 5.56
N GLU A 113 -14.90 13.26 4.85
CA GLU A 113 -16.01 12.47 5.35
C GLU A 113 -15.57 11.60 6.52
N LYS A 114 -15.26 12.24 7.63
CA LYS A 114 -14.81 11.53 8.83
C LYS A 114 -15.93 11.46 9.87
N LYS A 115 -17.04 12.12 9.59
CA LYS A 115 -18.18 12.13 10.52
C LYS A 115 -19.39 11.47 9.87
N ARG A 116 -19.41 10.15 9.88
CA ARG A 116 -20.53 9.39 9.31
C ARG A 116 -21.77 9.53 10.17
N GLY A 117 -22.30 10.75 10.26
CA GLY A 117 -23.49 10.99 11.06
C GLY A 117 -24.67 11.46 10.23
N THR A 118 -25.55 12.24 10.85
CA THR A 118 -26.72 12.76 10.15
C THR A 118 -27.81 11.69 10.05
N GLU A 119 -27.46 10.55 9.47
CA GLU A 119 -28.41 9.46 9.31
C GLU A 119 -27.81 8.15 9.81
N LYS A 120 -28.54 7.49 10.71
CA LYS A 120 -28.08 6.22 11.28
C LYS A 120 -29.07 5.72 12.32
N LEU A 121 -30.21 5.22 11.87
CA LEU A 121 -31.24 4.71 12.77
C LEU A 121 -30.63 3.75 13.78
N ILE A 122 -30.94 3.97 15.06
CA ILE A 122 -30.42 3.11 16.12
C ILE A 122 -31.55 2.62 17.02
N THR A 123 -31.26 1.62 17.84
CA THR A 123 -32.25 1.06 18.76
C THR A 123 -31.96 1.49 20.19
N LYS A 124 -31.68 2.78 20.38
CA LYS A 124 -31.39 3.31 21.70
C LYS A 124 -30.02 2.84 22.18
N ALA A 125 -29.81 2.89 23.50
CA ALA A 125 -28.54 2.47 24.09
C ALA A 125 -28.61 1.01 24.53
N MET A 1 -8.07 -36.48 8.96
CA MET A 1 -9.09 -36.72 7.90
C MET A 1 -9.27 -35.49 7.03
N HIS A 2 -9.39 -34.33 7.67
CA HIS A 2 -9.57 -33.07 6.94
C HIS A 2 -9.24 -31.89 7.84
N HIS A 3 -8.28 -32.07 8.72
CA HIS A 3 -7.86 -31.00 9.64
C HIS A 3 -7.62 -29.71 8.88
N HIS A 4 -7.99 -28.59 9.51
CA HIS A 4 -7.82 -27.27 8.91
C HIS A 4 -7.85 -26.18 9.96
N HIS A 5 -6.85 -25.31 9.95
CA HIS A 5 -6.76 -24.22 10.91
C HIS A 5 -5.36 -23.62 10.93
N HIS A 6 -4.37 -24.43 10.57
CA HIS A 6 -2.98 -23.98 10.54
C HIS A 6 -2.89 -22.53 10.08
N HIS A 7 -2.10 -21.74 10.79
CA HIS A 7 -1.92 -20.33 10.44
C HIS A 7 -1.06 -19.63 11.49
N SER A 8 -0.46 -18.50 11.10
CA SER A 8 0.39 -17.74 12.01
C SER A 8 -0.40 -17.30 13.23
N ASN A 9 0.31 -17.04 14.33
CA ASN A 9 -0.33 -16.60 15.57
C ASN A 9 0.65 -15.80 16.42
N ALA A 10 0.43 -14.48 16.46
CA ALA A 10 1.28 -13.59 17.25
C ALA A 10 0.49 -12.39 17.75
N THR A 11 0.32 -11.40 16.88
CA THR A 11 -0.42 -10.19 17.24
C THR A 11 0.11 -9.56 18.52
N GLY A 12 -0.63 -8.60 19.06
CA GLY A 12 -0.22 -7.93 20.27
C GLY A 12 0.47 -6.61 20.00
N PRO A 13 1.74 -6.47 20.39
CA PRO A 13 2.50 -5.24 20.20
C PRO A 13 3.18 -5.19 18.83
N GLN A 14 2.41 -4.86 17.80
CA GLN A 14 2.93 -4.76 16.44
C GLN A 14 1.83 -4.42 15.44
N PHE A 15 1.63 -3.14 15.21
CA PHE A 15 0.61 -2.68 14.28
C PHE A 15 0.55 -3.58 13.05
N VAL A 16 -0.64 -4.10 12.75
CA VAL A 16 -0.81 -4.97 11.59
C VAL A 16 -0.38 -4.26 10.32
N SER A 17 0.76 -4.68 9.76
CA SER A 17 1.29 -4.06 8.55
C SER A 17 0.48 -4.40 7.29
N GLY A 18 -0.74 -4.90 7.45
CA GLY A 18 -1.58 -5.24 6.31
C GLY A 18 -0.79 -5.67 5.08
N VAL A 19 0.36 -6.30 5.29
CA VAL A 19 1.20 -6.75 4.18
C VAL A 19 1.23 -5.69 3.08
N ILE A 20 2.26 -4.86 3.09
CA ILE A 20 2.41 -3.80 2.09
C ILE A 20 3.19 -4.28 0.87
N VAL A 21 2.46 -4.66 -0.16
CA VAL A 21 3.07 -5.13 -1.40
C VAL A 21 3.49 -3.96 -2.28
N LYS A 22 4.79 -3.84 -2.52
CA LYS A 22 5.33 -2.76 -3.33
C LYS A 22 5.26 -3.11 -4.83
N ILE A 23 4.61 -2.25 -5.59
CA ILE A 23 4.50 -2.45 -7.04
C ILE A 23 5.26 -1.37 -7.80
N ILE A 24 6.20 -1.78 -8.61
CA ILE A 24 6.98 -0.85 -9.42
C ILE A 24 7.02 -1.35 -10.86
N SER A 25 6.84 -0.44 -11.81
CA SER A 25 6.85 -0.82 -13.22
C SER A 25 7.92 -0.08 -14.01
N THR A 26 7.87 -0.23 -15.32
CA THR A 26 8.82 0.41 -16.21
C THR A 26 8.12 1.42 -17.12
N GLU A 27 6.80 1.50 -17.01
CA GLU A 27 6.00 2.42 -17.82
C GLU A 27 4.58 1.92 -17.97
N PRO A 28 4.40 0.62 -18.24
CA PRO A 28 3.09 0.00 -18.43
C PRO A 28 2.07 0.44 -17.38
N LEU A 29 2.55 0.77 -16.19
CA LEU A 29 1.66 1.19 -15.11
C LEU A 29 0.53 2.07 -15.65
N PRO A 30 -0.67 1.49 -15.79
CA PRO A 30 -1.84 2.20 -16.32
C PRO A 30 -2.46 3.14 -15.28
N GLY A 31 -2.55 2.67 -14.04
CA GLY A 31 -3.14 3.48 -12.99
C GLY A 31 -3.58 2.65 -11.81
N ARG A 32 -4.02 3.31 -10.75
CA ARG A 32 -4.48 2.63 -9.55
C ARG A 32 -5.67 1.72 -9.86
N LYS A 33 -6.57 2.21 -10.72
CA LYS A 33 -7.75 1.45 -11.09
C LYS A 33 -7.36 0.14 -11.77
N GLN A 34 -6.40 0.21 -12.69
CA GLN A 34 -5.95 -0.97 -13.40
C GLN A 34 -5.02 -1.80 -12.53
N VAL A 35 -4.08 -1.14 -11.85
CA VAL A 35 -3.14 -1.84 -10.98
C VAL A 35 -3.90 -2.60 -9.89
N ARG A 36 -4.88 -1.93 -9.29
CA ARG A 36 -5.69 -2.55 -8.25
C ARG A 36 -6.48 -3.72 -8.82
N ASP A 37 -7.03 -3.54 -10.02
CA ASP A 37 -7.81 -4.58 -10.67
C ASP A 37 -6.93 -5.79 -10.99
N THR A 38 -5.68 -5.53 -11.37
CA THR A 38 -4.74 -6.59 -11.70
C THR A 38 -4.40 -7.41 -10.46
N LEU A 39 -3.91 -6.74 -9.43
CA LEU A 39 -3.56 -7.41 -8.18
C LEU A 39 -4.81 -8.05 -7.60
N ALA A 40 -5.93 -7.34 -7.71
CA ALA A 40 -7.20 -7.84 -7.22
C ALA A 40 -7.66 -9.03 -8.05
N ALA A 41 -7.19 -9.08 -9.30
CA ALA A 41 -7.53 -10.17 -10.20
C ALA A 41 -6.81 -11.44 -9.79
N ILE A 42 -5.63 -11.28 -9.21
CA ILE A 42 -4.86 -12.42 -8.75
C ILE A 42 -5.38 -12.91 -7.40
N SER A 43 -5.89 -11.98 -6.61
CA SER A 43 -6.44 -12.29 -5.30
C SER A 43 -7.15 -11.07 -4.71
N GLU A 44 -8.06 -11.32 -3.78
CA GLU A 44 -8.82 -10.24 -3.15
C GLU A 44 -7.93 -9.44 -2.19
N VAL A 45 -7.75 -8.15 -2.49
CA VAL A 45 -6.94 -7.28 -1.66
C VAL A 45 -7.80 -6.37 -0.81
N LEU A 46 -7.18 -5.73 0.18
CA LEU A 46 -7.90 -4.83 1.08
C LEU A 46 -7.95 -3.42 0.50
N TYR A 47 -6.80 -2.76 0.45
CA TYR A 47 -6.73 -1.39 -0.07
C TYR A 47 -5.45 -1.18 -0.87
N VAL A 48 -5.55 -0.44 -1.97
CA VAL A 48 -4.40 -0.14 -2.81
C VAL A 48 -3.95 1.30 -2.63
N ASP A 49 -2.74 1.48 -2.11
CA ASP A 49 -2.20 2.81 -1.89
C ASP A 49 -1.22 3.20 -2.99
N LEU A 50 -1.76 3.74 -4.08
CA LEU A 50 -0.93 4.16 -5.22
C LEU A 50 -0.43 5.58 -5.01
N LEU A 51 0.89 5.77 -5.11
CA LEU A 51 1.48 7.08 -4.93
C LEU A 51 0.94 8.07 -5.96
N GLU A 52 -0.19 8.69 -5.65
CA GLU A 52 -0.80 9.66 -6.56
C GLU A 52 0.25 10.49 -7.27
N GLY A 53 0.31 10.36 -8.59
CA GLY A 53 1.27 11.11 -9.38
C GLY A 53 2.62 10.41 -9.47
N ASP A 54 2.70 9.19 -8.93
CA ASP A 54 3.94 8.42 -8.96
C ASP A 54 3.75 7.10 -9.69
N THR A 55 4.85 6.56 -10.20
CA THR A 55 4.82 5.30 -10.93
C THR A 55 4.97 4.10 -9.99
N GLU A 56 4.85 4.35 -8.69
CA GLU A 56 4.99 3.28 -7.70
C GLU A 56 3.77 3.24 -6.78
N CYS A 57 3.16 2.06 -6.70
CA CYS A 57 1.98 1.86 -5.86
C CYS A 57 2.20 0.71 -4.87
N HIS A 58 1.72 0.88 -3.64
CA HIS A 58 1.86 -0.14 -2.61
C HIS A 58 0.50 -0.54 -2.06
N ALA A 59 0.05 -1.75 -2.41
CA ALA A 59 -1.25 -2.23 -1.96
C ALA A 59 -1.15 -3.00 -0.64
N ARG A 60 -2.08 -2.71 0.26
CA ARG A 60 -2.11 -3.36 1.57
C ARG A 60 -3.02 -4.60 1.51
N PHE A 61 -2.46 -5.74 1.91
CA PHE A 61 -3.21 -6.99 1.91
C PHE A 61 -3.70 -7.34 3.32
N LYS A 62 -4.81 -8.06 3.40
CA LYS A 62 -5.37 -8.44 4.68
C LYS A 62 -4.65 -9.66 5.28
N THR A 63 -3.94 -10.40 4.43
CA THR A 63 -3.21 -11.57 4.89
C THR A 63 -1.80 -11.61 4.31
N PRO A 64 -0.86 -12.24 5.03
CA PRO A 64 0.53 -12.35 4.60
C PRO A 64 0.70 -13.37 3.48
N GLU A 65 -0.01 -14.49 3.59
CA GLU A 65 0.06 -15.55 2.59
C GLU A 65 -0.49 -15.05 1.26
N ASP A 66 -1.51 -14.20 1.33
CA ASP A 66 -2.13 -13.66 0.13
C ASP A 66 -1.10 -12.90 -0.71
N ALA A 67 -0.25 -12.13 -0.04
CA ALA A 67 0.79 -11.36 -0.72
C ALA A 67 1.81 -12.28 -1.36
N GLN A 68 2.20 -13.33 -0.63
CA GLN A 68 3.17 -14.29 -1.13
C GLN A 68 2.66 -14.98 -2.39
N ALA A 69 1.38 -15.34 -2.35
CA ALA A 69 0.75 -16.02 -3.48
C ALA A 69 0.69 -15.13 -4.72
N VAL A 70 0.37 -13.85 -4.53
CA VAL A 70 0.26 -12.92 -5.65
C VAL A 70 1.60 -12.63 -6.30
N ILE A 71 2.64 -12.44 -5.50
CA ILE A 71 3.97 -12.15 -6.03
C ILE A 71 4.52 -13.36 -6.79
N ASN A 72 4.20 -14.55 -6.30
CA ASN A 72 4.65 -15.77 -6.95
C ASN A 72 3.92 -15.96 -8.27
N ALA A 73 2.62 -15.65 -8.27
CA ALA A 73 1.79 -15.76 -9.45
C ALA A 73 2.04 -14.62 -10.43
N TYR A 74 2.57 -13.51 -9.91
CA TYR A 74 2.84 -12.35 -10.73
C TYR A 74 3.81 -12.64 -11.87
N THR A 75 4.47 -13.78 -11.82
CA THR A 75 5.40 -14.14 -12.87
C THR A 75 4.72 -13.97 -14.22
N GLU A 76 3.44 -14.31 -14.25
CA GLU A 76 2.64 -14.20 -15.47
C GLU A 76 2.49 -12.75 -15.92
N ILE A 77 2.54 -11.83 -14.96
CA ILE A 77 2.41 -10.41 -15.27
C ILE A 77 3.42 -9.98 -16.33
N ASN A 78 4.67 -10.39 -16.16
CA ASN A 78 5.72 -10.05 -17.10
C ASN A 78 5.35 -10.47 -18.52
N LYS A 79 4.48 -11.46 -18.62
CA LYS A 79 4.04 -11.96 -19.92
C LYS A 79 3.35 -10.85 -20.70
N LYS A 80 2.94 -9.81 -20.00
CA LYS A 80 2.26 -8.68 -20.62
C LYS A 80 3.05 -7.39 -20.42
N HIS A 81 3.67 -7.27 -19.25
CA HIS A 81 4.47 -6.08 -18.92
C HIS A 81 5.42 -6.39 -17.77
N CYS A 82 6.70 -6.03 -17.96
CA CYS A 82 7.72 -6.26 -16.95
C CYS A 82 7.35 -5.57 -15.64
N TRP A 83 6.41 -6.16 -14.89
CA TRP A 83 5.98 -5.59 -13.63
C TRP A 83 6.76 -6.19 -12.46
N LYS A 84 7.02 -5.36 -11.47
CA LYS A 84 7.77 -5.77 -10.30
C LYS A 84 6.87 -5.88 -9.07
N LEU A 85 7.03 -6.96 -8.31
CA LEU A 85 6.26 -7.17 -7.10
C LEU A 85 7.16 -7.58 -5.95
N GLU A 86 7.33 -6.69 -4.99
CA GLU A 86 8.18 -6.96 -3.84
C GLU A 86 7.41 -6.78 -2.52
N ILE A 87 7.39 -7.84 -1.72
CA ILE A 87 6.70 -7.80 -0.43
C ILE A 87 7.54 -7.08 0.61
N LEU A 88 7.04 -5.94 1.09
CA LEU A 88 7.75 -5.17 2.11
C LEU A 88 7.88 -5.95 3.40
N SER A 89 9.08 -5.92 3.98
CA SER A 89 9.35 -6.65 5.22
C SER A 89 10.31 -5.88 6.12
N GLY A 90 10.34 -6.25 7.38
CA GLY A 90 11.24 -5.60 8.33
C GLY A 90 11.08 -4.10 8.36
N ASP A 91 12.21 -3.38 8.39
CA ASP A 91 12.19 -1.93 8.43
C ASP A 91 11.52 -1.35 7.19
N HIS A 92 11.63 -2.05 6.07
CA HIS A 92 11.02 -1.60 4.83
C HIS A 92 9.51 -1.54 4.94
N GLU A 93 8.91 -2.59 5.47
CA GLU A 93 7.46 -2.64 5.64
C GLU A 93 7.01 -1.63 6.69
N GLN A 94 7.72 -1.61 7.81
CA GLN A 94 7.40 -0.70 8.91
C GLN A 94 7.57 0.74 8.47
N ARG A 95 8.63 1.00 7.70
CA ARG A 95 8.91 2.34 7.21
C ARG A 95 7.74 2.88 6.38
N TYR A 96 7.29 2.09 5.42
CA TYR A 96 6.17 2.50 4.57
C TYR A 96 4.94 2.82 5.42
N TRP A 97 4.67 1.96 6.40
CA TRP A 97 3.53 2.16 7.28
C TRP A 97 3.67 3.46 8.04
N GLN A 98 4.88 3.73 8.53
CA GLN A 98 5.15 4.95 9.26
C GLN A 98 4.68 6.15 8.45
N LYS A 99 4.97 6.10 7.15
CA LYS A 99 4.56 7.16 6.24
C LYS A 99 3.04 7.23 6.19
N ILE A 100 2.40 6.07 6.23
CA ILE A 100 0.94 5.98 6.21
C ILE A 100 0.35 6.62 7.45
N LEU A 101 0.58 5.98 8.60
CA LEU A 101 0.08 6.49 9.88
C LEU A 101 0.29 7.99 9.98
N VAL A 102 1.54 8.42 9.83
CA VAL A 102 1.87 9.84 9.91
C VAL A 102 1.08 10.63 8.87
N ASP A 103 0.93 10.04 7.69
CA ASP A 103 0.19 10.69 6.61
C ASP A 103 -1.28 10.86 7.00
N ARG A 104 -1.81 9.86 7.69
CA ARG A 104 -3.20 9.89 8.13
C ARG A 104 -3.44 11.06 9.07
N GLN A 105 -2.50 11.28 9.98
CA GLN A 105 -2.60 12.38 10.94
C GLN A 105 -2.61 13.72 10.23
N ALA A 106 -1.73 13.86 9.24
CA ALA A 106 -1.61 15.09 8.47
C ALA A 106 -2.89 15.38 7.68
N LYS A 107 -3.57 14.31 7.25
CA LYS A 107 -4.79 14.46 6.48
C LYS A 107 -5.89 15.14 7.29
N LEU A 108 -5.87 14.94 8.60
CA LEU A 108 -6.86 15.53 9.49
C LEU A 108 -7.11 16.99 9.14
N ASN A 109 -6.10 17.65 8.58
CA ASN A 109 -6.21 19.05 8.21
C ASN A 109 -5.19 19.43 7.16
N GLN A 110 -5.65 19.66 5.94
CA GLN A 110 -4.77 20.04 4.83
C GLN A 110 -3.82 18.89 4.48
N PRO A 111 -3.75 18.53 3.19
CA PRO A 111 -2.87 17.46 2.72
C PRO A 111 -1.40 17.82 2.87
N ARG A 112 -0.54 17.10 2.14
CA ARG A 112 0.90 17.34 2.19
C ARG A 112 1.63 16.44 1.22
N GLU A 113 2.35 17.04 0.28
CA GLU A 113 3.10 16.29 -0.72
C GLU A 113 4.11 17.18 -1.43
N LYS A 114 5.20 17.51 -0.74
CA LYS A 114 6.24 18.36 -1.31
C LYS A 114 7.41 18.50 -0.33
N LYS A 115 8.55 17.93 -0.70
CA LYS A 115 9.74 18.00 0.15
C LYS A 115 10.76 16.95 -0.26
N ARG A 116 10.30 15.88 -0.89
CA ARG A 116 11.19 14.81 -1.33
C ARG A 116 11.97 15.21 -2.58
N GLY A 117 11.26 15.30 -3.70
CA GLY A 117 11.91 15.68 -4.95
C GLY A 117 12.48 14.49 -5.69
N THR A 118 13.81 14.43 -5.78
CA THR A 118 14.48 13.34 -6.47
C THR A 118 13.85 13.07 -7.83
N GLU A 119 14.38 12.10 -8.55
CA GLU A 119 13.86 11.74 -9.86
C GLU A 119 14.48 10.44 -10.37
N LYS A 120 14.41 9.40 -9.55
CA LYS A 120 14.96 8.10 -9.91
C LYS A 120 14.04 7.39 -10.89
N LEU A 121 14.63 6.78 -11.92
CA LEU A 121 13.86 6.06 -12.94
C LEU A 121 13.61 4.63 -12.52
N ILE A 122 14.66 3.95 -12.09
CA ILE A 122 14.55 2.55 -11.66
C ILE A 122 15.86 2.05 -11.06
N THR A 123 15.76 1.04 -10.21
CA THR A 123 16.94 0.46 -9.56
C THR A 123 17.08 -1.02 -9.90
N LYS A 124 18.31 -1.44 -10.18
CA LYS A 124 18.58 -2.84 -10.52
C LYS A 124 18.86 -3.66 -9.26
N ALA A 125 20.08 -3.57 -8.76
CA ALA A 125 20.47 -4.31 -7.57
C ALA A 125 21.63 -3.61 -6.86
N MET A 1 -23.87 1.88 3.85
CA MET A 1 -23.56 1.79 5.30
C MET A 1 -22.71 0.56 5.61
N HIS A 2 -21.40 0.71 5.50
CA HIS A 2 -20.48 -0.39 5.77
C HIS A 2 -19.03 0.07 5.65
N HIS A 3 -18.47 0.55 6.76
CA HIS A 3 -17.10 1.04 6.76
C HIS A 3 -16.26 0.27 7.77
N HIS A 4 -14.99 0.68 7.92
CA HIS A 4 -14.09 0.02 8.85
C HIS A 4 -12.89 0.90 9.16
N HIS A 5 -12.59 1.08 10.44
CA HIS A 5 -11.47 1.91 10.87
C HIS A 5 -11.53 2.17 12.37
N HIS A 6 -10.82 1.35 13.13
CA HIS A 6 -10.80 1.50 14.59
C HIS A 6 -10.44 2.92 14.99
N HIS A 7 -10.72 3.25 16.24
CA HIS A 7 -10.44 4.59 16.76
C HIS A 7 -9.12 4.59 17.54
N SER A 8 -9.00 5.51 18.50
CA SER A 8 -7.79 5.61 19.31
C SER A 8 -6.56 5.77 18.42
N ASN A 9 -5.97 6.95 18.42
CA ASN A 9 -4.79 7.23 17.61
C ASN A 9 -3.58 7.51 18.50
N ALA A 10 -2.42 7.65 17.88
CA ALA A 10 -1.19 7.92 18.62
C ALA A 10 -0.80 6.72 19.48
N THR A 11 -1.50 5.61 19.30
CA THR A 11 -1.21 4.40 20.07
C THR A 11 -2.01 3.21 19.52
N GLY A 12 -1.54 2.65 18.41
CA GLY A 12 -2.21 1.51 17.80
C GLY A 12 -1.24 0.55 17.14
N PRO A 13 -0.42 -0.15 17.93
CA PRO A 13 0.55 -1.11 17.41
C PRO A 13 -0.08 -2.43 17.01
N GLN A 14 -0.90 -2.41 15.97
CA GLN A 14 -1.57 -3.61 15.50
C GLN A 14 -1.93 -3.49 14.01
N PHE A 15 -1.10 -2.76 13.27
CA PHE A 15 -1.33 -2.56 11.84
C PHE A 15 -0.94 -3.80 11.06
N VAL A 16 -1.79 -4.21 10.13
CA VAL A 16 -1.52 -5.38 9.31
C VAL A 16 -0.10 -5.34 8.75
N SER A 17 0.83 -5.89 9.51
CA SER A 17 2.24 -5.93 9.15
C SER A 17 2.54 -6.86 7.98
N GLY A 18 3.51 -6.45 7.16
CA GLY A 18 3.94 -7.25 6.03
C GLY A 18 2.91 -7.44 4.93
N VAL A 19 2.05 -6.46 4.72
CA VAL A 19 1.05 -6.56 3.66
C VAL A 19 1.19 -5.41 2.67
N ILE A 20 2.22 -4.59 2.85
CA ILE A 20 2.48 -3.46 1.97
C ILE A 20 3.38 -3.87 0.82
N VAL A 21 2.77 -4.25 -0.30
CA VAL A 21 3.52 -4.68 -1.47
C VAL A 21 3.84 -3.53 -2.41
N LYS A 22 5.14 -3.29 -2.60
CA LYS A 22 5.61 -2.22 -3.48
C LYS A 22 5.57 -2.67 -4.93
N ILE A 23 4.86 -1.92 -5.77
CA ILE A 23 4.75 -2.22 -7.19
C ILE A 23 5.43 -1.14 -8.04
N ILE A 24 6.35 -1.57 -8.89
CA ILE A 24 7.04 -0.64 -9.78
C ILE A 24 7.07 -1.19 -11.20
N SER A 25 6.84 -0.32 -12.18
CA SER A 25 6.83 -0.72 -13.58
C SER A 25 7.80 0.12 -14.39
N THR A 26 7.64 0.07 -15.71
CA THR A 26 8.50 0.83 -16.61
C THR A 26 7.68 1.56 -17.67
N GLU A 27 6.36 1.47 -17.57
CA GLU A 27 5.47 2.12 -18.52
C GLU A 27 4.10 1.46 -18.52
N PRO A 28 4.07 0.11 -18.59
CA PRO A 28 2.83 -0.65 -18.60
C PRO A 28 1.82 -0.16 -17.56
N LEU A 29 2.31 0.25 -16.39
CA LEU A 29 1.43 0.73 -15.33
C LEU A 29 0.28 1.53 -15.91
N PRO A 30 -0.90 0.90 -16.03
CA PRO A 30 -2.10 1.54 -16.58
C PRO A 30 -2.73 2.55 -15.62
N GLY A 31 -2.80 2.19 -14.35
CA GLY A 31 -3.39 3.06 -13.35
C GLY A 31 -3.89 2.30 -12.14
N ARG A 32 -4.43 3.03 -11.16
CA ARG A 32 -4.95 2.42 -9.95
C ARG A 32 -6.10 1.46 -10.28
N LYS A 33 -6.96 1.86 -11.19
CA LYS A 33 -8.11 1.03 -11.58
C LYS A 33 -7.65 -0.28 -12.18
N GLN A 34 -6.68 -0.22 -13.08
CA GLN A 34 -6.16 -1.40 -13.73
C GLN A 34 -5.17 -2.14 -12.83
N VAL A 35 -4.29 -1.38 -12.17
CA VAL A 35 -3.31 -1.97 -11.28
C VAL A 35 -4.02 -2.67 -10.12
N ARG A 36 -5.04 -2.00 -9.57
CA ARG A 36 -5.81 -2.58 -8.48
C ARG A 36 -6.54 -3.83 -8.95
N ASP A 37 -7.10 -3.76 -10.15
CA ASP A 37 -7.81 -4.89 -10.72
C ASP A 37 -6.87 -6.06 -10.96
N THR A 38 -5.63 -5.74 -11.33
CA THR A 38 -4.62 -6.76 -11.57
C THR A 38 -4.23 -7.49 -10.28
N LEU A 39 -3.77 -6.72 -9.30
CA LEU A 39 -3.37 -7.29 -8.02
C LEU A 39 -4.57 -7.89 -7.31
N ALA A 40 -5.70 -7.20 -7.38
CA ALA A 40 -6.93 -7.67 -6.76
C ALA A 40 -7.46 -8.89 -7.50
N ALA A 41 -7.11 -8.99 -8.79
CA ALA A 41 -7.56 -10.11 -9.60
C ALA A 41 -6.81 -11.37 -9.22
N ILE A 42 -5.57 -11.20 -8.78
CA ILE A 42 -4.74 -12.32 -8.36
C ILE A 42 -5.09 -12.75 -6.94
N SER A 43 -5.50 -11.79 -6.12
CA SER A 43 -5.87 -12.06 -4.74
C SER A 43 -6.48 -10.82 -4.09
N GLU A 44 -7.75 -10.90 -3.74
CA GLU A 44 -8.45 -9.79 -3.10
C GLU A 44 -7.53 -9.03 -2.16
N VAL A 45 -7.38 -7.73 -2.40
CA VAL A 45 -6.52 -6.90 -1.58
C VAL A 45 -7.33 -5.87 -0.80
N LEU A 46 -6.74 -5.36 0.28
CA LEU A 46 -7.41 -4.36 1.12
C LEU A 46 -7.55 -3.05 0.36
N TYR A 47 -6.43 -2.36 0.17
CA TYR A 47 -6.44 -1.08 -0.53
C TYR A 47 -5.13 -0.85 -1.28
N VAL A 48 -5.24 -0.26 -2.47
CA VAL A 48 -4.06 0.02 -3.29
C VAL A 48 -3.63 1.47 -3.14
N ASP A 49 -2.41 1.67 -2.66
CA ASP A 49 -1.89 3.02 -2.45
C ASP A 49 -0.95 3.43 -3.58
N LEU A 50 -1.52 3.98 -4.65
CA LEU A 50 -0.74 4.42 -5.79
C LEU A 50 -0.41 5.91 -5.67
N LEU A 51 0.87 6.24 -5.83
CA LEU A 51 1.29 7.63 -5.73
C LEU A 51 0.80 8.42 -6.94
N GLU A 52 -0.34 9.10 -6.76
CA GLU A 52 -0.93 9.89 -7.83
C GLU A 52 0.14 10.54 -8.70
N GLY A 53 0.08 10.25 -10.00
CA GLY A 53 1.04 10.81 -10.94
C GLY A 53 2.39 10.14 -10.87
N ASP A 54 2.48 9.06 -10.11
CA ASP A 54 3.73 8.33 -9.96
C ASP A 54 3.61 6.91 -10.52
N THR A 55 4.71 6.38 -11.02
CA THR A 55 4.73 5.04 -11.59
C THR A 55 4.97 3.99 -10.50
N GLU A 56 4.85 4.42 -9.25
CA GLU A 56 5.06 3.52 -8.12
C GLU A 56 3.84 3.48 -7.20
N CYS A 57 3.26 2.28 -7.04
CA CYS A 57 2.11 2.10 -6.19
C CYS A 57 2.36 0.94 -5.21
N HIS A 58 1.89 1.09 -3.98
CA HIS A 58 2.07 0.06 -2.97
C HIS A 58 0.72 -0.41 -2.45
N ALA A 59 0.32 -1.61 -2.85
CA ALA A 59 -0.97 -2.15 -2.43
C ALA A 59 -0.87 -2.85 -1.09
N ARG A 60 -1.77 -2.48 -0.17
CA ARG A 60 -1.80 -3.08 1.16
C ARG A 60 -2.77 -4.26 1.18
N PHE A 61 -2.33 -5.36 1.79
CA PHE A 61 -3.17 -6.55 1.88
C PHE A 61 -3.63 -6.78 3.32
N LYS A 62 -4.78 -7.41 3.49
CA LYS A 62 -5.32 -7.68 4.81
C LYS A 62 -4.51 -8.76 5.53
N THR A 63 -3.71 -9.49 4.77
CA THR A 63 -2.87 -10.55 5.32
C THR A 63 -1.52 -10.62 4.63
N PRO A 64 -0.49 -11.10 5.34
CA PRO A 64 0.86 -11.22 4.78
C PRO A 64 0.98 -12.40 3.83
N GLU A 65 0.36 -13.52 4.18
CA GLU A 65 0.41 -14.72 3.35
C GLU A 65 -0.17 -14.45 1.96
N ASP A 66 -1.12 -13.53 1.90
CA ASP A 66 -1.77 -13.19 0.62
C ASP A 66 -0.75 -12.58 -0.34
N ALA A 67 0.23 -11.86 0.19
CA ALA A 67 1.25 -11.22 -0.63
C ALA A 67 2.11 -12.24 -1.35
N GLN A 68 2.49 -13.31 -0.64
CA GLN A 68 3.31 -14.36 -1.21
C GLN A 68 2.65 -14.99 -2.44
N ALA A 69 1.34 -15.21 -2.36
CA ALA A 69 0.60 -15.81 -3.46
C ALA A 69 0.57 -14.91 -4.68
N VAL A 70 0.40 -13.60 -4.46
CA VAL A 70 0.33 -12.64 -5.56
C VAL A 70 1.67 -12.48 -6.26
N ILE A 71 2.75 -12.39 -5.49
CA ILE A 71 4.08 -12.24 -6.07
C ILE A 71 4.48 -13.46 -6.88
N ASN A 72 4.04 -14.63 -6.43
CA ASN A 72 4.35 -15.87 -7.13
C ASN A 72 3.60 -15.92 -8.46
N ALA A 73 2.34 -15.46 -8.42
CA ALA A 73 1.49 -15.45 -9.60
C ALA A 73 1.87 -14.31 -10.55
N TYR A 74 2.44 -13.25 -9.99
CA TYR A 74 2.82 -12.08 -10.78
C TYR A 74 3.75 -12.45 -11.93
N THR A 75 4.42 -13.58 -11.84
CA THR A 75 5.30 -14.00 -12.92
C THR A 75 4.58 -13.89 -14.25
N GLU A 76 3.29 -14.22 -14.22
CA GLU A 76 2.45 -14.17 -15.41
C GLU A 76 2.31 -12.74 -15.93
N ILE A 77 2.35 -11.78 -15.02
CA ILE A 77 2.22 -10.38 -15.40
C ILE A 77 3.15 -10.01 -16.54
N ASN A 78 4.41 -10.43 -16.44
CA ASN A 78 5.40 -10.15 -17.47
C ASN A 78 4.96 -10.71 -18.82
N LYS A 79 4.12 -11.73 -18.79
CA LYS A 79 3.62 -12.36 -20.01
C LYS A 79 3.02 -11.31 -20.95
N LYS A 80 2.66 -10.17 -20.39
CA LYS A 80 2.08 -9.08 -21.16
C LYS A 80 2.88 -7.80 -20.97
N HIS A 81 3.29 -7.55 -19.73
CA HIS A 81 4.07 -6.36 -19.41
C HIS A 81 4.94 -6.61 -18.17
N CYS A 82 6.23 -6.34 -18.29
CA CYS A 82 7.16 -6.53 -17.18
C CYS A 82 6.73 -5.69 -15.98
N TRP A 83 6.48 -6.34 -14.85
CA TRP A 83 6.06 -5.64 -13.64
C TRP A 83 6.86 -6.09 -12.43
N LYS A 84 7.15 -5.15 -11.56
CA LYS A 84 7.91 -5.42 -10.34
C LYS A 84 7.02 -5.31 -9.11
N LEU A 85 6.97 -6.37 -8.31
CA LEU A 85 6.17 -6.36 -7.10
C LEU A 85 6.93 -7.01 -5.94
N GLU A 86 7.39 -6.19 -5.01
CA GLU A 86 8.14 -6.68 -3.86
C GLU A 86 7.33 -6.50 -2.57
N ILE A 87 7.32 -7.54 -1.74
CA ILE A 87 6.59 -7.50 -0.48
C ILE A 87 7.47 -6.96 0.64
N LEU A 88 7.06 -5.82 1.21
CA LEU A 88 7.81 -5.21 2.30
C LEU A 88 7.83 -6.11 3.52
N SER A 89 8.98 -6.17 4.18
CA SER A 89 9.14 -7.02 5.36
C SER A 89 10.03 -6.36 6.41
N GLY A 90 9.94 -6.85 7.63
CA GLY A 90 10.74 -6.31 8.72
C GLY A 90 10.66 -4.80 8.82
N ASP A 91 11.77 -4.18 9.21
CA ASP A 91 11.82 -2.74 9.35
C ASP A 91 11.26 -2.04 8.12
N HIS A 92 11.41 -2.68 6.96
CA HIS A 92 10.89 -2.13 5.72
C HIS A 92 9.36 -2.05 5.74
N GLU A 93 8.73 -3.16 6.16
CA GLU A 93 7.28 -3.22 6.23
C GLU A 93 6.76 -2.28 7.32
N GLN A 94 7.42 -2.34 8.48
CA GLN A 94 7.05 -1.50 9.61
C GLN A 94 7.26 -0.03 9.28
N ARG A 95 8.31 0.26 8.52
CA ARG A 95 8.64 1.62 8.13
C ARG A 95 7.54 2.25 7.30
N TYR A 96 7.12 1.53 6.25
CA TYR A 96 6.06 2.05 5.37
C TYR A 96 4.76 2.27 6.14
N TRP A 97 4.40 1.32 6.98
CA TRP A 97 3.19 1.44 7.78
C TRP A 97 3.29 2.64 8.70
N GLN A 98 4.50 2.92 9.17
CA GLN A 98 4.74 4.06 10.04
C GLN A 98 4.35 5.34 9.33
N LYS A 99 4.69 5.43 8.04
CA LYS A 99 4.35 6.59 7.24
C LYS A 99 2.84 6.74 7.15
N ILE A 100 2.17 5.61 6.99
CA ILE A 100 0.70 5.60 6.90
C ILE A 100 0.06 6.15 8.17
N LEU A 101 0.57 5.71 9.32
CA LEU A 101 0.04 6.15 10.60
C LEU A 101 0.33 7.63 10.84
N VAL A 102 1.58 8.03 10.60
CA VAL A 102 1.99 9.42 10.80
C VAL A 102 1.21 10.35 9.88
N ASP A 103 0.98 9.92 8.64
CA ASP A 103 0.24 10.72 7.67
C ASP A 103 -1.20 10.91 8.12
N ARG A 104 -1.79 9.86 8.69
CA ARG A 104 -3.17 9.92 9.16
C ARG A 104 -3.31 10.94 10.27
N GLN A 105 -2.34 10.97 11.18
CA GLN A 105 -2.34 11.90 12.29
C GLN A 105 -2.26 13.34 11.79
N ALA A 106 -1.41 13.56 10.80
CA ALA A 106 -1.24 14.88 10.22
C ALA A 106 -2.54 15.40 9.64
N LYS A 107 -3.31 14.50 9.05
CA LYS A 107 -4.60 14.86 8.46
C LYS A 107 -5.42 15.70 9.43
N LEU A 108 -5.14 15.53 10.73
CA LEU A 108 -5.86 16.26 11.76
C LEU A 108 -6.12 17.71 11.36
N ASN A 109 -5.18 18.28 10.59
CA ASN A 109 -5.32 19.66 10.13
C ASN A 109 -6.76 19.96 9.73
N GLN A 110 -7.24 19.26 8.70
CA GLN A 110 -8.61 19.46 8.22
C GLN A 110 -8.98 18.41 7.18
N PRO A 111 -10.27 18.08 7.08
CA PRO A 111 -10.77 17.08 6.12
C PRO A 111 -10.73 17.60 4.69
N ARG A 112 -9.58 17.43 4.04
CA ARG A 112 -9.41 17.88 2.66
C ARG A 112 -10.29 17.07 1.71
N GLU A 113 -10.09 17.27 0.41
CA GLU A 113 -10.86 16.55 -0.60
C GLU A 113 -9.97 15.61 -1.40
N LYS A 114 -10.01 14.33 -1.04
CA LYS A 114 -9.20 13.32 -1.73
C LYS A 114 -10.09 12.32 -2.46
N LYS A 115 -10.02 12.34 -3.79
CA LYS A 115 -10.83 11.42 -4.60
C LYS A 115 -10.71 10.00 -4.09
N ARG A 116 -11.82 9.28 -4.12
CA ARG A 116 -11.85 7.89 -3.65
C ARG A 116 -13.19 7.23 -3.96
N GLY A 117 -13.14 6.06 -4.58
CA GLY A 117 -14.36 5.34 -4.92
C GLY A 117 -14.64 5.36 -6.40
N THR A 118 -14.94 4.18 -6.94
CA THR A 118 -15.24 4.05 -8.37
C THR A 118 -16.56 3.33 -8.59
N GLU A 119 -17.62 3.86 -7.98
CA GLU A 119 -18.95 3.27 -8.10
C GLU A 119 -19.01 1.93 -7.39
N LYS A 120 -19.20 1.97 -6.08
CA LYS A 120 -19.26 0.75 -5.28
C LYS A 120 -20.55 -0.02 -5.58
N LEU A 121 -20.57 -0.69 -6.74
CA LEU A 121 -21.73 -1.47 -7.14
C LEU A 121 -21.30 -2.69 -7.94
N ILE A 122 -20.97 -3.77 -7.24
CA ILE A 122 -20.55 -5.01 -7.87
C ILE A 122 -21.38 -6.19 -7.41
N THR A 123 -21.89 -6.96 -8.37
CA THR A 123 -22.72 -8.13 -8.06
C THR A 123 -21.86 -9.27 -7.50
N LYS A 124 -22.38 -9.92 -6.46
CA LYS A 124 -21.67 -11.03 -5.82
C LYS A 124 -21.92 -12.34 -6.58
N ALA A 125 -20.95 -13.24 -6.51
CA ALA A 125 -21.06 -14.53 -7.18
C ALA A 125 -21.18 -14.35 -8.69
N MET A 1 -28.19 5.94 17.23
CA MET A 1 -28.71 4.57 17.43
C MET A 1 -27.64 3.63 17.96
N HIS A 2 -26.60 3.43 17.16
CA HIS A 2 -25.50 2.55 17.55
C HIS A 2 -24.18 3.00 16.92
N HIS A 3 -23.08 2.69 17.58
CA HIS A 3 -21.76 3.06 17.08
C HIS A 3 -20.90 1.83 16.83
N HIS A 4 -21.44 0.88 16.06
CA HIS A 4 -20.72 -0.34 15.74
C HIS A 4 -20.49 -1.18 17.00
N HIS A 5 -19.71 -0.65 17.93
CA HIS A 5 -19.42 -1.35 19.18
C HIS A 5 -20.03 -0.61 20.37
N HIS A 6 -20.42 -1.37 21.39
CA HIS A 6 -21.02 -0.80 22.58
C HIS A 6 -19.94 -0.36 23.57
N HIS A 7 -18.75 -0.94 23.43
CA HIS A 7 -17.63 -0.61 24.31
C HIS A 7 -16.64 0.32 23.61
N SER A 8 -15.61 0.73 24.33
CA SER A 8 -14.60 1.63 23.77
C SER A 8 -13.64 0.87 22.86
N ASN A 9 -12.60 1.55 22.40
CA ASN A 9 -11.61 0.94 21.52
C ASN A 9 -10.24 1.58 21.70
N ALA A 10 -9.20 0.79 21.54
CA ALA A 10 -7.83 1.28 21.68
C ALA A 10 -6.94 0.72 20.57
N THR A 11 -6.29 1.60 19.84
CA THR A 11 -5.40 1.20 18.75
C THR A 11 -3.98 1.67 18.99
N GLY A 12 -3.01 0.92 18.47
CA GLY A 12 -1.62 1.27 18.63
C GLY A 12 -0.69 0.08 18.57
N PRO A 13 -0.36 -0.51 19.72
CA PRO A 13 0.53 -1.68 19.80
C PRO A 13 0.13 -2.78 18.81
N GLN A 14 1.13 -3.44 18.23
CA GLN A 14 0.88 -4.51 17.28
C GLN A 14 0.02 -4.02 16.13
N PHE A 15 0.44 -2.93 15.50
CA PHE A 15 -0.29 -2.35 14.37
C PHE A 15 -0.27 -3.29 13.17
N VAL A 16 -1.45 -3.66 12.68
CA VAL A 16 -1.56 -4.54 11.52
C VAL A 16 -0.94 -3.89 10.29
N SER A 17 0.23 -4.39 9.88
CA SER A 17 0.92 -3.83 8.72
C SER A 17 0.25 -4.17 7.38
N GLY A 18 -1.02 -4.59 7.42
CA GLY A 18 -1.74 -4.91 6.20
C GLY A 18 -0.85 -5.43 5.07
N VAL A 19 0.22 -6.13 5.43
CA VAL A 19 1.15 -6.66 4.44
C VAL A 19 1.31 -5.71 3.26
N ILE A 20 2.34 -4.87 3.32
CA ILE A 20 2.60 -3.89 2.27
C ILE A 20 3.16 -4.55 1.02
N VAL A 21 2.53 -4.29 -0.12
CA VAL A 21 2.96 -4.83 -1.40
C VAL A 21 3.49 -3.71 -2.31
N LYS A 22 4.79 -3.73 -2.58
CA LYS A 22 5.41 -2.72 -3.43
C LYS A 22 5.37 -3.12 -4.90
N ILE A 23 4.63 -2.35 -5.69
CA ILE A 23 4.52 -2.63 -7.13
C ILE A 23 5.20 -1.53 -7.94
N ILE A 24 6.16 -1.91 -8.77
CA ILE A 24 6.87 -0.96 -9.61
C ILE A 24 6.95 -1.47 -11.05
N SER A 25 6.69 -0.58 -12.00
CA SER A 25 6.74 -0.95 -13.41
C SER A 25 7.75 -0.10 -14.17
N THR A 26 7.66 -0.12 -15.49
CA THR A 26 8.57 0.65 -16.33
C THR A 26 7.81 1.43 -17.41
N GLU A 27 6.48 1.43 -17.28
CA GLU A 27 5.62 2.13 -18.23
C GLU A 27 4.22 1.55 -18.22
N PRO A 28 4.12 0.21 -18.31
CA PRO A 28 2.84 -0.50 -18.31
C PRO A 28 1.88 0.01 -17.25
N LEU A 29 2.42 0.37 -16.08
CA LEU A 29 1.60 0.87 -14.98
C LEU A 29 0.54 1.82 -15.50
N PRO A 30 -0.69 1.32 -15.67
CA PRO A 30 -1.82 2.09 -16.18
C PRO A 30 -2.37 3.06 -15.13
N GLY A 31 -2.35 2.65 -13.87
CA GLY A 31 -2.86 3.49 -12.81
C GLY A 31 -3.30 2.69 -11.60
N ARG A 32 -3.81 3.38 -10.59
CA ARG A 32 -4.29 2.71 -9.37
C ARG A 32 -5.45 1.78 -9.69
N LYS A 33 -6.34 2.23 -10.56
CA LYS A 33 -7.51 1.45 -10.95
C LYS A 33 -7.11 0.15 -11.65
N GLN A 34 -6.14 0.23 -12.54
CA GLN A 34 -5.69 -0.94 -13.28
C GLN A 34 -4.81 -1.84 -12.40
N VAL A 35 -3.90 -1.23 -11.65
CA VAL A 35 -3.01 -1.99 -10.78
C VAL A 35 -3.79 -2.66 -9.66
N ARG A 36 -4.70 -1.90 -9.05
CA ARG A 36 -5.52 -2.41 -7.97
C ARG A 36 -6.41 -3.55 -8.45
N ASP A 37 -7.01 -3.36 -9.62
CA ASP A 37 -7.88 -4.37 -10.21
C ASP A 37 -7.08 -5.63 -10.53
N THR A 38 -5.90 -5.44 -11.09
CA THR A 38 -5.03 -6.55 -11.44
C THR A 38 -4.73 -7.40 -10.21
N LEU A 39 -3.79 -6.93 -9.39
CA LEU A 39 -3.41 -7.66 -8.19
C LEU A 39 -4.65 -8.23 -7.50
N ALA A 40 -5.72 -7.44 -7.46
CA ALA A 40 -6.95 -7.88 -6.81
C ALA A 40 -7.61 -9.02 -7.58
N ALA A 41 -7.35 -9.08 -8.89
CA ALA A 41 -7.91 -10.13 -9.72
C ALA A 41 -7.21 -11.46 -9.46
N ILE A 42 -5.94 -11.38 -9.09
CA ILE A 42 -5.16 -12.58 -8.78
C ILE A 42 -5.41 -13.04 -7.35
N SER A 43 -5.67 -12.08 -6.47
CA SER A 43 -5.93 -12.37 -5.07
C SER A 43 -6.74 -11.25 -4.44
N GLU A 44 -7.48 -11.57 -3.37
CA GLU A 44 -8.30 -10.59 -2.69
C GLU A 44 -7.46 -9.72 -1.76
N VAL A 45 -7.37 -8.43 -2.10
CA VAL A 45 -6.60 -7.48 -1.29
C VAL A 45 -7.53 -6.54 -0.53
N LEU A 46 -6.96 -5.73 0.35
CA LEU A 46 -7.74 -4.79 1.14
C LEU A 46 -7.81 -3.43 0.46
N TYR A 47 -6.66 -2.77 0.34
CA TYR A 47 -6.60 -1.45 -0.28
C TYR A 47 -5.31 -1.24 -1.06
N VAL A 48 -5.40 -0.58 -2.21
CA VAL A 48 -4.24 -0.31 -3.04
C VAL A 48 -3.94 1.18 -3.09
N ASP A 49 -2.81 1.58 -2.52
CA ASP A 49 -2.41 2.98 -2.50
C ASP A 49 -1.34 3.27 -3.55
N LEU A 50 -1.77 3.78 -4.71
CA LEU A 50 -0.84 4.10 -5.79
C LEU A 50 -0.55 5.60 -5.82
N LEU A 51 0.72 5.96 -5.88
CA LEU A 51 1.11 7.37 -5.92
C LEU A 51 0.50 8.06 -7.13
N GLU A 52 -0.48 8.92 -6.87
CA GLU A 52 -1.17 9.65 -7.93
C GLU A 52 -0.18 10.24 -8.92
N GLY A 53 -0.32 9.88 -10.19
CA GLY A 53 0.56 10.39 -11.22
C GLY A 53 1.97 9.83 -11.12
N ASP A 54 2.14 8.78 -10.32
CA ASP A 54 3.43 8.15 -10.15
C ASP A 54 3.45 6.74 -10.72
N THR A 55 4.65 6.17 -10.88
CA THR A 55 4.80 4.83 -11.42
C THR A 55 5.06 3.82 -10.31
N GLU A 56 4.86 4.24 -9.06
CA GLU A 56 5.08 3.38 -7.91
C GLU A 56 3.81 3.26 -7.06
N CYS A 57 3.29 2.05 -6.95
CA CYS A 57 2.09 1.81 -6.17
C CYS A 57 2.34 0.79 -5.07
N HIS A 58 1.75 1.02 -3.90
CA HIS A 58 1.89 0.12 -2.77
C HIS A 58 0.52 -0.25 -2.21
N ALA A 59 0.13 -1.51 -2.42
CA ALA A 59 -1.17 -1.97 -1.95
C ALA A 59 -1.06 -2.80 -0.68
N ARG A 60 -1.93 -2.51 0.27
CA ARG A 60 -1.96 -3.24 1.54
C ARG A 60 -2.83 -4.48 1.40
N PHE A 61 -2.31 -5.61 1.82
CA PHE A 61 -3.04 -6.88 1.76
C PHE A 61 -3.60 -7.24 3.12
N LYS A 62 -4.77 -7.87 3.12
CA LYS A 62 -5.41 -8.27 4.37
C LYS A 62 -4.71 -9.47 4.98
N THR A 63 -3.95 -10.19 4.14
CA THR A 63 -3.21 -11.36 4.60
C THR A 63 -1.85 -11.43 3.92
N PRO A 64 -0.86 -12.01 4.61
CA PRO A 64 0.49 -12.15 4.07
C PRO A 64 0.60 -13.25 3.03
N GLU A 65 -0.11 -14.34 3.26
CA GLU A 65 -0.10 -15.47 2.33
C GLU A 65 -0.63 -15.06 0.97
N ASP A 66 -1.66 -14.24 0.95
CA ASP A 66 -2.26 -13.79 -0.30
C ASP A 66 -1.27 -12.96 -1.11
N ALA A 67 -0.44 -12.18 -0.42
CA ALA A 67 0.56 -11.36 -1.09
C ALA A 67 1.62 -12.21 -1.77
N GLN A 68 2.05 -13.26 -1.08
CA GLN A 68 3.07 -14.16 -1.62
C GLN A 68 2.55 -14.86 -2.88
N ALA A 69 1.29 -15.27 -2.85
CA ALA A 69 0.68 -15.96 -3.97
C ALA A 69 0.54 -15.07 -5.20
N VAL A 70 0.15 -13.81 -4.98
CA VAL A 70 -0.03 -12.87 -6.08
C VAL A 70 1.29 -12.50 -6.76
N ILE A 71 2.31 -12.26 -5.94
CA ILE A 71 3.63 -11.89 -6.47
C ILE A 71 4.26 -13.06 -7.23
N ASN A 72 4.02 -14.27 -6.74
CA ASN A 72 4.54 -15.46 -7.38
C ASN A 72 3.83 -15.71 -8.71
N ALA A 73 2.52 -15.49 -8.70
CA ALA A 73 1.69 -15.69 -9.89
C ALA A 73 1.86 -14.54 -10.88
N TYR A 74 2.29 -13.38 -10.37
CA TYR A 74 2.45 -12.20 -11.20
C TYR A 74 3.47 -12.41 -12.31
N THR A 75 4.18 -13.53 -12.29
CA THR A 75 5.16 -13.80 -13.33
C THR A 75 4.49 -13.68 -14.69
N GLU A 76 3.23 -14.11 -14.74
CA GLU A 76 2.45 -14.06 -15.97
C GLU A 76 2.43 -12.66 -16.57
N ILE A 77 2.31 -11.65 -15.72
CA ILE A 77 2.27 -10.28 -16.20
C ILE A 77 3.37 -10.03 -17.23
N ASN A 78 4.58 -10.47 -16.92
CA ASN A 78 5.71 -10.30 -17.84
C ASN A 78 5.34 -10.71 -19.25
N LYS A 79 4.46 -11.72 -19.36
CA LYS A 79 4.03 -12.20 -20.66
C LYS A 79 3.48 -11.07 -21.51
N LYS A 80 2.98 -10.03 -20.84
CA LYS A 80 2.42 -8.86 -21.52
C LYS A 80 3.18 -7.60 -21.13
N HIS A 81 3.53 -7.51 -19.85
CA HIS A 81 4.26 -6.36 -19.34
C HIS A 81 5.06 -6.74 -18.10
N CYS A 82 6.35 -6.42 -18.10
CA CYS A 82 7.22 -6.74 -16.97
C CYS A 82 6.82 -5.96 -15.74
N TRP A 83 6.48 -6.66 -14.66
CA TRP A 83 6.07 -6.00 -13.42
C TRP A 83 6.88 -6.49 -12.23
N LYS A 84 7.09 -5.57 -11.29
CA LYS A 84 7.85 -5.86 -10.09
C LYS A 84 6.96 -5.89 -8.85
N LEU A 85 7.17 -6.88 -8.01
CA LEU A 85 6.39 -7.02 -6.78
C LEU A 85 7.30 -7.39 -5.62
N GLU A 86 7.22 -6.62 -4.53
CA GLU A 86 8.05 -6.88 -3.35
C GLU A 86 7.27 -6.69 -2.06
N ILE A 87 7.37 -7.66 -1.15
CA ILE A 87 6.68 -7.60 0.12
C ILE A 87 7.59 -6.98 1.18
N LEU A 88 7.19 -5.82 1.69
CA LEU A 88 7.98 -5.12 2.71
C LEU A 88 8.07 -5.94 3.99
N SER A 89 9.22 -5.85 4.65
CA SER A 89 9.45 -6.60 5.88
C SER A 89 10.37 -5.84 6.83
N GLY A 90 10.34 -6.24 8.10
CA GLY A 90 11.18 -5.61 9.11
C GLY A 90 11.00 -4.10 9.15
N ASP A 91 12.11 -3.40 9.40
CA ASP A 91 12.07 -1.94 9.49
C ASP A 91 11.51 -1.32 8.21
N HIS A 92 11.72 -2.00 7.08
CA HIS A 92 11.22 -1.50 5.80
C HIS A 92 9.69 -1.43 5.81
N GLU A 93 9.06 -2.51 6.25
CA GLU A 93 7.61 -2.57 6.31
C GLU A 93 7.06 -1.61 7.36
N GLN A 94 7.70 -1.61 8.53
CA GLN A 94 7.31 -0.73 9.62
C GLN A 94 7.48 0.73 9.23
N ARG A 95 8.56 1.01 8.50
CA ARG A 95 8.84 2.37 8.06
C ARG A 95 7.72 2.90 7.17
N TYR A 96 7.40 2.15 6.12
CA TYR A 96 6.33 2.56 5.20
C TYR A 96 5.06 2.87 5.97
N TRP A 97 4.73 2.01 6.94
CA TRP A 97 3.54 2.20 7.74
C TRP A 97 3.66 3.50 8.54
N GLN A 98 4.86 3.78 9.06
CA GLN A 98 5.08 5.00 9.81
C GLN A 98 4.56 6.19 9.01
N LYS A 99 4.87 6.19 7.71
CA LYS A 99 4.42 7.25 6.82
C LYS A 99 2.90 7.25 6.76
N ILE A 100 2.31 6.04 6.73
CA ILE A 100 0.87 5.90 6.69
C ILE A 100 0.23 6.52 7.94
N LEU A 101 0.68 6.07 9.11
CA LEU A 101 0.17 6.57 10.38
C LEU A 101 0.42 8.08 10.50
N VAL A 102 1.68 8.47 10.45
CA VAL A 102 2.06 9.87 10.57
C VAL A 102 1.32 10.72 9.54
N ASP A 103 1.14 10.18 8.34
CA ASP A 103 0.45 10.91 7.27
C ASP A 103 -1.00 11.20 7.68
N ARG A 104 -1.62 10.22 8.35
CA ARG A 104 -3.00 10.38 8.79
C ARG A 104 -3.11 11.50 9.81
N GLN A 105 -2.12 11.58 10.70
CA GLN A 105 -2.10 12.61 11.73
C GLN A 105 -2.03 14.00 11.10
N ALA A 106 -1.19 14.13 10.08
CA ALA A 106 -1.03 15.40 9.40
C ALA A 106 -2.33 15.83 8.73
N LYS A 107 -3.06 14.85 8.20
CA LYS A 107 -4.33 15.14 7.53
C LYS A 107 -5.27 15.88 8.46
N LEU A 108 -5.23 15.55 9.74
CA LEU A 108 -6.09 16.19 10.73
C LEU A 108 -5.85 17.69 10.76
N ASN A 109 -4.73 18.11 10.19
CA ASN A 109 -4.37 19.53 10.15
C ASN A 109 -4.27 20.03 8.71
N GLN A 110 -3.57 19.27 7.88
CA GLN A 110 -3.38 19.63 6.49
C GLN A 110 -4.13 18.66 5.57
N PRO A 111 -5.47 18.63 5.68
CA PRO A 111 -6.31 17.74 4.87
C PRO A 111 -6.37 18.18 3.41
N ARG A 112 -7.34 17.64 2.67
CA ARG A 112 -7.52 17.98 1.26
C ARG A 112 -6.42 17.32 0.42
N GLU A 113 -6.52 17.47 -0.90
CA GLU A 113 -5.55 16.89 -1.80
C GLU A 113 -5.64 15.37 -1.82
N LYS A 114 -4.92 14.74 -2.75
CA LYS A 114 -4.93 13.28 -2.87
C LYS A 114 -6.31 12.77 -3.23
N LYS A 115 -6.37 11.85 -4.20
CA LYS A 115 -7.63 11.28 -4.62
C LYS A 115 -8.52 12.33 -5.30
N ARG A 116 -8.06 12.85 -6.44
CA ARG A 116 -8.80 13.86 -7.17
C ARG A 116 -9.97 13.24 -7.93
N GLY A 117 -9.87 11.93 -8.19
CA GLY A 117 -10.92 11.24 -8.91
C GLY A 117 -10.37 10.41 -10.07
N THR A 118 -11.26 9.68 -10.73
CA THR A 118 -10.87 8.84 -11.86
C THR A 118 -11.74 9.12 -13.09
N GLU A 119 -12.57 10.16 -13.00
CA GLU A 119 -13.45 10.53 -14.10
C GLU A 119 -12.72 11.44 -15.09
N LYS A 120 -11.53 11.01 -15.50
CA LYS A 120 -10.74 11.78 -16.45
C LYS A 120 -10.17 10.91 -17.55
N LEU A 121 -9.66 11.53 -18.60
CA LEU A 121 -9.08 10.80 -19.73
C LEU A 121 -10.13 9.95 -20.43
N ILE A 122 -11.41 10.31 -20.23
CA ILE A 122 -12.50 9.58 -20.85
C ILE A 122 -12.62 8.16 -20.28
N THR A 123 -13.84 7.67 -20.18
CA THR A 123 -14.08 6.32 -19.66
C THR A 123 -14.64 5.42 -20.76
N LYS A 124 -13.85 5.21 -21.79
CA LYS A 124 -14.26 4.37 -22.91
C LYS A 124 -13.21 3.31 -23.21
N ALA A 125 -11.97 3.74 -23.39
CA ALA A 125 -10.87 2.82 -23.69
C ALA A 125 -9.85 2.81 -22.55
N MET A 1 16.94 4.49 14.69
CA MET A 1 16.23 4.82 13.43
C MET A 1 16.25 6.33 13.17
N HIS A 2 16.51 7.10 14.21
CA HIS A 2 16.56 8.55 14.10
C HIS A 2 17.05 9.19 15.40
N HIS A 3 17.33 10.49 15.36
CA HIS A 3 17.80 11.21 16.53
C HIS A 3 16.71 11.31 17.58
N HIS A 4 17.09 11.77 18.77
CA HIS A 4 16.14 11.92 19.88
C HIS A 4 15.65 10.56 20.37
N HIS A 5 15.21 10.52 21.62
CA HIS A 5 14.71 9.28 22.22
C HIS A 5 14.59 9.44 23.74
N HIS A 6 13.81 10.41 24.18
CA HIS A 6 13.63 10.66 25.60
C HIS A 6 12.14 10.72 25.96
N HIS A 7 11.34 9.90 25.30
CA HIS A 7 9.90 9.87 25.56
C HIS A 7 9.31 8.50 25.24
N SER A 8 9.46 8.09 23.98
CA SER A 8 8.94 6.79 23.55
C SER A 8 9.71 5.64 24.17
N ASN A 9 9.26 5.19 25.34
CA ASN A 9 9.91 4.10 26.04
C ASN A 9 10.08 2.88 25.14
N ALA A 10 8.98 2.15 24.93
CA ALA A 10 9.01 0.96 24.09
C ALA A 10 7.68 0.79 23.34
N THR A 11 7.72 0.99 22.03
CA THR A 11 6.51 0.85 21.21
C THR A 11 6.16 -0.62 21.01
N GLY A 12 4.85 -0.89 20.92
CA GLY A 12 4.40 -2.25 20.73
C GLY A 12 4.49 -2.69 19.27
N PRO A 13 5.37 -3.65 18.96
CA PRO A 13 5.54 -4.15 17.60
C PRO A 13 4.51 -5.22 17.24
N GLN A 14 3.26 -4.81 17.11
CA GLN A 14 2.18 -5.73 16.76
C GLN A 14 1.14 -5.03 15.89
N PHE A 15 1.58 -4.03 15.14
CA PHE A 15 0.68 -3.28 14.27
C PHE A 15 0.46 -4.01 12.95
N VAL A 16 -0.74 -4.53 12.76
CA VAL A 16 -1.07 -5.24 11.52
C VAL A 16 -0.57 -4.47 10.32
N SER A 17 0.61 -4.85 9.82
CA SER A 17 1.21 -4.18 8.66
C SER A 17 0.50 -4.50 7.34
N GLY A 18 -0.72 -5.01 7.41
CA GLY A 18 -1.48 -5.31 6.20
C GLY A 18 -0.60 -5.69 5.01
N VAL A 19 0.54 -6.32 5.28
CA VAL A 19 1.45 -6.71 4.21
C VAL A 19 1.49 -5.65 3.11
N ILE A 20 2.45 -4.74 3.20
CA ILE A 20 2.58 -3.67 2.22
C ILE A 20 3.27 -4.14 0.95
N VAL A 21 2.46 -4.60 0.00
CA VAL A 21 2.98 -5.09 -1.27
C VAL A 21 3.42 -3.92 -2.16
N LYS A 22 4.68 -3.97 -2.61
CA LYS A 22 5.23 -2.92 -3.46
C LYS A 22 5.17 -3.31 -4.92
N ILE A 23 4.48 -2.49 -5.72
CA ILE A 23 4.38 -2.74 -7.15
C ILE A 23 5.11 -1.67 -7.95
N ILE A 24 6.08 -2.09 -8.74
CA ILE A 24 6.83 -1.17 -9.58
C ILE A 24 6.94 -1.69 -11.00
N SER A 25 6.68 -0.82 -11.97
CA SER A 25 6.76 -1.20 -13.37
C SER A 25 7.91 -0.50 -14.08
N THR A 26 7.92 -0.57 -15.39
CA THR A 26 8.97 0.04 -16.18
C THR A 26 8.63 1.48 -16.53
N GLU A 27 7.34 1.80 -16.48
CA GLU A 27 6.87 3.15 -16.79
C GLU A 27 5.40 3.14 -17.17
N PRO A 28 5.02 2.26 -18.11
CA PRO A 28 3.64 2.14 -18.58
C PRO A 28 2.63 2.14 -17.43
N LEU A 29 2.73 1.13 -16.58
CA LEU A 29 1.82 1.00 -15.44
C LEU A 29 0.42 1.46 -15.82
N PRO A 30 -0.44 0.52 -16.22
CA PRO A 30 -1.81 0.81 -16.61
C PRO A 30 -2.42 2.00 -15.87
N GLY A 31 -2.40 1.91 -14.54
CA GLY A 31 -2.95 2.98 -13.73
C GLY A 31 -3.47 2.49 -12.40
N ARG A 32 -4.02 3.38 -11.58
CA ARG A 32 -4.56 2.98 -10.29
C ARG A 32 -5.73 2.02 -10.48
N LYS A 33 -6.59 2.33 -11.43
CA LYS A 33 -7.76 1.50 -11.72
C LYS A 33 -7.35 0.13 -12.23
N GLN A 34 -6.39 0.10 -13.15
CA GLN A 34 -5.92 -1.15 -13.73
C GLN A 34 -5.03 -1.90 -12.75
N VAL A 35 -4.13 -1.18 -12.10
CA VAL A 35 -3.23 -1.80 -11.14
C VAL A 35 -4.00 -2.42 -9.99
N ARG A 36 -5.00 -1.69 -9.50
CA ARG A 36 -5.83 -2.18 -8.40
C ARG A 36 -6.60 -3.44 -8.82
N ASP A 37 -7.16 -3.40 -10.02
CA ASP A 37 -7.93 -4.53 -10.54
C ASP A 37 -7.02 -5.72 -10.81
N THR A 38 -5.77 -5.44 -11.21
CA THR A 38 -4.81 -6.49 -11.50
C THR A 38 -4.44 -7.29 -10.26
N LEU A 39 -3.98 -6.59 -9.23
CA LEU A 39 -3.60 -7.25 -7.99
C LEU A 39 -4.82 -7.92 -7.37
N ALA A 40 -5.96 -7.24 -7.43
CA ALA A 40 -7.19 -7.78 -6.88
C ALA A 40 -7.67 -8.95 -7.73
N ALA A 41 -7.27 -8.97 -8.99
CA ALA A 41 -7.67 -10.05 -9.89
C ALA A 41 -6.91 -11.34 -9.56
N ILE A 42 -5.70 -11.20 -9.06
CA ILE A 42 -4.89 -12.36 -8.68
C ILE A 42 -5.31 -12.89 -7.31
N SER A 43 -5.73 -11.98 -6.44
CA SER A 43 -6.16 -12.34 -5.10
C SER A 43 -6.94 -11.20 -4.45
N GLU A 44 -7.63 -11.50 -3.35
CA GLU A 44 -8.41 -10.48 -2.65
C GLU A 44 -7.51 -9.56 -1.83
N VAL A 45 -7.48 -8.29 -2.21
CA VAL A 45 -6.66 -7.30 -1.52
C VAL A 45 -7.53 -6.37 -0.67
N LEU A 46 -6.90 -5.73 0.31
CA LEU A 46 -7.61 -4.80 1.19
C LEU A 46 -7.72 -3.43 0.56
N TYR A 47 -6.60 -2.72 0.48
CA TYR A 47 -6.57 -1.38 -0.09
C TYR A 47 -5.31 -1.16 -0.92
N VAL A 48 -5.46 -0.50 -2.07
CA VAL A 48 -4.32 -0.24 -2.94
C VAL A 48 -3.93 1.24 -2.93
N ASP A 49 -2.74 1.52 -2.42
CA ASP A 49 -2.25 2.90 -2.36
C ASP A 49 -1.27 3.20 -3.48
N LEU A 50 -1.78 3.69 -4.60
CA LEU A 50 -0.94 4.02 -5.75
C LEU A 50 -0.59 5.50 -5.75
N LEU A 51 0.69 5.81 -5.90
CA LEU A 51 1.15 7.20 -5.93
C LEU A 51 0.65 7.92 -7.18
N GLU A 52 -0.47 8.63 -7.05
CA GLU A 52 -1.05 9.36 -8.17
C GLU A 52 0.03 10.01 -9.04
N GLY A 53 -0.04 9.73 -10.34
CA GLY A 53 0.94 10.30 -11.26
C GLY A 53 2.31 9.67 -11.13
N ASP A 54 2.39 8.60 -10.34
CA ASP A 54 3.66 7.91 -10.14
C ASP A 54 3.61 6.51 -10.74
N THR A 55 4.77 5.88 -10.86
CA THR A 55 4.87 4.54 -11.42
C THR A 55 5.05 3.51 -10.32
N GLU A 56 4.83 3.92 -9.08
CA GLU A 56 4.99 3.03 -7.93
C GLU A 56 3.74 3.03 -7.05
N CYS A 57 3.19 1.83 -6.84
CA CYS A 57 2.00 1.67 -6.01
C CYS A 57 2.25 0.63 -4.92
N HIS A 58 1.67 0.85 -3.75
CA HIS A 58 1.84 -0.07 -2.63
C HIS A 58 0.48 -0.50 -2.08
N ALA A 59 0.07 -1.72 -2.44
CA ALA A 59 -1.21 -2.24 -2.00
C ALA A 59 -1.09 -3.01 -0.68
N ARG A 60 -1.95 -2.66 0.26
CA ARG A 60 -1.98 -3.31 1.57
C ARG A 60 -2.84 -4.57 1.52
N PHE A 61 -2.26 -5.70 1.89
CA PHE A 61 -2.97 -6.97 1.91
C PHE A 61 -3.38 -7.34 3.33
N LYS A 62 -4.50 -8.03 3.47
CA LYS A 62 -4.99 -8.43 4.79
C LYS A 62 -4.21 -9.62 5.33
N THR A 63 -3.50 -10.33 4.45
CA THR A 63 -2.72 -11.49 4.87
C THR A 63 -1.43 -11.63 4.08
N PRO A 64 -0.39 -12.19 4.72
CA PRO A 64 0.92 -12.39 4.09
C PRO A 64 0.88 -13.50 3.04
N GLU A 65 0.15 -14.57 3.35
CA GLU A 65 0.03 -15.69 2.44
C GLU A 65 -0.60 -15.25 1.12
N ASP A 66 -1.57 -14.34 1.21
CA ASP A 66 -2.25 -13.82 0.04
C ASP A 66 -1.27 -13.07 -0.86
N ALA A 67 -0.40 -12.27 -0.24
CA ALA A 67 0.60 -11.51 -0.98
C ALA A 67 1.62 -12.44 -1.64
N GLN A 68 2.07 -13.44 -0.90
CA GLN A 68 3.04 -14.40 -1.42
C GLN A 68 2.54 -15.00 -2.72
N ALA A 69 1.26 -15.37 -2.74
CA ALA A 69 0.65 -15.96 -3.92
C ALA A 69 0.62 -14.95 -5.07
N VAL A 70 0.34 -13.70 -4.75
CA VAL A 70 0.25 -12.65 -5.77
C VAL A 70 1.61 -12.35 -6.39
N ILE A 71 2.65 -12.25 -5.58
CA ILE A 71 3.99 -11.96 -6.09
C ILE A 71 4.52 -13.11 -6.93
N ASN A 72 4.19 -14.33 -6.53
CA ASN A 72 4.62 -15.51 -7.27
C ASN A 72 3.88 -15.59 -8.60
N ALA A 73 2.60 -15.27 -8.54
CA ALA A 73 1.74 -15.29 -9.72
C ALA A 73 2.00 -14.09 -10.63
N TYR A 74 2.50 -13.01 -10.03
CA TYR A 74 2.76 -11.78 -10.77
C TYR A 74 3.75 -12.00 -11.90
N THR A 75 4.49 -13.10 -11.85
CA THR A 75 5.45 -13.39 -12.90
C THR A 75 4.73 -13.39 -14.24
N GLU A 76 3.50 -13.87 -14.21
CA GLU A 76 2.66 -13.93 -15.40
C GLU A 76 2.50 -12.56 -16.04
N ILE A 77 2.33 -11.54 -15.20
CA ILE A 77 2.16 -10.18 -15.68
C ILE A 77 3.12 -9.90 -16.84
N ASN A 78 4.38 -10.32 -16.68
CA ASN A 78 5.38 -10.10 -17.71
C ASN A 78 4.84 -10.47 -19.09
N LYS A 79 3.90 -11.40 -19.13
CA LYS A 79 3.30 -11.83 -20.39
C LYS A 79 2.93 -10.62 -21.25
N LYS A 80 2.67 -9.49 -20.59
CA LYS A 80 2.31 -8.27 -21.28
C LYS A 80 3.25 -7.14 -20.89
N HIS A 81 3.63 -7.10 -19.61
CA HIS A 81 4.54 -6.08 -19.11
C HIS A 81 5.29 -6.59 -17.89
N CYS A 82 6.61 -6.43 -17.90
CA CYS A 82 7.45 -6.87 -16.80
C CYS A 82 7.14 -6.08 -15.53
N TRP A 83 6.32 -6.65 -14.66
CA TRP A 83 5.94 -5.99 -13.43
C TRP A 83 6.70 -6.57 -12.23
N LYS A 84 6.97 -5.71 -11.25
CA LYS A 84 7.69 -6.10 -10.06
C LYS A 84 6.78 -6.11 -8.83
N LEU A 85 6.91 -7.16 -8.02
CA LEU A 85 6.12 -7.29 -6.80
C LEU A 85 6.98 -7.76 -5.63
N GLU A 86 7.16 -6.89 -4.64
CA GLU A 86 7.96 -7.22 -3.47
C GLU A 86 7.18 -6.95 -2.18
N ILE A 87 7.26 -7.88 -1.24
CA ILE A 87 6.56 -7.73 0.03
C ILE A 87 7.43 -7.02 1.07
N LEU A 88 6.96 -5.87 1.54
CA LEU A 88 7.70 -5.08 2.53
C LEU A 88 7.88 -5.84 3.84
N SER A 89 9.08 -5.76 4.40
CA SER A 89 9.40 -6.46 5.64
C SER A 89 10.42 -5.68 6.47
N GLY A 90 10.51 -6.01 7.75
CA GLY A 90 11.46 -5.35 8.63
C GLY A 90 11.32 -3.85 8.62
N ASP A 91 12.37 -3.16 9.07
CA ASP A 91 12.36 -1.71 9.12
C ASP A 91 11.69 -1.15 7.87
N HIS A 92 11.81 -1.87 6.76
CA HIS A 92 11.20 -1.44 5.51
C HIS A 92 9.68 -1.41 5.61
N GLU A 93 9.11 -2.47 6.18
CA GLU A 93 7.67 -2.56 6.34
C GLU A 93 7.19 -1.50 7.33
N GLN A 94 7.90 -1.40 8.45
CA GLN A 94 7.57 -0.43 9.48
C GLN A 94 7.71 0.99 8.96
N ARG A 95 8.73 1.21 8.14
CA ARG A 95 9.00 2.52 7.56
C ARG A 95 7.81 3.01 6.75
N TYR A 96 7.37 2.21 5.80
CA TYR A 96 6.23 2.58 4.95
C TYR A 96 4.99 2.81 5.79
N TRP A 97 4.73 1.92 6.74
CA TRP A 97 3.58 2.05 7.61
C TRP A 97 3.67 3.33 8.43
N GLN A 98 4.87 3.62 8.93
CA GLN A 98 5.09 4.82 9.71
C GLN A 98 4.58 6.03 8.95
N LYS A 99 4.85 6.05 7.64
CA LYS A 99 4.40 7.14 6.78
C LYS A 99 2.87 7.19 6.76
N ILE A 100 2.26 6.02 6.70
CA ILE A 100 0.80 5.93 6.68
C ILE A 100 0.20 6.45 7.98
N LEU A 101 0.65 5.88 9.09
CA LEU A 101 0.17 6.27 10.41
C LEU A 101 0.41 7.76 10.67
N VAL A 102 1.67 8.18 10.56
CA VAL A 102 2.03 9.58 10.80
C VAL A 102 1.24 10.51 9.89
N ASP A 103 1.04 10.11 8.64
CA ASP A 103 0.29 10.92 7.69
C ASP A 103 -1.16 11.06 8.13
N ARG A 104 -1.71 9.98 8.68
CA ARG A 104 -3.09 9.99 9.15
C ARG A 104 -3.26 11.02 10.26
N GLN A 105 -2.28 11.08 11.16
CA GLN A 105 -2.31 12.01 12.27
C GLN A 105 -2.29 13.45 11.74
N ALA A 106 -1.48 13.69 10.72
CA ALA A 106 -1.36 15.01 10.13
C ALA A 106 -2.69 15.46 9.52
N LYS A 107 -3.43 14.52 8.95
CA LYS A 107 -4.73 14.82 8.35
C LYS A 107 -5.52 15.79 9.23
N LEU A 108 -5.34 15.67 10.54
CA LEU A 108 -6.04 16.53 11.48
C LEU A 108 -5.87 17.99 11.11
N ASN A 109 -4.74 18.31 10.48
CA ASN A 109 -4.46 19.68 10.06
C ASN A 109 -4.51 19.80 8.54
N GLN A 110 -4.90 20.98 8.06
CA GLN A 110 -5.00 21.21 6.63
C GLN A 110 -6.07 20.33 6.00
N PRO A 111 -7.33 20.53 6.40
CA PRO A 111 -8.47 19.74 5.89
C PRO A 111 -8.62 19.87 4.38
N ARG A 112 -8.35 18.78 3.67
CA ARG A 112 -8.46 18.76 2.22
C ARG A 112 -9.85 19.22 1.78
N GLU A 113 -9.94 20.46 1.34
CA GLU A 113 -11.22 21.02 0.89
C GLU A 113 -11.09 21.58 -0.52
N LYS A 114 -11.83 20.97 -1.45
CA LYS A 114 -11.81 21.39 -2.85
C LYS A 114 -10.40 21.84 -3.25
N LYS A 115 -9.52 20.87 -3.45
CA LYS A 115 -8.15 21.15 -3.83
C LYS A 115 -8.02 21.31 -5.35
N ARG A 116 -8.13 22.55 -5.82
CA ARG A 116 -8.03 22.82 -7.26
C ARG A 116 -6.78 22.19 -7.84
N GLY A 117 -6.95 21.45 -8.94
CA GLY A 117 -5.82 20.81 -9.57
C GLY A 117 -5.84 20.92 -11.09
N THR A 118 -4.81 20.40 -11.73
CA THR A 118 -4.71 20.45 -13.18
C THR A 118 -5.68 19.47 -13.84
N GLU A 119 -6.96 19.63 -13.54
CA GLU A 119 -7.99 18.75 -14.11
C GLU A 119 -9.07 19.58 -14.81
N LYS A 120 -8.92 19.77 -16.10
CA LYS A 120 -9.88 20.54 -16.89
C LYS A 120 -10.76 19.62 -17.72
N LEU A 121 -11.98 19.36 -17.23
CA LEU A 121 -12.92 18.50 -17.93
C LEU A 121 -13.07 18.93 -19.39
N ILE A 122 -13.02 17.97 -20.29
CA ILE A 122 -13.15 18.25 -21.72
C ILE A 122 -14.29 17.45 -22.33
N THR A 123 -15.48 18.06 -22.37
CA THR A 123 -16.65 17.40 -22.94
C THR A 123 -17.00 18.00 -24.30
N LYS A 124 -16.68 19.28 -24.48
CA LYS A 124 -16.98 19.97 -25.74
C LYS A 124 -18.46 19.93 -26.04
N ALA A 125 -19.25 20.65 -25.23
CA ALA A 125 -20.69 20.69 -25.42
C ALA A 125 -21.05 21.38 -26.74
N MET A 1 -26.88 -11.63 14.19
CA MET A 1 -26.41 -12.77 13.35
C MET A 1 -25.54 -13.73 14.16
N HIS A 2 -25.37 -14.94 13.64
CA HIS A 2 -24.57 -15.96 14.30
C HIS A 2 -23.11 -15.52 14.41
N HIS A 3 -22.33 -16.27 15.18
CA HIS A 3 -20.92 -15.96 15.36
C HIS A 3 -20.72 -14.90 16.44
N HIS A 4 -20.94 -15.28 17.69
CA HIS A 4 -20.78 -14.36 18.82
C HIS A 4 -19.45 -14.59 19.52
N HIS A 5 -18.88 -13.52 20.06
CA HIS A 5 -17.60 -13.60 20.75
C HIS A 5 -16.45 -13.65 19.75
N HIS A 6 -15.25 -13.35 20.22
CA HIS A 6 -14.07 -13.35 19.36
C HIS A 6 -12.94 -14.16 19.99
N HIS A 7 -12.22 -14.91 19.16
CA HIS A 7 -11.12 -15.73 19.64
C HIS A 7 -9.93 -14.86 20.03
N SER A 8 -10.14 -13.96 20.98
CA SER A 8 -9.08 -13.06 21.43
C SER A 8 -7.81 -13.83 21.73
N ASN A 9 -6.78 -13.60 20.91
CA ASN A 9 -5.50 -14.28 21.09
C ASN A 9 -4.86 -13.92 22.43
N ALA A 10 -4.11 -12.82 22.45
CA ALA A 10 -3.46 -12.38 23.67
C ALA A 10 -2.56 -11.18 23.40
N THR A 11 -1.83 -11.24 22.29
CA THR A 11 -0.93 -10.16 21.91
C THR A 11 -1.64 -8.81 21.93
N GLY A 12 -0.88 -7.73 21.82
CA GLY A 12 -1.47 -6.41 21.82
C GLY A 12 -0.66 -5.42 20.99
N PRO A 13 0.50 -4.99 21.49
CA PRO A 13 1.37 -4.04 20.79
C PRO A 13 1.78 -4.56 19.41
N GLN A 14 0.95 -4.28 18.41
CA GLN A 14 1.22 -4.71 17.05
C GLN A 14 0.26 -4.05 16.06
N PHE A 15 0.78 -3.18 15.21
CA PHE A 15 -0.03 -2.47 14.23
C PHE A 15 -0.15 -3.29 12.95
N VAL A 16 -1.35 -3.81 12.68
CA VAL A 16 -1.59 -4.59 11.48
C VAL A 16 -0.95 -3.91 10.28
N SER A 17 0.22 -4.41 9.88
CA SER A 17 0.94 -3.84 8.73
C SER A 17 0.30 -4.17 7.38
N GLY A 18 -0.97 -4.58 7.39
CA GLY A 18 -1.67 -4.88 6.15
C GLY A 18 -0.76 -5.38 5.04
N VAL A 19 0.31 -6.09 5.41
CA VAL A 19 1.24 -6.61 4.43
C VAL A 19 1.40 -5.66 3.24
N ILE A 20 2.43 -4.82 3.30
CA ILE A 20 2.70 -3.85 2.23
C ILE A 20 3.23 -4.53 0.98
N VAL A 21 2.59 -4.27 -0.15
CA VAL A 21 3.02 -4.84 -1.43
C VAL A 21 3.53 -3.75 -2.36
N LYS A 22 4.84 -3.57 -2.40
CA LYS A 22 5.45 -2.55 -3.25
C LYS A 22 5.44 -2.96 -4.71
N ILE A 23 4.72 -2.20 -5.53
CA ILE A 23 4.66 -2.47 -6.96
C ILE A 23 5.36 -1.38 -7.75
N ILE A 24 6.31 -1.76 -8.57
CA ILE A 24 7.04 -0.81 -9.39
C ILE A 24 7.11 -1.28 -10.84
N SER A 25 6.85 -0.38 -11.77
CA SER A 25 6.88 -0.72 -13.19
C SER A 25 7.89 0.13 -13.93
N THR A 26 7.78 0.13 -15.25
CA THR A 26 8.69 0.91 -16.09
C THR A 26 7.93 1.93 -16.94
N GLU A 27 6.60 1.85 -16.93
CA GLU A 27 5.76 2.75 -17.70
C GLU A 27 4.41 2.13 -17.99
N PRO A 28 4.40 0.86 -18.42
CA PRO A 28 3.18 0.13 -18.75
C PRO A 28 2.08 0.33 -17.71
N LEU A 29 2.48 0.63 -16.47
CA LEU A 29 1.51 0.85 -15.40
C LEU A 29 0.30 1.62 -15.91
N PRO A 30 -0.81 0.91 -16.13
CA PRO A 30 -2.06 1.52 -16.63
C PRO A 30 -2.66 2.53 -15.65
N GLY A 31 -2.71 2.15 -14.38
CA GLY A 31 -3.26 3.04 -13.37
C GLY A 31 -3.74 2.28 -12.14
N ARG A 32 -4.30 3.01 -11.18
CA ARG A 32 -4.81 2.39 -9.96
C ARG A 32 -5.93 1.42 -10.27
N LYS A 33 -6.82 1.81 -11.18
CA LYS A 33 -7.94 0.98 -11.57
C LYS A 33 -7.48 -0.32 -12.21
N GLN A 34 -6.49 -0.23 -13.09
CA GLN A 34 -5.96 -1.41 -13.77
C GLN A 34 -5.07 -2.23 -12.84
N VAL A 35 -4.21 -1.54 -12.08
CA VAL A 35 -3.31 -2.23 -11.15
C VAL A 35 -4.12 -2.95 -10.09
N ARG A 36 -5.13 -2.26 -9.55
CA ARG A 36 -6.00 -2.85 -8.55
C ARG A 36 -6.77 -4.03 -9.14
N ASP A 37 -7.19 -3.88 -10.40
CA ASP A 37 -7.91 -4.93 -11.10
C ASP A 37 -7.05 -6.18 -11.15
N THR A 38 -5.78 -6.01 -11.51
CA THR A 38 -4.85 -7.12 -11.60
C THR A 38 -4.72 -7.80 -10.23
N LEU A 39 -3.91 -7.20 -9.36
CA LEU A 39 -3.69 -7.76 -8.03
C LEU A 39 -4.98 -8.27 -7.42
N ALA A 40 -6.07 -7.51 -7.59
CA ALA A 40 -7.36 -7.92 -7.05
C ALA A 40 -7.91 -9.13 -7.79
N ALA A 41 -7.51 -9.29 -9.04
CA ALA A 41 -7.97 -10.41 -9.86
C ALA A 41 -7.34 -11.72 -9.38
N ILE A 42 -6.14 -11.62 -8.83
CA ILE A 42 -5.44 -12.79 -8.32
C ILE A 42 -5.93 -13.16 -6.93
N SER A 43 -6.35 -12.16 -6.16
CA SER A 43 -6.86 -12.38 -4.81
C SER A 43 -7.55 -11.13 -4.28
N GLU A 44 -8.36 -11.31 -3.24
CA GLU A 44 -9.08 -10.19 -2.63
C GLU A 44 -8.15 -9.33 -1.79
N VAL A 45 -7.99 -8.08 -2.17
CA VAL A 45 -7.12 -7.15 -1.45
C VAL A 45 -7.93 -6.16 -0.62
N LEU A 46 -7.27 -5.53 0.34
CA LEU A 46 -7.93 -4.56 1.20
C LEU A 46 -7.95 -3.19 0.52
N TYR A 47 -6.78 -2.57 0.43
CA TYR A 47 -6.67 -1.26 -0.21
C TYR A 47 -5.38 -1.13 -0.99
N VAL A 48 -5.47 -0.57 -2.19
CA VAL A 48 -4.30 -0.40 -3.04
C VAL A 48 -3.95 1.08 -3.19
N ASP A 49 -2.78 1.45 -2.69
CA ASP A 49 -2.32 2.84 -2.77
C ASP A 49 -1.43 3.06 -3.99
N LEU A 50 -1.74 4.10 -4.75
CA LEU A 50 -0.96 4.43 -5.94
C LEU A 50 -0.59 5.92 -5.92
N LEU A 51 0.70 6.22 -5.94
CA LEU A 51 1.15 7.60 -5.93
C LEU A 51 0.64 8.35 -7.17
N GLU A 52 -0.51 9.00 -7.02
CA GLU A 52 -1.12 9.74 -8.11
C GLU A 52 -0.07 10.37 -9.02
N GLY A 53 -0.17 10.08 -10.32
CA GLY A 53 0.77 10.62 -11.27
C GLY A 53 2.16 10.02 -11.16
N ASP A 54 2.28 8.99 -10.32
CA ASP A 54 3.57 8.33 -10.11
C ASP A 54 3.58 6.95 -10.75
N THR A 55 4.75 6.33 -10.80
CA THR A 55 4.90 5.00 -11.38
C THR A 55 5.10 3.94 -10.31
N GLU A 56 4.86 4.32 -9.05
CA GLU A 56 5.02 3.40 -7.94
C GLU A 56 3.78 3.38 -7.05
N CYS A 57 3.31 2.17 -6.74
CA CYS A 57 2.14 1.99 -5.90
C CYS A 57 2.37 0.88 -4.88
N HIS A 58 1.81 1.04 -3.70
CA HIS A 58 1.94 0.04 -2.64
C HIS A 58 0.57 -0.38 -2.13
N ALA A 59 0.18 -1.62 -2.43
CA ALA A 59 -1.11 -2.14 -2.01
C ALA A 59 -1.04 -2.86 -0.67
N ARG A 60 -1.99 -2.57 0.20
CA ARG A 60 -2.05 -3.19 1.52
C ARG A 60 -2.99 -4.40 1.48
N PHE A 61 -2.50 -5.51 2.02
CA PHE A 61 -3.28 -6.75 2.08
C PHE A 61 -3.62 -7.09 3.53
N LYS A 62 -4.73 -7.78 3.74
CA LYS A 62 -5.14 -8.15 5.08
C LYS A 62 -4.36 -9.37 5.60
N THR A 63 -3.76 -10.12 4.68
CA THR A 63 -2.99 -11.30 5.04
C THR A 63 -1.70 -11.39 4.24
N PRO A 64 -0.65 -11.96 4.85
CA PRO A 64 0.66 -12.13 4.21
C PRO A 64 0.65 -13.23 3.16
N GLU A 65 -0.08 -14.31 3.45
CA GLU A 65 -0.18 -15.44 2.53
C GLU A 65 -0.80 -15.01 1.21
N ASP A 66 -1.82 -14.16 1.28
CA ASP A 66 -2.50 -13.68 0.08
C ASP A 66 -1.55 -12.88 -0.80
N ALA A 67 -0.74 -12.02 -0.17
CA ALA A 67 0.21 -11.20 -0.90
C ALA A 67 1.29 -12.06 -1.56
N GLN A 68 1.77 -13.05 -0.84
CA GLN A 68 2.80 -13.95 -1.35
C GLN A 68 2.30 -14.70 -2.58
N ALA A 69 1.03 -15.09 -2.55
CA ALA A 69 0.44 -15.83 -3.66
C ALA A 69 0.37 -14.99 -4.93
N VAL A 70 0.03 -13.71 -4.80
CA VAL A 70 -0.08 -12.82 -5.95
C VAL A 70 1.26 -12.55 -6.63
N ILE A 71 2.30 -12.32 -5.83
CA ILE A 71 3.62 -12.03 -6.38
C ILE A 71 4.17 -13.22 -7.15
N ASN A 72 3.84 -14.42 -6.70
CA ASN A 72 4.30 -15.63 -7.36
C ASN A 72 3.60 -15.78 -8.70
N ALA A 73 2.32 -15.46 -8.71
CA ALA A 73 1.50 -15.54 -9.92
C ALA A 73 1.77 -14.38 -10.86
N TYR A 74 2.24 -13.26 -10.30
CA TYR A 74 2.50 -12.06 -11.09
C TYR A 74 3.59 -12.29 -12.13
N THR A 75 4.29 -13.41 -12.05
CA THR A 75 5.33 -13.70 -13.02
C THR A 75 4.75 -13.56 -14.42
N GLU A 76 3.50 -13.99 -14.55
CA GLU A 76 2.81 -13.94 -15.82
C GLU A 76 2.85 -12.53 -16.42
N ILE A 77 2.57 -11.53 -15.59
CA ILE A 77 2.57 -10.14 -16.04
C ILE A 77 3.89 -9.80 -16.74
N ASN A 78 5.00 -10.16 -16.10
CA ASN A 78 6.32 -9.88 -16.65
C ASN A 78 6.33 -10.12 -18.16
N LYS A 79 5.53 -11.09 -18.62
CA LYS A 79 5.46 -11.41 -20.04
C LYS A 79 4.81 -10.27 -20.82
N LYS A 80 3.67 -9.81 -20.35
CA LYS A 80 2.95 -8.72 -21.00
C LYS A 80 3.63 -7.38 -20.73
N HIS A 81 4.04 -7.18 -19.48
CA HIS A 81 4.71 -5.96 -19.09
C HIS A 81 5.63 -6.20 -17.89
N CYS A 82 6.91 -5.87 -18.06
CA CYS A 82 7.89 -6.07 -17.00
C CYS A 82 7.44 -5.39 -15.71
N TRP A 83 6.76 -6.14 -14.86
CA TRP A 83 6.26 -5.60 -13.60
C TRP A 83 6.99 -6.19 -12.41
N LYS A 84 7.19 -5.35 -11.41
CA LYS A 84 7.89 -5.74 -10.19
C LYS A 84 6.93 -5.83 -9.01
N LEU A 85 6.99 -6.94 -8.29
CA LEU A 85 6.13 -7.14 -7.13
C LEU A 85 6.95 -7.65 -5.94
N GLU A 86 7.02 -6.84 -4.89
CA GLU A 86 7.77 -7.21 -3.70
C GLU A 86 7.02 -6.80 -2.43
N ILE A 87 7.11 -7.64 -1.41
CA ILE A 87 6.43 -7.38 -0.14
C ILE A 87 7.42 -6.88 0.91
N LEU A 88 7.18 -5.67 1.42
CA LEU A 88 8.05 -5.08 2.42
C LEU A 88 8.12 -5.97 3.66
N SER A 89 9.28 -5.99 4.31
CA SER A 89 9.47 -6.81 5.49
C SER A 89 10.38 -6.13 6.51
N GLY A 90 10.33 -6.61 7.75
CA GLY A 90 11.15 -6.04 8.81
C GLY A 90 11.03 -4.54 8.91
N ASP A 91 12.18 -3.86 9.04
CA ASP A 91 12.20 -2.42 9.16
C ASP A 91 11.64 -1.74 7.91
N HIS A 92 11.80 -2.38 6.76
CA HIS A 92 11.31 -1.82 5.51
C HIS A 92 9.78 -1.71 5.51
N GLU A 93 9.12 -2.77 5.95
CA GLU A 93 7.65 -2.77 6.01
C GLU A 93 7.16 -1.80 7.08
N GLN A 94 7.79 -1.87 8.25
CA GLN A 94 7.41 -1.00 9.36
C GLN A 94 7.65 0.46 9.00
N ARG A 95 8.77 0.74 8.33
CA ARG A 95 9.11 2.09 7.92
C ARG A 95 8.00 2.68 7.05
N TYR A 96 7.67 1.99 5.97
CA TYR A 96 6.63 2.45 5.08
C TYR A 96 5.36 2.78 5.87
N TRP A 97 5.02 1.92 6.82
CA TRP A 97 3.84 2.13 7.64
C TRP A 97 3.98 3.43 8.44
N GLN A 98 5.17 3.66 8.98
CA GLN A 98 5.42 4.89 9.73
C GLN A 98 4.92 6.08 8.93
N LYS A 99 5.24 6.07 7.64
CA LYS A 99 4.81 7.14 6.74
C LYS A 99 3.28 7.16 6.68
N ILE A 100 2.68 5.98 6.66
CA ILE A 100 1.22 5.86 6.62
C ILE A 100 0.60 6.47 7.86
N LEU A 101 0.92 5.90 9.01
CA LEU A 101 0.39 6.38 10.29
C LEU A 101 0.51 7.90 10.39
N VAL A 102 1.74 8.39 10.37
CA VAL A 102 1.98 9.83 10.46
C VAL A 102 1.15 10.60 9.44
N ASP A 103 1.01 10.04 8.24
CA ASP A 103 0.23 10.69 7.19
C ASP A 103 -1.23 10.81 7.60
N ARG A 104 -1.73 9.77 8.25
CA ARG A 104 -3.12 9.77 8.71
C ARG A 104 -3.33 10.87 9.74
N GLN A 105 -2.35 11.04 10.63
CA GLN A 105 -2.42 12.06 11.67
C GLN A 105 -2.46 13.45 11.04
N ALA A 106 -1.62 13.65 10.02
CA ALA A 106 -1.54 14.94 9.33
C ALA A 106 -2.89 15.28 8.69
N LYS A 107 -3.58 14.25 8.18
CA LYS A 107 -4.87 14.45 7.55
C LYS A 107 -5.87 15.02 8.56
N LEU A 108 -5.72 14.63 9.82
CA LEU A 108 -6.59 15.11 10.88
C LEU A 108 -6.57 16.63 10.96
N ASN A 109 -5.44 17.22 10.59
CA ASN A 109 -5.29 18.67 10.61
C ASN A 109 -5.19 19.19 12.05
N GLN A 110 -4.27 20.12 12.27
CA GLN A 110 -4.08 20.69 13.59
C GLN A 110 -4.11 19.62 14.67
N PRO A 111 -3.10 18.74 14.69
CA PRO A 111 -3.01 17.66 15.67
C PRO A 111 -2.85 18.18 17.09
N ARG A 112 -3.86 17.95 17.92
CA ARG A 112 -3.84 18.40 19.31
C ARG A 112 -3.73 17.20 20.26
N GLU A 113 -2.50 16.76 20.50
CA GLU A 113 -2.27 15.63 21.41
C GLU A 113 -1.17 15.96 22.41
N LYS A 114 -0.89 15.02 23.31
CA LYS A 114 0.14 15.22 24.32
C LYS A 114 0.04 14.15 25.41
N LYS A 115 -1.18 13.87 25.85
CA LYS A 115 -1.40 12.87 26.89
C LYS A 115 -1.55 11.48 26.29
N ARG A 116 -1.18 10.46 27.06
CA ARG A 116 -1.27 9.07 26.60
C ARG A 116 -0.36 8.84 25.40
N GLY A 117 0.87 8.45 25.67
CA GLY A 117 1.83 8.19 24.60
C GLY A 117 3.21 7.83 25.13
N THR A 118 4.16 7.66 24.22
CA THR A 118 5.52 7.30 24.59
C THR A 118 6.40 7.10 23.36
N GLU A 119 7.55 6.48 23.57
CA GLU A 119 8.49 6.23 22.48
C GLU A 119 8.85 7.52 21.75
N LYS A 120 9.88 8.20 22.22
CA LYS A 120 10.32 9.45 21.62
C LYS A 120 11.71 9.28 20.99
N LEU A 121 12.35 10.41 20.70
CA LEU A 121 13.68 10.39 20.10
C LEU A 121 13.81 9.24 19.10
N ILE A 122 13.53 9.52 17.83
CA ILE A 122 13.60 8.51 16.78
C ILE A 122 14.41 9.02 15.59
N THR A 123 14.76 8.12 14.69
CA THR A 123 15.51 8.47 13.49
C THR A 123 14.71 9.40 12.59
N LYS A 124 15.40 10.38 11.99
CA LYS A 124 14.74 11.33 11.11
C LYS A 124 13.67 12.12 11.84
N ALA A 125 13.99 13.37 12.18
CA ALA A 125 13.05 14.23 12.88
C ALA A 125 12.21 13.43 13.89
N MET A 1 -26.64 10.41 -1.66
CA MET A 1 -26.61 10.76 -0.21
C MET A 1 -27.24 9.66 0.62
N HIS A 2 -28.52 9.38 0.37
CA HIS A 2 -29.24 8.34 1.10
C HIS A 2 -29.91 7.36 0.14
N HIS A 3 -29.51 6.10 0.22
CA HIS A 3 -30.06 5.07 -0.65
C HIS A 3 -31.13 4.26 0.10
N HIS A 4 -30.68 3.26 0.85
CA HIS A 4 -31.60 2.42 1.62
C HIS A 4 -31.24 2.43 3.10
N HIS A 5 -30.18 1.70 3.44
CA HIS A 5 -29.73 1.63 4.84
C HIS A 5 -28.98 2.91 5.23
N HIS A 6 -28.47 2.93 6.46
CA HIS A 6 -27.73 4.09 6.95
C HIS A 6 -26.31 4.08 6.42
N HIS A 7 -25.45 3.28 7.05
CA HIS A 7 -24.05 3.19 6.65
C HIS A 7 -23.24 2.40 7.67
N SER A 8 -22.53 1.38 7.19
CA SER A 8 -21.71 0.54 8.07
C SER A 8 -20.48 1.30 8.55
N ASN A 9 -19.98 0.92 9.72
CA ASN A 9 -18.80 1.57 10.29
C ASN A 9 -17.73 0.54 10.63
N ALA A 10 -16.55 1.02 11.02
CA ALA A 10 -15.45 0.14 11.38
C ALA A 10 -14.95 0.42 12.80
N THR A 11 -14.17 1.49 12.94
CA THR A 11 -13.62 1.87 14.23
C THR A 11 -12.86 0.71 14.87
N GLY A 12 -11.74 0.34 14.27
CA GLY A 12 -10.95 -0.75 14.79
C GLY A 12 -9.59 -0.85 14.12
N PRO A 13 -8.56 -0.21 14.71
CA PRO A 13 -7.20 -0.22 14.16
C PRO A 13 -6.53 -1.58 14.30
N GLN A 14 -5.44 -1.77 13.56
CA GLN A 14 -4.70 -3.03 13.59
C GLN A 14 -3.51 -2.98 12.63
N PHE A 15 -2.33 -3.31 13.14
CA PHE A 15 -1.12 -3.29 12.34
C PHE A 15 -0.96 -4.58 11.53
N VAL A 16 -1.15 -4.48 10.22
CA VAL A 16 -1.01 -5.63 9.34
C VAL A 16 0.38 -5.66 8.71
N SER A 17 1.39 -5.48 9.55
CA SER A 17 2.79 -5.48 9.13
C SER A 17 3.10 -6.49 8.04
N GLY A 18 4.00 -6.11 7.14
CA GLY A 18 4.44 -6.97 6.06
C GLY A 18 3.38 -7.29 5.00
N VAL A 19 2.47 -6.37 4.74
CA VAL A 19 1.46 -6.60 3.71
C VAL A 19 1.52 -5.52 2.64
N ILE A 20 2.48 -4.61 2.78
CA ILE A 20 2.64 -3.52 1.82
C ILE A 20 3.43 -3.99 0.60
N VAL A 21 2.70 -4.44 -0.41
CA VAL A 21 3.32 -4.92 -1.64
C VAL A 21 3.74 -3.77 -2.55
N LYS A 22 5.04 -3.57 -2.66
CA LYS A 22 5.58 -2.50 -3.50
C LYS A 22 5.52 -2.90 -4.96
N ILE A 23 4.84 -2.09 -5.78
CA ILE A 23 4.73 -2.36 -7.20
C ILE A 23 5.46 -1.31 -8.04
N ILE A 24 6.39 -1.78 -8.85
CA ILE A 24 7.14 -0.88 -9.72
C ILE A 24 7.18 -1.46 -11.14
N SER A 25 6.92 -0.61 -12.12
CA SER A 25 6.91 -1.04 -13.51
C SER A 25 7.89 -0.22 -14.35
N THR A 26 7.68 -0.26 -15.66
CA THR A 26 8.55 0.47 -16.58
C THR A 26 7.76 1.54 -17.33
N GLU A 27 6.44 1.41 -17.30
CA GLU A 27 5.56 2.36 -17.98
C GLU A 27 4.18 1.76 -18.21
N PRO A 28 4.13 0.53 -18.75
CA PRO A 28 2.87 -0.17 -19.01
C PRO A 28 1.85 0.03 -17.90
N LEU A 29 2.34 0.29 -16.69
CA LEU A 29 1.46 0.51 -15.55
C LEU A 29 0.24 1.34 -15.96
N PRO A 30 -0.90 0.67 -16.18
CA PRO A 30 -2.14 1.33 -16.60
C PRO A 30 -2.61 2.39 -15.60
N GLY A 31 -2.58 2.04 -14.32
CA GLY A 31 -3.00 2.97 -13.28
C GLY A 31 -3.51 2.26 -12.05
N ARG A 32 -4.01 3.04 -11.09
CA ARG A 32 -4.54 2.49 -9.85
C ARG A 32 -5.72 1.57 -10.14
N LYS A 33 -6.56 1.98 -11.08
CA LYS A 33 -7.75 1.21 -11.46
C LYS A 33 -7.36 -0.16 -12.00
N GLN A 34 -6.36 -0.19 -12.87
CA GLN A 34 -5.91 -1.45 -13.48
C GLN A 34 -5.06 -2.27 -12.51
N VAL A 35 -4.14 -1.62 -11.81
CA VAL A 35 -3.28 -2.31 -10.86
C VAL A 35 -4.12 -2.91 -9.74
N ARG A 36 -5.06 -2.13 -9.23
CA ARG A 36 -5.94 -2.58 -8.17
C ARG A 36 -6.79 -3.75 -8.67
N ASP A 37 -7.33 -3.60 -9.88
CA ASP A 37 -8.16 -4.64 -10.48
C ASP A 37 -7.34 -5.91 -10.70
N THR A 38 -6.10 -5.72 -11.15
CA THR A 38 -5.20 -6.84 -11.39
C THR A 38 -4.93 -7.61 -10.11
N LEU A 39 -4.00 -7.11 -9.30
CA LEU A 39 -3.66 -7.77 -8.05
C LEU A 39 -4.91 -8.23 -7.32
N ALA A 40 -5.96 -7.41 -7.33
CA ALA A 40 -7.20 -7.76 -6.66
C ALA A 40 -7.91 -8.90 -7.39
N ALA A 41 -7.64 -9.04 -8.69
CA ALA A 41 -8.24 -10.09 -9.48
C ALA A 41 -7.62 -11.45 -9.13
N ILE A 42 -6.36 -11.42 -8.72
CA ILE A 42 -5.66 -12.64 -8.34
C ILE A 42 -6.02 -13.04 -6.91
N SER A 43 -6.27 -12.04 -6.07
CA SER A 43 -6.61 -12.27 -4.68
C SER A 43 -7.25 -11.03 -4.06
N GLU A 44 -7.91 -11.21 -2.93
CA GLU A 44 -8.58 -10.11 -2.24
C GLU A 44 -7.58 -9.24 -1.48
N VAL A 45 -7.40 -8.00 -1.95
CA VAL A 45 -6.48 -7.07 -1.31
C VAL A 45 -7.23 -6.02 -0.51
N LEU A 46 -6.63 -5.59 0.60
CA LEU A 46 -7.25 -4.59 1.46
C LEU A 46 -7.44 -3.27 0.71
N TYR A 47 -6.34 -2.52 0.55
CA TYR A 47 -6.40 -1.24 -0.14
C TYR A 47 -5.11 -0.96 -0.89
N VAL A 48 -5.23 -0.37 -2.07
CA VAL A 48 -4.06 -0.05 -2.90
C VAL A 48 -3.68 1.42 -2.77
N ASP A 49 -2.50 1.68 -2.20
CA ASP A 49 -2.03 3.05 -2.02
C ASP A 49 -0.99 3.39 -3.08
N LEU A 50 -1.48 3.90 -4.22
CA LEU A 50 -0.62 4.27 -5.32
C LEU A 50 -0.09 5.69 -5.13
N LEU A 51 1.22 5.87 -5.28
CA LEU A 51 1.83 7.18 -5.12
C LEU A 51 1.32 8.15 -6.19
N GLU A 52 0.20 8.79 -5.92
CA GLU A 52 -0.41 9.73 -6.86
C GLU A 52 0.66 10.52 -7.60
N GLY A 53 0.65 10.42 -8.93
CA GLY A 53 1.62 11.13 -9.74
C GLY A 53 2.94 10.40 -9.85
N ASP A 54 2.95 9.13 -9.45
CA ASP A 54 4.16 8.32 -9.51
C ASP A 54 3.90 6.98 -10.18
N THR A 55 4.93 6.45 -10.83
CA THR A 55 4.83 5.17 -11.53
C THR A 55 4.98 4.00 -10.58
N GLU A 56 4.91 4.28 -9.27
CA GLU A 56 5.04 3.23 -8.26
C GLU A 56 3.85 3.23 -7.30
N CYS A 57 3.27 2.05 -7.12
CA CYS A 57 2.12 1.91 -6.22
C CYS A 57 2.38 0.82 -5.19
N HIS A 58 1.92 1.05 -3.96
CA HIS A 58 2.11 0.09 -2.88
C HIS A 58 0.77 -0.32 -2.30
N ALA A 59 0.34 -1.55 -2.60
CA ALA A 59 -0.94 -2.04 -2.11
C ALA A 59 -0.78 -2.79 -0.79
N ARG A 60 -1.68 -2.49 0.15
CA ARG A 60 -1.67 -3.14 1.45
C ARG A 60 -2.60 -4.34 1.45
N PHE A 61 -2.09 -5.47 1.95
CA PHE A 61 -2.88 -6.70 2.00
C PHE A 61 -3.29 -7.01 3.43
N LYS A 62 -4.52 -7.49 3.60
CA LYS A 62 -5.02 -7.82 4.94
C LYS A 62 -4.12 -8.87 5.60
N THR A 63 -3.30 -9.54 4.80
CA THR A 63 -2.39 -10.55 5.30
C THR A 63 -1.13 -10.63 4.45
N PRO A 64 -0.01 -11.01 5.08
CA PRO A 64 1.28 -11.14 4.39
C PRO A 64 1.33 -12.35 3.46
N GLU A 65 0.70 -13.44 3.88
CA GLU A 65 0.68 -14.67 3.11
C GLU A 65 -0.05 -14.47 1.78
N ASP A 66 -1.09 -13.65 1.81
CA ASP A 66 -1.88 -13.39 0.61
C ASP A 66 -1.05 -12.71 -0.48
N ALA A 67 -0.15 -11.81 -0.06
CA ALA A 67 0.69 -11.08 -1.00
C ALA A 67 1.66 -12.02 -1.71
N GLN A 68 2.23 -12.96 -0.97
CA GLN A 68 3.19 -13.91 -1.53
C GLN A 68 2.60 -14.67 -2.72
N ALA A 69 1.33 -15.04 -2.60
CA ALA A 69 0.65 -15.78 -3.67
C ALA A 69 0.51 -14.95 -4.94
N VAL A 70 0.18 -13.66 -4.79
CA VAL A 70 0.01 -12.78 -5.93
C VAL A 70 1.32 -12.49 -6.65
N ILE A 71 2.37 -12.24 -5.88
CA ILE A 71 3.68 -11.95 -6.45
C ILE A 71 4.23 -13.14 -7.22
N ASN A 72 3.90 -14.34 -6.77
CA ASN A 72 4.34 -15.55 -7.43
C ASN A 72 3.64 -15.70 -8.78
N ALA A 73 2.34 -15.38 -8.77
CA ALA A 73 1.52 -15.45 -9.98
C ALA A 73 1.78 -14.29 -10.91
N TYR A 74 2.23 -13.17 -10.35
CA TYR A 74 2.48 -11.97 -11.13
C TYR A 74 3.57 -12.17 -12.18
N THR A 75 4.30 -13.27 -12.08
CA THR A 75 5.33 -13.54 -13.05
C THR A 75 4.74 -13.50 -14.45
N GLU A 76 3.49 -13.95 -14.54
CA GLU A 76 2.76 -13.98 -15.81
C GLU A 76 2.66 -12.59 -16.42
N ILE A 77 2.33 -11.61 -15.59
CA ILE A 77 2.21 -10.23 -16.05
C ILE A 77 3.27 -9.91 -17.09
N ASN A 78 4.50 -10.32 -16.81
CA ASN A 78 5.62 -10.08 -17.72
C ASN A 78 5.29 -10.52 -19.15
N LYS A 79 4.47 -11.56 -19.28
CA LYS A 79 4.09 -12.06 -20.59
C LYS A 79 3.64 -10.92 -21.49
N LYS A 80 3.20 -9.84 -20.87
CA LYS A 80 2.74 -8.65 -21.59
C LYS A 80 3.60 -7.45 -21.22
N HIS A 81 3.85 -7.31 -19.91
CA HIS A 81 4.66 -6.21 -19.40
C HIS A 81 5.39 -6.63 -18.13
N CYS A 82 6.71 -6.42 -18.12
CA CYS A 82 7.52 -6.79 -16.96
C CYS A 82 7.11 -5.96 -15.74
N TRP A 83 6.62 -6.66 -14.72
CA TRP A 83 6.20 -5.98 -13.49
C TRP A 83 7.01 -6.46 -12.29
N LYS A 84 7.27 -5.54 -11.38
CA LYS A 84 8.03 -5.83 -10.19
C LYS A 84 7.15 -5.83 -8.95
N LEU A 85 7.34 -6.84 -8.10
CA LEU A 85 6.55 -6.94 -6.87
C LEU A 85 7.43 -7.33 -5.69
N GLU A 86 7.57 -6.40 -4.75
CA GLU A 86 8.39 -6.65 -3.56
C GLU A 86 7.59 -6.38 -2.30
N ILE A 87 7.52 -7.39 -1.43
CA ILE A 87 6.78 -7.28 -0.17
C ILE A 87 7.66 -6.72 0.93
N LEU A 88 7.30 -5.55 1.45
CA LEU A 88 8.06 -4.93 2.52
C LEU A 88 8.06 -5.80 3.77
N SER A 89 9.21 -5.86 4.43
CA SER A 89 9.35 -6.68 5.63
C SER A 89 10.25 -6.01 6.65
N GLY A 90 10.16 -6.45 7.90
CA GLY A 90 10.98 -5.87 8.95
C GLY A 90 10.87 -4.36 9.01
N ASP A 91 11.88 -3.71 9.58
CA ASP A 91 11.86 -2.27 9.70
C ASP A 91 11.34 -1.63 8.42
N HIS A 92 11.56 -2.29 7.28
CA HIS A 92 11.09 -1.78 6.00
C HIS A 92 9.57 -1.75 5.95
N GLU A 93 8.94 -2.83 6.37
CA GLU A 93 7.49 -2.92 6.37
C GLU A 93 6.89 -1.93 7.36
N GLN A 94 7.46 -1.90 8.56
CA GLN A 94 7.00 -1.00 9.60
C GLN A 94 7.24 0.45 9.19
N ARG A 95 8.29 0.66 8.42
CA ARG A 95 8.65 2.00 7.95
C ARG A 95 7.56 2.58 7.06
N TYR A 96 7.18 1.84 6.03
CA TYR A 96 6.14 2.29 5.11
C TYR A 96 4.82 2.52 5.84
N TRP A 97 4.47 1.57 6.71
CA TRP A 97 3.23 1.67 7.48
C TRP A 97 3.27 2.90 8.38
N GLN A 98 4.44 3.17 8.96
CA GLN A 98 4.60 4.32 9.84
C GLN A 98 4.24 5.60 9.10
N LYS A 99 4.68 5.69 7.84
CA LYS A 99 4.40 6.86 7.03
C LYS A 99 2.89 6.98 6.81
N ILE A 100 2.24 5.83 6.62
CA ILE A 100 0.80 5.80 6.41
C ILE A 100 0.06 6.47 7.56
N LEU A 101 0.10 5.84 8.73
CA LEU A 101 -0.58 6.37 9.91
C LEU A 101 -0.29 7.85 10.08
N VAL A 102 0.98 8.23 9.95
CA VAL A 102 1.37 9.62 10.09
C VAL A 102 0.63 10.52 9.10
N ASP A 103 0.43 10.01 7.89
CA ASP A 103 -0.27 10.77 6.86
C ASP A 103 -1.73 11.01 7.26
N ARG A 104 -2.34 10.01 7.89
CA ARG A 104 -3.72 10.12 8.34
C ARG A 104 -3.87 11.22 9.38
N GLN A 105 -2.90 11.30 10.29
CA GLN A 105 -2.92 12.31 11.34
C GLN A 105 -2.83 13.71 10.75
N ALA A 106 -1.95 13.86 9.76
CA ALA A 106 -1.75 15.16 9.10
C ALA A 106 -3.03 15.62 8.41
N LYS A 107 -3.76 14.67 7.83
CA LYS A 107 -5.00 14.99 7.13
C LYS A 107 -6.03 15.59 8.08
N LEU A 108 -6.01 15.14 9.33
CA LEU A 108 -6.95 15.63 10.34
C LEU A 108 -6.92 17.16 10.43
N ASN A 109 -5.72 17.73 10.26
CA ASN A 109 -5.57 19.17 10.32
C ASN A 109 -4.11 19.57 10.13
N GLN A 110 -3.69 19.71 8.88
CA GLN A 110 -2.32 20.09 8.56
C GLN A 110 -2.10 21.57 8.85
N PRO A 111 -1.27 21.88 9.87
CA PRO A 111 -0.97 23.26 10.25
C PRO A 111 -0.64 24.13 9.05
N ARG A 112 -1.41 25.20 8.87
CA ARG A 112 -1.20 26.12 7.77
C ARG A 112 -0.31 27.28 8.19
N GLU A 113 0.54 27.74 7.28
CA GLU A 113 1.45 28.85 7.54
C GLU A 113 2.58 28.87 6.54
N LYS A 114 3.22 30.03 6.40
CA LYS A 114 4.32 30.18 5.46
C LYS A 114 4.84 31.62 5.45
N LYS A 115 6.13 31.77 5.73
CA LYS A 115 6.74 33.09 5.74
C LYS A 115 7.82 33.19 4.66
N ARG A 116 8.62 34.25 4.71
CA ARG A 116 9.68 34.45 3.73
C ARG A 116 11.05 34.28 4.36
N GLY A 117 11.52 33.02 4.42
CA GLY A 117 12.81 32.74 5.01
C GLY A 117 13.96 33.22 4.12
N THR A 118 14.48 32.30 3.29
CA THR A 118 15.56 32.64 2.38
C THR A 118 15.03 33.34 1.14
N GLU A 119 13.78 33.05 0.80
CA GLU A 119 13.15 33.65 -0.37
C GLU A 119 13.65 33.00 -1.65
N LYS A 120 12.72 32.65 -2.54
CA LYS A 120 13.07 32.03 -3.81
C LYS A 120 13.80 33.02 -4.70
N LEU A 121 14.98 33.44 -4.26
CA LEU A 121 15.79 34.39 -5.03
C LEU A 121 16.54 33.68 -6.15
N ILE A 122 15.79 33.13 -7.10
CA ILE A 122 16.39 32.43 -8.23
C ILE A 122 17.60 31.62 -7.79
N THR A 123 17.42 30.79 -6.77
CA THR A 123 18.50 29.96 -6.25
C THR A 123 18.63 28.66 -7.06
N LYS A 124 19.76 28.51 -7.75
CA LYS A 124 19.99 27.32 -8.56
C LYS A 124 21.36 26.71 -8.25
N ALA A 125 21.37 25.71 -7.37
CA ALA A 125 22.61 25.05 -6.99
C ALA A 125 23.37 25.87 -5.95
N MET A 1 -19.88 -29.94 26.88
CA MET A 1 -20.66 -29.35 25.75
C MET A 1 -20.37 -27.86 25.58
N HIS A 2 -20.14 -27.45 24.34
CA HIS A 2 -19.84 -26.05 24.05
C HIS A 2 -18.55 -25.60 24.70
N HIS A 3 -17.52 -26.44 24.60
CA HIS A 3 -16.21 -26.14 25.18
C HIS A 3 -15.53 -25.01 24.42
N HIS A 4 -15.32 -25.22 23.13
CA HIS A 4 -14.67 -24.21 22.29
C HIS A 4 -13.20 -24.06 22.68
N HIS A 5 -12.34 -24.84 22.04
CA HIS A 5 -10.91 -24.80 22.32
C HIS A 5 -10.28 -23.55 21.71
N HIS A 6 -10.51 -22.41 22.35
CA HIS A 6 -9.96 -21.14 21.87
C HIS A 6 -9.21 -20.41 22.98
N HIS A 7 -8.01 -20.88 23.29
CA HIS A 7 -7.18 -20.27 24.33
C HIS A 7 -6.48 -19.02 23.80
N SER A 8 -7.28 -18.09 23.27
CA SER A 8 -6.74 -16.85 22.73
C SER A 8 -5.54 -16.38 23.53
N ASN A 9 -4.67 -15.61 22.89
CA ASN A 9 -3.47 -15.10 23.54
C ASN A 9 -3.58 -13.59 23.76
N ALA A 10 -2.57 -13.02 24.41
CA ALA A 10 -2.55 -11.59 24.69
C ALA A 10 -2.61 -10.78 23.39
N THR A 11 -2.26 -9.50 23.49
CA THR A 11 -2.27 -8.63 22.33
C THR A 11 -1.83 -7.22 22.71
N GLY A 12 -0.96 -6.63 21.90
CA GLY A 12 -0.47 -5.29 22.17
C GLY A 12 0.19 -4.64 20.97
N PRO A 13 1.40 -4.11 21.15
CA PRO A 13 2.14 -3.46 20.07
C PRO A 13 2.26 -4.33 18.83
N GLN A 14 1.26 -4.24 17.96
CA GLN A 14 1.24 -5.02 16.72
C GLN A 14 0.37 -4.34 15.67
N PHE A 15 0.62 -3.06 15.45
CA PHE A 15 -0.13 -2.28 14.47
C PHE A 15 -0.30 -3.07 13.18
N VAL A 16 -1.52 -3.56 12.95
CA VAL A 16 -1.82 -4.34 11.76
C VAL A 16 -1.16 -3.71 10.53
N SER A 17 0.01 -4.23 10.15
CA SER A 17 0.74 -3.71 9.00
C SER A 17 0.09 -4.10 7.67
N GLY A 18 -1.17 -4.54 7.69
CA GLY A 18 -1.88 -4.90 6.47
C GLY A 18 -0.97 -5.39 5.34
N VAL A 19 0.14 -6.04 5.69
CA VAL A 19 1.07 -6.54 4.68
C VAL A 19 1.24 -5.55 3.54
N ILE A 20 2.35 -4.81 3.55
CA ILE A 20 2.63 -3.84 2.50
C ILE A 20 3.22 -4.52 1.27
N VAL A 21 2.61 -4.28 0.11
CA VAL A 21 3.08 -4.85 -1.15
C VAL A 21 3.58 -3.75 -2.09
N LYS A 22 4.90 -3.66 -2.25
CA LYS A 22 5.50 -2.65 -3.11
C LYS A 22 5.46 -3.07 -4.58
N ILE A 23 4.78 -2.27 -5.39
CA ILE A 23 4.69 -2.52 -6.82
C ILE A 23 5.42 -1.45 -7.61
N ILE A 24 6.35 -1.87 -8.46
CA ILE A 24 7.10 -0.93 -9.28
C ILE A 24 7.13 -1.39 -10.74
N SER A 25 6.89 -0.45 -11.66
CA SER A 25 6.89 -0.77 -13.07
C SER A 25 7.87 0.11 -13.83
N THR A 26 7.75 0.11 -15.15
CA THR A 26 8.62 0.89 -16.00
C THR A 26 7.84 1.86 -16.88
N GLU A 27 6.53 1.65 -16.97
CA GLU A 27 5.67 2.50 -17.78
C GLU A 27 4.30 1.88 -17.97
N PRO A 28 4.24 0.61 -18.41
CA PRO A 28 2.98 -0.09 -18.63
C PRO A 28 1.94 0.23 -17.56
N LEU A 29 2.40 0.60 -16.37
CA LEU A 29 1.50 0.93 -15.28
C LEU A 29 0.30 1.73 -15.80
N PRO A 30 -0.85 1.05 -15.96
CA PRO A 30 -2.08 1.68 -16.46
C PRO A 30 -2.69 2.68 -15.48
N GLY A 31 -2.73 2.31 -14.20
CA GLY A 31 -3.30 3.18 -13.20
C GLY A 31 -3.81 2.42 -11.99
N ARG A 32 -4.35 3.14 -11.02
CA ARG A 32 -4.88 2.51 -9.82
C ARG A 32 -6.02 1.56 -10.16
N LYS A 33 -6.90 1.99 -11.05
CA LYS A 33 -8.04 1.17 -11.44
C LYS A 33 -7.57 -0.12 -12.13
N GLN A 34 -6.63 0.02 -13.04
CA GLN A 34 -6.10 -1.13 -13.77
C GLN A 34 -5.16 -1.95 -12.88
N VAL A 35 -4.30 -1.25 -12.15
CA VAL A 35 -3.36 -1.92 -11.26
C VAL A 35 -4.11 -2.67 -10.17
N ARG A 36 -5.14 -2.04 -9.62
CA ARG A 36 -5.96 -2.65 -8.58
C ARG A 36 -6.64 -3.90 -9.13
N ASP A 37 -7.12 -3.80 -10.37
CA ASP A 37 -7.80 -4.92 -11.01
C ASP A 37 -6.82 -6.07 -11.26
N THR A 38 -5.58 -5.71 -11.56
CA THR A 38 -4.54 -6.71 -11.82
C THR A 38 -4.21 -7.48 -10.55
N LEU A 39 -3.79 -6.76 -9.52
CA LEU A 39 -3.46 -7.38 -8.24
C LEU A 39 -4.69 -8.04 -7.66
N ALA A 40 -5.83 -7.38 -7.79
CA ALA A 40 -7.08 -7.90 -7.29
C ALA A 40 -7.49 -9.13 -8.09
N ALA A 41 -7.01 -9.20 -9.33
CA ALA A 41 -7.33 -10.34 -10.20
C ALA A 41 -6.57 -11.57 -9.74
N ILE A 42 -5.40 -11.35 -9.15
CA ILE A 42 -4.58 -12.45 -8.65
C ILE A 42 -5.10 -12.92 -7.29
N SER A 43 -5.62 -11.97 -6.51
CA SER A 43 -6.15 -12.26 -5.19
C SER A 43 -6.90 -11.06 -4.63
N GLU A 44 -7.74 -11.29 -3.63
CA GLU A 44 -8.50 -10.21 -3.02
C GLU A 44 -7.63 -9.37 -2.12
N VAL A 45 -7.48 -8.09 -2.46
CA VAL A 45 -6.66 -7.17 -1.67
C VAL A 45 -7.53 -6.20 -0.90
N LEU A 46 -6.93 -5.58 0.12
CA LEU A 46 -7.65 -4.62 0.95
C LEU A 46 -7.70 -3.25 0.27
N TYR A 47 -6.54 -2.61 0.16
CA TYR A 47 -6.46 -1.29 -0.48
C TYR A 47 -5.15 -1.13 -1.25
N VAL A 48 -5.23 -0.47 -2.40
CA VAL A 48 -4.05 -0.23 -3.22
C VAL A 48 -3.61 1.22 -3.15
N ASP A 49 -2.37 1.44 -2.74
CA ASP A 49 -1.82 2.80 -2.62
C ASP A 49 -1.00 3.17 -3.85
N LEU A 50 -1.28 4.36 -4.39
CA LEU A 50 -0.55 4.85 -5.56
C LEU A 50 -0.04 6.26 -5.32
N LEU A 51 1.26 6.46 -5.53
CA LEU A 51 1.86 7.78 -5.31
C LEU A 51 1.68 8.67 -6.53
N GLU A 52 0.92 9.74 -6.36
CA GLU A 52 0.66 10.69 -7.45
C GLU A 52 0.40 9.97 -8.77
N GLY A 53 -0.11 8.76 -8.68
CA GLY A 53 -0.41 7.98 -9.87
C GLY A 53 0.84 7.55 -10.61
N ASP A 54 2.00 7.82 -10.02
CA ASP A 54 3.28 7.45 -10.62
C ASP A 54 3.31 5.97 -10.97
N THR A 55 4.51 5.45 -11.18
CA THR A 55 4.67 4.04 -11.52
C THR A 55 4.98 3.22 -10.28
N GLU A 56 4.80 3.82 -9.11
CA GLU A 56 5.07 3.14 -7.85
C GLU A 56 3.86 3.17 -6.92
N CYS A 57 3.36 1.99 -6.57
CA CYS A 57 2.20 1.88 -5.69
C CYS A 57 2.42 0.75 -4.69
N HIS A 58 1.86 0.91 -3.49
CA HIS A 58 1.99 -0.11 -2.44
C HIS A 58 0.62 -0.55 -1.94
N ALA A 59 0.21 -1.75 -2.35
CA ALA A 59 -1.09 -2.29 -1.95
C ALA A 59 -0.99 -3.02 -0.61
N ARG A 60 -1.95 -2.73 0.27
CA ARG A 60 -2.00 -3.35 1.59
C ARG A 60 -2.94 -4.57 1.58
N PHE A 61 -2.44 -5.68 2.11
CA PHE A 61 -3.21 -6.92 2.17
C PHE A 61 -3.62 -7.23 3.61
N LYS A 62 -4.72 -7.97 3.76
CA LYS A 62 -5.20 -8.33 5.09
C LYS A 62 -4.44 -9.53 5.64
N THR A 63 -3.81 -10.29 4.75
CA THR A 63 -3.05 -11.46 5.14
C THR A 63 -1.73 -11.55 4.37
N PRO A 64 -0.72 -12.18 4.98
CA PRO A 64 0.60 -12.34 4.36
C PRO A 64 0.61 -13.41 3.28
N GLU A 65 -0.14 -14.48 3.50
CA GLU A 65 -0.21 -15.58 2.54
C GLU A 65 -0.77 -15.10 1.20
N ASP A 66 -1.77 -14.24 1.25
CA ASP A 66 -2.38 -13.71 0.04
C ASP A 66 -1.38 -12.93 -0.79
N ALA A 67 -0.52 -12.17 -0.13
CA ALA A 67 0.48 -11.37 -0.81
C ALA A 67 1.52 -12.27 -1.49
N GLN A 68 1.93 -13.33 -0.79
CA GLN A 68 2.90 -14.27 -1.32
C GLN A 68 2.38 -14.94 -2.59
N ALA A 69 1.11 -15.33 -2.56
CA ALA A 69 0.48 -16.00 -3.69
C ALA A 69 0.39 -15.09 -4.91
N VAL A 70 0.06 -13.82 -4.70
CA VAL A 70 -0.08 -12.87 -5.79
C VAL A 70 1.27 -12.56 -6.44
N ILE A 71 2.29 -12.37 -5.62
CA ILE A 71 3.63 -12.05 -6.13
C ILE A 71 4.19 -13.22 -6.94
N ASN A 72 3.85 -14.43 -6.53
CA ASN A 72 4.32 -15.63 -7.21
C ASN A 72 3.64 -15.75 -8.57
N ALA A 73 2.35 -15.43 -8.59
CA ALA A 73 1.54 -15.49 -9.81
C ALA A 73 1.83 -14.30 -10.72
N TYR A 74 2.25 -13.19 -10.11
CA TYR A 74 2.52 -11.96 -10.87
C TYR A 74 3.69 -12.12 -11.83
N THR A 75 4.52 -13.14 -11.60
CA THR A 75 5.66 -13.36 -12.48
C THR A 75 5.22 -13.34 -13.92
N GLU A 76 4.03 -13.89 -14.15
CA GLU A 76 3.45 -13.96 -15.50
C GLU A 76 3.15 -12.56 -16.03
N ILE A 77 2.92 -11.62 -15.13
CA ILE A 77 2.62 -10.25 -15.51
C ILE A 77 3.50 -9.80 -16.67
N ASN A 78 4.76 -10.20 -16.65
CA ASN A 78 5.71 -9.85 -17.70
C ASN A 78 5.21 -10.31 -19.07
N LYS A 79 4.43 -11.37 -19.07
CA LYS A 79 3.88 -11.92 -20.32
C LYS A 79 3.12 -10.83 -21.08
N LYS A 80 2.59 -9.88 -20.34
CA LYS A 80 1.84 -8.77 -20.94
C LYS A 80 2.61 -7.46 -20.81
N HIS A 81 3.12 -7.22 -19.60
CA HIS A 81 3.89 -6.01 -19.31
C HIS A 81 4.81 -6.23 -18.12
N CYS A 82 6.08 -5.89 -18.29
CA CYS A 82 7.06 -6.06 -17.21
C CYS A 82 6.59 -5.36 -15.93
N TRP A 83 6.43 -6.14 -14.87
CA TRP A 83 5.99 -5.59 -13.59
C TRP A 83 6.72 -6.24 -12.43
N LYS A 84 7.01 -5.43 -11.42
CA LYS A 84 7.71 -5.89 -10.24
C LYS A 84 6.78 -5.95 -9.03
N LEU A 85 6.81 -7.08 -8.33
CA LEU A 85 5.99 -7.26 -7.14
C LEU A 85 6.83 -7.73 -5.96
N GLU A 86 6.95 -6.89 -4.94
CA GLU A 86 7.73 -7.24 -3.76
C GLU A 86 6.98 -6.93 -2.47
N ILE A 87 7.10 -7.80 -1.48
CA ILE A 87 6.43 -7.63 -0.19
C ILE A 87 7.37 -7.01 0.83
N LEU A 88 7.00 -5.84 1.35
CA LEU A 88 7.81 -5.15 2.34
C LEU A 88 7.90 -5.96 3.63
N SER A 89 9.07 -5.92 4.27
CA SER A 89 9.30 -6.65 5.51
C SER A 89 10.28 -5.92 6.42
N GLY A 90 10.29 -6.32 7.69
CA GLY A 90 11.19 -5.70 8.65
C GLY A 90 11.07 -4.19 8.69
N ASP A 91 12.05 -3.54 9.31
CA ASP A 91 12.05 -2.09 9.42
C ASP A 91 11.55 -1.44 8.15
N HIS A 92 11.77 -2.11 7.02
CA HIS A 92 11.32 -1.58 5.74
C HIS A 92 9.80 -1.51 5.68
N GLU A 93 9.14 -2.58 6.10
CA GLU A 93 7.67 -2.63 6.11
C GLU A 93 7.11 -1.65 7.13
N GLN A 94 7.70 -1.66 8.33
CA GLN A 94 7.27 -0.77 9.39
C GLN A 94 7.49 0.69 9.00
N ARG A 95 8.61 0.93 8.33
CA ARG A 95 8.96 2.28 7.88
C ARG A 95 7.86 2.85 7.00
N TYR A 96 7.50 2.13 5.95
CA TYR A 96 6.45 2.57 5.04
C TYR A 96 5.18 2.87 5.83
N TRP A 97 4.87 2.00 6.78
CA TRP A 97 3.70 2.17 7.60
C TRP A 97 3.77 3.47 8.37
N GLN A 98 4.97 3.83 8.82
CA GLN A 98 5.16 5.08 9.53
C GLN A 98 4.65 6.23 8.67
N LYS A 99 4.91 6.13 7.37
CA LYS A 99 4.46 7.15 6.42
C LYS A 99 2.94 7.20 6.42
N ILE A 100 2.31 6.03 6.47
CA ILE A 100 0.86 5.93 6.47
C ILE A 100 0.28 6.55 7.73
N LEU A 101 0.54 5.93 8.88
CA LEU A 101 0.04 6.43 10.15
C LEU A 101 0.20 7.94 10.24
N VAL A 102 1.44 8.41 10.22
CA VAL A 102 1.73 9.83 10.31
C VAL A 102 0.96 10.61 9.24
N ASP A 103 0.85 10.03 8.05
CA ASP A 103 0.15 10.67 6.96
C ASP A 103 -1.33 10.83 7.29
N ARG A 104 -1.89 9.83 7.96
CA ARG A 104 -3.30 9.87 8.36
C ARG A 104 -3.55 11.02 9.30
N GLN A 105 -2.62 11.23 10.24
CA GLN A 105 -2.74 12.30 11.21
C GLN A 105 -2.73 13.67 10.54
N ALA A 106 -1.83 13.84 9.57
CA ALA A 106 -1.70 15.10 8.84
C ALA A 106 -2.97 15.44 8.07
N LYS A 107 -3.61 14.42 7.51
CA LYS A 107 -4.84 14.62 6.74
C LYS A 107 -5.90 15.32 7.58
N LEU A 108 -5.96 14.99 8.85
CA LEU A 108 -6.94 15.59 9.75
C LEU A 108 -6.82 17.11 9.76
N ASN A 109 -5.63 17.61 9.40
CA ASN A 109 -5.38 19.05 9.37
C ASN A 109 -4.88 19.49 8.00
N GLN A 110 -5.75 19.38 6.99
CA GLN A 110 -5.38 19.78 5.64
C GLN A 110 -4.52 21.03 5.66
N PRO A 111 -3.32 20.96 5.07
CA PRO A 111 -2.39 22.09 5.03
C PRO A 111 -2.71 23.06 3.89
N ARG A 112 -1.80 24.00 3.67
CA ARG A 112 -1.99 25.00 2.61
C ARG A 112 -1.83 24.35 1.23
N GLU A 113 -2.69 23.40 0.93
CA GLU A 113 -2.64 22.70 -0.35
C GLU A 113 -1.27 22.05 -0.56
N LYS A 114 -1.21 21.10 -1.49
CA LYS A 114 0.04 20.41 -1.80
C LYS A 114 1.02 21.35 -2.52
N LYS A 115 0.67 21.70 -3.75
CA LYS A 115 1.51 22.57 -4.55
C LYS A 115 0.67 23.35 -5.57
N ARG A 116 -0.62 23.49 -5.28
CA ARG A 116 -1.53 24.21 -6.17
C ARG A 116 -2.95 24.20 -5.62
N GLY A 117 -3.60 23.05 -5.69
CA GLY A 117 -4.96 22.93 -5.19
C GLY A 117 -5.96 22.71 -6.32
N THR A 118 -5.68 23.30 -7.47
CA THR A 118 -6.55 23.17 -8.64
C THR A 118 -5.74 23.05 -9.93
N GLU A 119 -5.62 21.82 -10.42
CA GLU A 119 -4.86 21.56 -11.65
C GLU A 119 -5.75 21.72 -12.88
N LYS A 120 -5.14 21.58 -14.05
CA LYS A 120 -5.87 21.70 -15.31
C LYS A 120 -6.02 20.34 -15.99
N LEU A 121 -7.26 19.99 -16.32
CA LEU A 121 -7.55 18.72 -16.98
C LEU A 121 -7.46 18.86 -18.50
N ILE A 122 -6.77 19.90 -18.95
CA ILE A 122 -6.62 20.15 -20.38
C ILE A 122 -7.97 20.31 -21.05
N THR A 123 -8.17 21.43 -21.73
CA THR A 123 -9.43 21.70 -22.42
C THR A 123 -9.37 23.00 -23.22
N LYS A 124 -8.53 23.02 -24.25
CA LYS A 124 -8.38 24.20 -25.09
C LYS A 124 -9.74 24.79 -25.45
N ALA A 125 -9.81 26.11 -25.51
CA ALA A 125 -11.04 26.80 -25.85
C ALA A 125 -11.21 26.91 -27.36
N MET A 1 -26.16 -20.37 5.28
CA MET A 1 -25.79 -19.05 4.68
C MET A 1 -24.44 -18.57 5.20
N HIS A 2 -23.62 -19.51 5.67
CA HIS A 2 -22.30 -19.19 6.19
C HIS A 2 -21.25 -20.14 5.63
N HIS A 3 -20.65 -19.76 4.50
CA HIS A 3 -19.65 -20.59 3.85
C HIS A 3 -18.25 -20.23 4.35
N HIS A 4 -18.18 -19.48 5.44
CA HIS A 4 -16.90 -19.08 6.01
C HIS A 4 -17.02 -18.84 7.52
N HIS A 5 -15.92 -19.07 8.22
CA HIS A 5 -15.89 -18.89 9.67
C HIS A 5 -15.31 -17.53 10.05
N HIS A 6 -15.20 -17.28 11.34
CA HIS A 6 -14.66 -16.01 11.84
C HIS A 6 -13.73 -16.25 13.02
N HIS A 7 -12.48 -15.79 12.91
CA HIS A 7 -11.50 -15.94 13.96
C HIS A 7 -11.41 -14.69 14.83
N SER A 8 -11.69 -14.85 16.12
CA SER A 8 -11.65 -13.73 17.05
C SER A 8 -10.83 -14.10 18.29
N ASN A 9 -10.02 -13.16 18.75
CA ASN A 9 -9.18 -13.37 19.93
C ASN A 9 -7.89 -14.09 19.54
N ALA A 10 -7.25 -13.58 18.49
CA ALA A 10 -6.00 -14.15 18.02
C ALA A 10 -4.80 -13.37 18.52
N THR A 11 -4.74 -12.09 18.15
CA THR A 11 -3.63 -11.23 18.57
C THR A 11 -2.29 -11.83 18.15
N GLY A 12 -1.23 -11.40 18.82
CA GLY A 12 0.10 -11.91 18.50
C GLY A 12 1.03 -10.84 17.98
N PRO A 13 0.84 -10.42 16.71
CA PRO A 13 1.68 -9.39 16.08
C PRO A 13 1.33 -7.99 16.57
N GLN A 14 1.97 -6.98 15.98
CA GLN A 14 1.72 -5.60 16.34
C GLN A 14 0.75 -4.95 15.37
N PHE A 15 0.94 -3.66 15.10
CA PHE A 15 0.08 -2.94 14.17
C PHE A 15 -0.02 -3.67 12.84
N VAL A 16 -1.18 -4.26 12.57
CA VAL A 16 -1.41 -4.97 11.33
C VAL A 16 -0.82 -4.19 10.15
N SER A 17 0.35 -4.62 9.69
CA SER A 17 1.03 -3.97 8.57
C SER A 17 0.34 -4.20 7.21
N GLY A 18 -0.93 -4.61 7.24
CA GLY A 18 -1.65 -4.85 6.00
C GLY A 18 -0.77 -5.34 4.87
N VAL A 19 0.29 -6.09 5.23
CA VAL A 19 1.21 -6.62 4.25
C VAL A 19 1.40 -5.65 3.09
N ILE A 20 2.33 -4.71 3.24
CA ILE A 20 2.59 -3.73 2.19
C ILE A 20 3.11 -4.40 0.94
N VAL A 21 2.46 -4.16 -0.19
CA VAL A 21 2.88 -4.73 -1.46
C VAL A 21 3.39 -3.65 -2.40
N LYS A 22 4.71 -3.53 -2.52
CA LYS A 22 5.30 -2.53 -3.39
C LYS A 22 5.28 -2.98 -4.85
N ILE A 23 4.58 -2.23 -5.69
CA ILE A 23 4.49 -2.53 -7.10
C ILE A 23 5.20 -1.47 -7.94
N ILE A 24 6.15 -1.90 -8.76
CA ILE A 24 6.88 -0.98 -9.62
C ILE A 24 6.91 -1.50 -11.04
N SER A 25 6.67 -0.62 -12.01
CA SER A 25 6.66 -1.02 -13.41
C SER A 25 7.86 -0.45 -14.16
N THR A 26 8.03 -0.89 -15.40
CA THR A 26 9.13 -0.44 -16.23
C THR A 26 8.61 0.39 -17.40
N GLU A 27 7.37 0.85 -17.27
CA GLU A 27 6.73 1.66 -18.31
C GLU A 27 5.21 1.55 -18.19
N PRO A 28 4.70 0.32 -18.01
CA PRO A 28 3.26 0.08 -17.88
C PRO A 28 2.65 0.85 -16.71
N LEU A 29 1.73 0.21 -15.99
CA LEU A 29 1.07 0.84 -14.86
C LEU A 29 0.02 1.83 -15.33
N PRO A 30 -1.09 1.32 -15.84
CA PRO A 30 -2.20 2.14 -16.36
C PRO A 30 -2.78 3.07 -15.31
N GLY A 31 -2.80 2.61 -14.05
CA GLY A 31 -3.34 3.41 -12.98
C GLY A 31 -3.76 2.57 -11.80
N ARG A 32 -4.19 3.23 -10.72
CA ARG A 32 -4.63 2.51 -9.53
C ARG A 32 -5.83 1.61 -9.83
N LYS A 33 -6.73 2.08 -10.67
CA LYS A 33 -7.92 1.32 -11.03
C LYS A 33 -7.56 0.01 -11.73
N GLN A 34 -6.65 0.10 -12.68
CA GLN A 34 -6.22 -1.08 -13.43
C GLN A 34 -5.26 -1.94 -12.60
N VAL A 35 -4.31 -1.28 -11.94
CA VAL A 35 -3.35 -1.99 -11.12
C VAL A 35 -4.06 -2.75 -9.99
N ARG A 36 -5.03 -2.08 -9.37
CA ARG A 36 -5.79 -2.70 -8.29
C ARG A 36 -6.58 -3.90 -8.82
N ASP A 37 -7.19 -3.72 -9.99
CA ASP A 37 -7.97 -4.78 -10.61
C ASP A 37 -7.08 -5.97 -10.97
N THR A 38 -5.85 -5.67 -11.37
CA THR A 38 -4.90 -6.72 -11.75
C THR A 38 -4.49 -7.56 -10.55
N LEU A 39 -3.92 -6.90 -9.54
CA LEU A 39 -3.50 -7.58 -8.32
C LEU A 39 -4.70 -8.17 -7.61
N ALA A 40 -5.80 -7.40 -7.58
CA ALA A 40 -7.02 -7.85 -6.94
C ALA A 40 -7.65 -8.99 -7.73
N ALA A 41 -7.35 -9.04 -9.02
CA ALA A 41 -7.89 -10.10 -9.88
C ALA A 41 -7.20 -11.41 -9.58
N ILE A 42 -5.93 -11.34 -9.18
CA ILE A 42 -5.17 -12.53 -8.85
C ILE A 42 -5.48 -12.98 -7.42
N SER A 43 -5.77 -12.01 -6.56
CA SER A 43 -6.09 -12.29 -5.16
C SER A 43 -6.69 -11.06 -4.49
N GLU A 44 -7.87 -11.24 -3.92
CA GLU A 44 -8.57 -10.14 -3.25
C GLU A 44 -7.63 -9.37 -2.32
N VAL A 45 -7.55 -8.06 -2.52
CA VAL A 45 -6.70 -7.21 -1.70
C VAL A 45 -7.54 -6.22 -0.90
N LEU A 46 -6.92 -5.61 0.11
CA LEU A 46 -7.60 -4.66 0.96
C LEU A 46 -7.75 -3.32 0.25
N TYR A 47 -6.63 -2.61 0.11
CA TYR A 47 -6.64 -1.30 -0.54
C TYR A 47 -5.35 -1.06 -1.31
N VAL A 48 -5.47 -0.41 -2.47
CA VAL A 48 -4.30 -0.11 -3.30
C VAL A 48 -3.91 1.37 -3.17
N ASP A 49 -2.72 1.62 -2.64
CA ASP A 49 -2.23 2.98 -2.46
C ASP A 49 -1.24 3.35 -3.56
N LEU A 50 -1.76 3.84 -4.68
CA LEU A 50 -0.92 4.23 -5.81
C LEU A 50 -0.55 5.71 -5.71
N LEU A 51 0.74 6.02 -5.86
CA LEU A 51 1.20 7.39 -5.79
C LEU A 51 0.73 8.18 -7.01
N GLU A 52 -0.45 8.79 -6.89
CA GLU A 52 -1.02 9.57 -7.98
C GLU A 52 0.06 10.30 -8.76
N GLY A 53 0.13 10.03 -10.06
CA GLY A 53 1.13 10.66 -10.90
C GLY A 53 2.50 10.05 -10.76
N ASP A 54 2.56 8.89 -10.11
CA ASP A 54 3.83 8.20 -9.91
C ASP A 54 3.80 6.81 -10.53
N THR A 55 4.99 6.25 -10.77
CA THR A 55 5.11 4.94 -11.38
C THR A 55 5.23 3.85 -10.32
N GLU A 56 4.94 4.20 -9.06
CA GLU A 56 5.03 3.24 -7.97
C GLU A 56 3.76 3.24 -7.12
N CYS A 57 3.21 2.04 -6.92
CA CYS A 57 1.99 1.89 -6.12
C CYS A 57 2.22 0.84 -5.03
N HIS A 58 1.65 1.06 -3.86
CA HIS A 58 1.79 0.11 -2.76
C HIS A 58 0.43 -0.33 -2.23
N ALA A 59 0.01 -1.53 -2.62
CA ALA A 59 -1.29 -2.07 -2.20
C ALA A 59 -1.17 -2.84 -0.90
N ARG A 60 -2.02 -2.49 0.07
CA ARG A 60 -2.05 -3.15 1.35
C ARG A 60 -2.91 -4.40 1.30
N PHE A 61 -2.36 -5.51 1.78
CA PHE A 61 -3.09 -6.77 1.80
C PHE A 61 -3.59 -7.07 3.20
N LYS A 62 -4.75 -7.71 3.29
CA LYS A 62 -5.34 -8.04 4.58
C LYS A 62 -4.68 -9.27 5.20
N THR A 63 -3.97 -10.04 4.38
CA THR A 63 -3.30 -11.24 4.87
C THR A 63 -1.91 -11.39 4.24
N PRO A 64 -0.99 -12.05 4.97
CA PRO A 64 0.38 -12.28 4.49
C PRO A 64 0.46 -13.35 3.41
N GLU A 65 -0.34 -14.40 3.57
CA GLU A 65 -0.35 -15.49 2.61
C GLU A 65 -0.79 -15.00 1.23
N ASP A 66 -1.73 -14.07 1.22
CA ASP A 66 -2.23 -13.52 -0.03
C ASP A 66 -1.14 -12.80 -0.82
N ALA A 67 -0.25 -12.11 -0.10
CA ALA A 67 0.84 -11.39 -0.74
C ALA A 67 1.83 -12.35 -1.40
N GLN A 68 2.17 -13.41 -0.70
CA GLN A 68 3.11 -14.40 -1.22
C GLN A 68 2.56 -15.08 -2.47
N ALA A 69 1.29 -15.43 -2.44
CA ALA A 69 0.65 -16.10 -3.58
C ALA A 69 0.59 -15.20 -4.81
N VAL A 70 0.28 -13.92 -4.61
CA VAL A 70 0.16 -12.98 -5.72
C VAL A 70 1.51 -12.69 -6.38
N ILE A 71 2.55 -12.51 -5.58
CA ILE A 71 3.88 -12.22 -6.12
C ILE A 71 4.44 -13.38 -6.93
N ASN A 72 4.07 -14.59 -6.53
CA ASN A 72 4.51 -15.79 -7.23
C ASN A 72 3.82 -15.87 -8.58
N ALA A 73 2.54 -15.52 -8.59
CA ALA A 73 1.73 -15.54 -9.80
C ALA A 73 2.02 -14.35 -10.70
N TYR A 74 2.48 -13.26 -10.10
CA TYR A 74 2.77 -12.04 -10.84
C TYR A 74 3.89 -12.23 -11.87
N THR A 75 4.74 -13.21 -11.66
CA THR A 75 5.83 -13.46 -12.59
C THR A 75 5.29 -13.50 -14.02
N GLU A 76 4.10 -14.08 -14.15
CA GLU A 76 3.46 -14.20 -15.46
C GLU A 76 3.08 -12.84 -16.02
N ILE A 77 2.87 -11.89 -15.13
CA ILE A 77 2.49 -10.53 -15.52
C ILE A 77 3.37 -10.01 -16.66
N ASN A 78 4.65 -10.33 -16.60
CA ASN A 78 5.60 -9.89 -17.63
C ASN A 78 5.18 -10.38 -19.02
N LYS A 79 4.38 -11.44 -19.06
CA LYS A 79 3.93 -12.00 -20.33
C LYS A 79 3.46 -10.90 -21.28
N LYS A 80 3.06 -9.77 -20.71
CA LYS A 80 2.60 -8.63 -21.50
C LYS A 80 3.30 -7.35 -21.06
N HIS A 81 3.23 -7.07 -19.76
CA HIS A 81 3.85 -5.87 -19.21
C HIS A 81 4.77 -6.24 -18.03
N CYS A 82 6.07 -6.11 -18.24
CA CYS A 82 7.04 -6.41 -17.18
C CYS A 82 6.68 -5.68 -15.90
N TRP A 83 6.27 -6.43 -14.88
CA TRP A 83 5.89 -5.83 -13.61
C TRP A 83 6.68 -6.41 -12.44
N LYS A 84 6.95 -5.54 -11.47
CA LYS A 84 7.71 -5.92 -10.29
C LYS A 84 6.83 -5.97 -9.04
N LEU A 85 7.01 -7.01 -8.25
CA LEU A 85 6.23 -7.17 -7.01
C LEU A 85 7.16 -7.54 -5.84
N GLU A 86 7.09 -6.74 -4.78
CA GLU A 86 7.93 -6.99 -3.60
C GLU A 86 7.16 -6.75 -2.31
N ILE A 87 7.27 -7.68 -1.37
CA ILE A 87 6.60 -7.58 -0.09
C ILE A 87 7.52 -6.96 0.96
N LEU A 88 7.13 -5.80 1.48
CA LEU A 88 7.93 -5.10 2.49
C LEU A 88 8.05 -5.93 3.75
N SER A 89 9.24 -5.89 4.37
CA SER A 89 9.50 -6.65 5.58
C SER A 89 10.48 -5.91 6.49
N GLY A 90 10.53 -6.32 7.75
CA GLY A 90 11.43 -5.70 8.70
C GLY A 90 11.27 -4.20 8.78
N ASP A 91 12.34 -3.53 9.19
CA ASP A 91 12.33 -2.07 9.31
C ASP A 91 11.75 -1.41 8.07
N HIS A 92 11.92 -2.05 6.92
CA HIS A 92 11.41 -1.50 5.67
C HIS A 92 9.88 -1.44 5.68
N GLU A 93 9.25 -2.54 6.11
CA GLU A 93 7.80 -2.58 6.19
C GLU A 93 7.28 -1.64 7.27
N GLN A 94 7.94 -1.67 8.42
CA GLN A 94 7.57 -0.83 9.55
C GLN A 94 7.75 0.65 9.21
N ARG A 95 8.83 0.95 8.49
CA ARG A 95 9.14 2.32 8.10
C ARG A 95 8.04 2.89 7.20
N TYR A 96 7.73 2.17 6.12
CA TYR A 96 6.70 2.61 5.20
C TYR A 96 5.40 2.88 5.94
N TRP A 97 5.05 1.99 6.86
CA TRP A 97 3.83 2.14 7.64
C TRP A 97 3.90 3.42 8.47
N GLN A 98 5.05 3.67 9.06
CA GLN A 98 5.24 4.87 9.87
C GLN A 98 4.77 6.09 9.08
N LYS A 99 5.16 6.13 7.80
CA LYS A 99 4.77 7.21 6.93
C LYS A 99 3.24 7.22 6.76
N ILE A 100 2.66 6.02 6.69
CA ILE A 100 1.22 5.88 6.54
C ILE A 100 0.51 6.46 7.76
N LEU A 101 0.67 5.78 8.90
CA LEU A 101 0.04 6.23 10.14
C LEU A 101 0.10 7.74 10.26
N VAL A 102 1.32 8.29 10.25
CA VAL A 102 1.51 9.72 10.35
C VAL A 102 0.64 10.46 9.34
N ASP A 103 0.52 9.89 8.15
CA ASP A 103 -0.30 10.50 7.11
C ASP A 103 -1.76 10.55 7.54
N ARG A 104 -2.20 9.48 8.20
CA ARG A 104 -3.57 9.42 8.69
C ARG A 104 -3.83 10.53 9.71
N GLN A 105 -2.85 10.74 10.58
CA GLN A 105 -2.95 11.78 11.60
C GLN A 105 -3.06 13.16 10.95
N ALA A 106 -2.26 13.38 9.92
CA ALA A 106 -2.27 14.65 9.21
C ALA A 106 -3.63 14.89 8.56
N LYS A 107 -4.28 13.80 8.16
CA LYS A 107 -5.59 13.88 7.53
C LYS A 107 -6.63 14.46 8.49
N LEU A 108 -6.25 14.59 9.76
CA LEU A 108 -7.15 15.13 10.78
C LEU A 108 -8.00 16.25 10.21
N ASN A 109 -7.41 17.02 9.29
CA ASN A 109 -8.11 18.13 8.66
C ASN A 109 -8.45 17.81 7.21
N GLN A 110 -9.29 16.79 7.01
CA GLN A 110 -9.70 16.37 5.68
C GLN A 110 -9.80 17.56 4.73
N PRO A 111 -8.71 17.85 4.00
CA PRO A 111 -8.66 18.96 3.06
C PRO A 111 -9.85 18.96 2.10
N ARG A 112 -10.85 19.78 2.39
CA ARG A 112 -12.04 19.89 1.55
C ARG A 112 -11.76 20.77 0.34
N GLU A 113 -11.70 20.15 -0.83
CA GLU A 113 -11.45 20.88 -2.07
C GLU A 113 -12.43 22.04 -2.23
N LYS A 114 -11.97 23.24 -1.85
CA LYS A 114 -12.80 24.44 -1.95
C LYS A 114 -11.94 25.69 -1.89
N LYS A 115 -10.91 25.75 -2.73
CA LYS A 115 -10.01 26.89 -2.76
C LYS A 115 -9.05 26.86 -1.59
N ARG A 116 -7.87 26.30 -1.82
CA ARG A 116 -6.85 26.21 -0.77
C ARG A 116 -5.58 26.94 -1.18
N GLY A 117 -5.19 26.78 -2.44
CA GLY A 117 -3.99 27.43 -2.94
C GLY A 117 -4.02 28.93 -2.75
N THR A 118 -4.04 29.66 -3.86
CA THR A 118 -4.06 31.12 -3.81
C THR A 118 -3.07 31.65 -2.77
N GLU A 119 -1.82 31.21 -2.88
CA GLU A 119 -0.79 31.64 -1.95
C GLU A 119 0.54 30.95 -2.27
N LYS A 120 1.57 31.75 -2.53
CA LYS A 120 2.88 31.22 -2.84
C LYS A 120 3.83 31.39 -1.67
N LEU A 121 4.10 30.29 -0.97
CA LEU A 121 4.99 30.30 0.18
C LEU A 121 6.36 29.74 -0.19
N ILE A 122 7.42 30.34 0.35
CA ILE A 122 8.77 29.88 0.08
C ILE A 122 8.90 28.38 0.28
N THR A 123 9.88 27.77 -0.39
CA THR A 123 10.10 26.34 -0.29
C THR A 123 8.93 25.56 -0.90
N LYS A 124 9.23 24.77 -1.92
CA LYS A 124 8.21 23.97 -2.59
C LYS A 124 7.33 23.23 -1.58
N ALA A 125 6.28 23.90 -1.12
CA ALA A 125 5.37 23.31 -0.15
C ALA A 125 4.06 22.89 -0.81
#